data_5EGJ
# 
_entry.id   5EGJ 
# 
_audit_conform.dict_name       mmcif_pdbx.dic 
_audit_conform.dict_version    5.379 
_audit_conform.dict_location   http://mmcif.pdb.org/dictionaries/ascii/mmcif_pdbx.dic 
# 
loop_
_database_2.database_id 
_database_2.database_code 
_database_2.pdbx_database_accession 
_database_2.pdbx_DOI 
PDB   5EGJ         pdb_00005egj 10.2210/pdb5egj/pdb 
WWPDB D_1000214875 ?            ?                   
# 
loop_
_pdbx_database_related.content_type 
_pdbx_database_related.db_id 
_pdbx_database_related.db_name 
_pdbx_database_related.details 
unspecified 5EGK PDB . 
unspecified 5EGL PDB . 
unspecified 4NCP PDB . 
# 
_pdbx_database_status.status_code                     REL 
_pdbx_database_status.status_code_sf                  REL 
_pdbx_database_status.status_code_mr                  ? 
_pdbx_database_status.entry_id                        5EGJ 
_pdbx_database_status.recvd_initial_deposition_date   2015-10-27 
_pdbx_database_status.SG_entry                        N 
_pdbx_database_status.deposit_site                    RCSB 
_pdbx_database_status.process_site                    RCSB 
_pdbx_database_status.status_code_cs                  ? 
_pdbx_database_status.methods_development_category    ? 
_pdbx_database_status.pdb_format_compatible           Y 
_pdbx_database_status.status_code_nmr_data            ? 
# 
loop_
_audit_author.name 
_audit_author.pdbx_ordinal 
'Khandokar, Y.B.'  1 
'Srivastava, P.S.' 2 
'Forwood, J.K.'    3 
# 
_citation.abstract                  ? 
_citation.abstract_id_CAS           ? 
_citation.book_id_ISBN              ? 
_citation.book_publisher            ? 
_citation.book_publisher_city       ? 
_citation.book_title                ? 
_citation.coordinate_linkage        ? 
_citation.country                   ? 
_citation.database_id_Medline       ? 
_citation.details                   ? 
_citation.id                        primary 
_citation.journal_abbrev            'To Be Published' 
_citation.journal_id_ASTM           ? 
_citation.journal_id_CSD            0353 
_citation.journal_id_ISSN           ? 
_citation.journal_full              ? 
_citation.journal_issue             ? 
_citation.journal_volume            ? 
_citation.language                  ? 
_citation.page_first                ? 
_citation.page_last                 ? 
_citation.title                     
'The structural and biochemical characterization of acyl-coa hydrolase from Staphylococcus aureus' 
_citation.year                      ? 
_citation.database_id_CSD           ? 
_citation.pdbx_database_id_DOI      ? 
_citation.pdbx_database_id_PubMed   ? 
_citation.unpublished_flag          ? 
# 
loop_
_citation_author.citation_id 
_citation_author.name 
_citation_author.ordinal 
_citation_author.identifier_ORCID 
primary 'Khandokar, Y.B.'  1 ? 
primary 'Srivastava, P.S.' 2 ? 
primary 'Forwood, J.K.'    3 ? 
# 
_cell.angle_alpha                  90.00 
_cell.angle_alpha_esd              ? 
_cell.angle_beta                   90.00 
_cell.angle_beta_esd               ? 
_cell.angle_gamma                  120.00 
_cell.angle_gamma_esd              ? 
_cell.entry_id                     5EGJ 
_cell.details                      ? 
_cell.formula_units_Z              ? 
_cell.length_a                     127.730 
_cell.length_a_esd                 ? 
_cell.length_b                     127.730 
_cell.length_b_esd                 ? 
_cell.length_c                     55.722 
_cell.length_c_esd                 ? 
_cell.volume                       ? 
_cell.volume_esd                   ? 
_cell.Z_PDB                        12 
_cell.reciprocal_angle_alpha       ? 
_cell.reciprocal_angle_beta        ? 
_cell.reciprocal_angle_gamma       ? 
_cell.reciprocal_angle_alpha_esd   ? 
_cell.reciprocal_angle_beta_esd    ? 
_cell.reciprocal_angle_gamma_esd   ? 
_cell.reciprocal_length_a          ? 
_cell.reciprocal_length_b          ? 
_cell.reciprocal_length_c          ? 
_cell.reciprocal_length_a_esd      ? 
_cell.reciprocal_length_b_esd      ? 
_cell.reciprocal_length_c_esd      ? 
_cell.pdbx_unique_axis             ? 
# 
_symmetry.entry_id                         5EGJ 
_symmetry.cell_setting                     ? 
_symmetry.Int_Tables_number                182 
_symmetry.space_group_name_Hall            ? 
_symmetry.space_group_name_H-M             'P 63 2 2' 
_symmetry.pdbx_full_space_group_name_H-M   ? 
# 
loop_
_entity.id 
_entity.type 
_entity.src_method 
_entity.pdbx_description 
_entity.formula_weight 
_entity.pdbx_number_of_molecules 
_entity.pdbx_ec 
_entity.pdbx_mutation 
_entity.pdbx_fragment 
_entity.details 
1 polymer     man 'Acyl CoA Hydrolase' 20221.857 1 ? ? ? ? 
2 non-polymer syn 'COENZYME A'         767.534   1 ? ? ? ? 
3 water       nat water                18.015    7 ? ? ? ? 
# 
_entity_poly.entity_id                      1 
_entity_poly.type                           'polypeptide(L)' 
_entity_poly.nstd_linkage                   no 
_entity_poly.nstd_monomer                   no 
_entity_poly.pdbx_seq_one_letter_code       
;SNAMTNQDRPMKSMSESKCYKNRQVFPQDTAHHHTMFGGTLMANIDEIAAITAMKHAGAQVVTASTDSVDFLKPIKTGDI
LQYVAMVSYAGTSSMEVVVQIRIDDVFNNKHDLAALSYLTFVALDDEGKPKHVPGVYPEDDVEKWFYDTAPQRVERRKAR
RIESKQTIEYLAQAQHIRD
;
_entity_poly.pdbx_seq_one_letter_code_can   
;SNAMTNQDRPMKSMSESKCYKNRQVFPQDTAHHHTMFGGTLMANIDEIAAITAMKHAGAQVVTASTDSVDFLKPIKTGDI
LQYVAMVSYAGTSSMEVVVQIRIDDVFNNKHDLAALSYLTFVALDDEGKPKHVPGVYPEDDVEKWFYDTAPQRVERRKAR
RIESKQTIEYLAQAQHIRD
;
_entity_poly.pdbx_strand_id                 A 
_entity_poly.pdbx_target_identifier         ? 
# 
loop_
_entity_poly_seq.entity_id 
_entity_poly_seq.num 
_entity_poly_seq.mon_id 
_entity_poly_seq.hetero 
1 1   SER n 
1 2   ASN n 
1 3   ALA n 
1 4   MET n 
1 5   THR n 
1 6   ASN n 
1 7   GLN n 
1 8   ASP n 
1 9   ARG n 
1 10  PRO n 
1 11  MET n 
1 12  LYS n 
1 13  SER n 
1 14  MET n 
1 15  SER n 
1 16  GLU n 
1 17  SER n 
1 18  LYS n 
1 19  CYS n 
1 20  TYR n 
1 21  LYS n 
1 22  ASN n 
1 23  ARG n 
1 24  GLN n 
1 25  VAL n 
1 26  PHE n 
1 27  PRO n 
1 28  GLN n 
1 29  ASP n 
1 30  THR n 
1 31  ALA n 
1 32  HIS n 
1 33  HIS n 
1 34  HIS n 
1 35  THR n 
1 36  MET n 
1 37  PHE n 
1 38  GLY n 
1 39  GLY n 
1 40  THR n 
1 41  LEU n 
1 42  MET n 
1 43  ALA n 
1 44  ASN n 
1 45  ILE n 
1 46  ASP n 
1 47  GLU n 
1 48  ILE n 
1 49  ALA n 
1 50  ALA n 
1 51  ILE n 
1 52  THR n 
1 53  ALA n 
1 54  MET n 
1 55  LYS n 
1 56  HIS n 
1 57  ALA n 
1 58  GLY n 
1 59  ALA n 
1 60  GLN n 
1 61  VAL n 
1 62  VAL n 
1 63  THR n 
1 64  ALA n 
1 65  SER n 
1 66  THR n 
1 67  ASP n 
1 68  SER n 
1 69  VAL n 
1 70  ASP n 
1 71  PHE n 
1 72  LEU n 
1 73  LYS n 
1 74  PRO n 
1 75  ILE n 
1 76  LYS n 
1 77  THR n 
1 78  GLY n 
1 79  ASP n 
1 80  ILE n 
1 81  LEU n 
1 82  GLN n 
1 83  TYR n 
1 84  VAL n 
1 85  ALA n 
1 86  MET n 
1 87  VAL n 
1 88  SER n 
1 89  TYR n 
1 90  ALA n 
1 91  GLY n 
1 92  THR n 
1 93  SER n 
1 94  SER n 
1 95  MET n 
1 96  GLU n 
1 97  VAL n 
1 98  VAL n 
1 99  VAL n 
1 100 GLN n 
1 101 ILE n 
1 102 ARG n 
1 103 ILE n 
1 104 ASP n 
1 105 ASP n 
1 106 VAL n 
1 107 PHE n 
1 108 ASN n 
1 109 ASN n 
1 110 LYS n 
1 111 HIS n 
1 112 ASP n 
1 113 LEU n 
1 114 ALA n 
1 115 ALA n 
1 116 LEU n 
1 117 SER n 
1 118 TYR n 
1 119 LEU n 
1 120 THR n 
1 121 PHE n 
1 122 VAL n 
1 123 ALA n 
1 124 LEU n 
1 125 ASP n 
1 126 ASP n 
1 127 GLU n 
1 128 GLY n 
1 129 LYS n 
1 130 PRO n 
1 131 LYS n 
1 132 HIS n 
1 133 VAL n 
1 134 PRO n 
1 135 GLY n 
1 136 VAL n 
1 137 TYR n 
1 138 PRO n 
1 139 GLU n 
1 140 ASP n 
1 141 ASP n 
1 142 VAL n 
1 143 GLU n 
1 144 LYS n 
1 145 TRP n 
1 146 PHE n 
1 147 TYR n 
1 148 ASP n 
1 149 THR n 
1 150 ALA n 
1 151 PRO n 
1 152 GLN n 
1 153 ARG n 
1 154 VAL n 
1 155 GLU n 
1 156 ARG n 
1 157 ARG n 
1 158 LYS n 
1 159 ALA n 
1 160 ARG n 
1 161 ARG n 
1 162 ILE n 
1 163 GLU n 
1 164 SER n 
1 165 LYS n 
1 166 GLN n 
1 167 THR n 
1 168 ILE n 
1 169 GLU n 
1 170 TYR n 
1 171 LEU n 
1 172 ALA n 
1 173 GLN n 
1 174 ALA n 
1 175 GLN n 
1 176 HIS n 
1 177 ILE n 
1 178 ARG n 
1 179 ASP n 
# 
_entity_src_gen.entity_id                          1 
_entity_src_gen.pdbx_src_id                        1 
_entity_src_gen.pdbx_alt_source_flag               sample 
_entity_src_gen.pdbx_seq_type                      'Biological sequence' 
_entity_src_gen.pdbx_beg_seq_num                   1 
_entity_src_gen.pdbx_end_seq_num                   179 
_entity_src_gen.gene_src_common_name               ? 
_entity_src_gen.gene_src_genus                     ? 
_entity_src_gen.pdbx_gene_src_gene                 SAV1878 
_entity_src_gen.gene_src_species                   ? 
_entity_src_gen.gene_src_strain                    'Mu50 / ATCC 700699' 
_entity_src_gen.gene_src_tissue                    ? 
_entity_src_gen.gene_src_tissue_fraction           ? 
_entity_src_gen.gene_src_details                   ? 
_entity_src_gen.pdbx_gene_src_fragment             ? 
_entity_src_gen.pdbx_gene_src_scientific_name      'Staphylococcus aureus (strain Mu50 / ATCC 700699)' 
_entity_src_gen.pdbx_gene_src_ncbi_taxonomy_id     158878 
_entity_src_gen.pdbx_gene_src_variant              ? 
_entity_src_gen.pdbx_gene_src_cell_line            ? 
_entity_src_gen.pdbx_gene_src_atcc                 ? 
_entity_src_gen.pdbx_gene_src_organ                ? 
_entity_src_gen.pdbx_gene_src_organelle            ? 
_entity_src_gen.pdbx_gene_src_cell                 ? 
_entity_src_gen.pdbx_gene_src_cellular_location    ? 
_entity_src_gen.host_org_common_name               ? 
_entity_src_gen.pdbx_host_org_scientific_name      'Escherichia coli' 
_entity_src_gen.pdbx_host_org_ncbi_taxonomy_id     469008 
_entity_src_gen.host_org_genus                     ? 
_entity_src_gen.pdbx_host_org_gene                 ? 
_entity_src_gen.pdbx_host_org_organ                ? 
_entity_src_gen.host_org_species                   ? 
_entity_src_gen.pdbx_host_org_tissue               ? 
_entity_src_gen.pdbx_host_org_tissue_fraction      ? 
_entity_src_gen.pdbx_host_org_strain               'BL21 (DE3)pLysS' 
_entity_src_gen.pdbx_host_org_variant              ? 
_entity_src_gen.pdbx_host_org_cell_line            ? 
_entity_src_gen.pdbx_host_org_atcc                 ? 
_entity_src_gen.pdbx_host_org_culture_collection   ? 
_entity_src_gen.pdbx_host_org_cell                 ? 
_entity_src_gen.pdbx_host_org_organelle            ? 
_entity_src_gen.pdbx_host_org_cellular_location    ? 
_entity_src_gen.pdbx_host_org_vector_type          Plasmid 
_entity_src_gen.pdbx_host_org_vector               ? 
_entity_src_gen.host_org_details                   ? 
_entity_src_gen.expression_system_id               ? 
_entity_src_gen.plasmid_name                       pMCSG21 
_entity_src_gen.plasmid_details                    ? 
_entity_src_gen.pdbx_description                   ? 
# 
_struct_ref.id                         1 
_struct_ref.db_name                    UNP 
_struct_ref.db_code                    A0A0H3K033_STAAM 
_struct_ref.pdbx_db_accession          A0A0H3K033 
_struct_ref.pdbx_db_isoform            ? 
_struct_ref.entity_id                  1 
_struct_ref.pdbx_seq_one_letter_code   
;MTNQDRPMKSMSESKCYKNRQVFPQDTNHHHTMFGGTLMANIDEIAAITAMKHAGAQVVTASTDSVDFLKPIKTGDILQY
VAMVSYAGTSSMEVVVQIRIDDVFNNKHDLAALSYLTFVALDDEGKPKHVPGVYPEDDVEKWFYDTAPQRVERRKARRIE
SKQTIEYLAQAQHIRD
;
_struct_ref.pdbx_align_begin           1 
# 
_struct_ref_seq.align_id                      1 
_struct_ref_seq.ref_id                        1 
_struct_ref_seq.pdbx_PDB_id_code              5EGJ 
_struct_ref_seq.pdbx_strand_id                A 
_struct_ref_seq.seq_align_beg                 4 
_struct_ref_seq.pdbx_seq_align_beg_ins_code   ? 
_struct_ref_seq.seq_align_end                 179 
_struct_ref_seq.pdbx_seq_align_end_ins_code   ? 
_struct_ref_seq.pdbx_db_accession             A0A0H3K033 
_struct_ref_seq.db_align_beg                  1 
_struct_ref_seq.pdbx_db_align_beg_ins_code    ? 
_struct_ref_seq.db_align_end                  176 
_struct_ref_seq.pdbx_db_align_end_ins_code    ? 
_struct_ref_seq.pdbx_auth_seq_align_beg       1 
_struct_ref_seq.pdbx_auth_seq_align_end       176 
# 
loop_
_struct_ref_seq_dif.align_id 
_struct_ref_seq_dif.pdbx_pdb_id_code 
_struct_ref_seq_dif.mon_id 
_struct_ref_seq_dif.pdbx_pdb_strand_id 
_struct_ref_seq_dif.seq_num 
_struct_ref_seq_dif.pdbx_pdb_ins_code 
_struct_ref_seq_dif.pdbx_seq_db_name 
_struct_ref_seq_dif.pdbx_seq_db_accession_code 
_struct_ref_seq_dif.db_mon_id 
_struct_ref_seq_dif.pdbx_seq_db_seq_num 
_struct_ref_seq_dif.details 
_struct_ref_seq_dif.pdbx_auth_seq_num 
_struct_ref_seq_dif.pdbx_ordinal 
1 5EGJ SER A 1  ? UNP A0A0H3K033 ?   ?  'expression tag'      -2 1 
1 5EGJ ASN A 2  ? UNP A0A0H3K033 ?   ?  'expression tag'      -1 2 
1 5EGJ ALA A 3  ? UNP A0A0H3K033 ?   ?  'expression tag'      0  3 
1 5EGJ ALA A 31 ? UNP A0A0H3K033 ASN 28 'engineered mutation' 28 4 
# 
loop_
_chem_comp.id 
_chem_comp.type 
_chem_comp.mon_nstd_flag 
_chem_comp.name 
_chem_comp.pdbx_synonyms 
_chem_comp.formula 
_chem_comp.formula_weight 
ALA 'L-peptide linking' y ALANINE         ? 'C3 H7 N O2'          89.093  
ARG 'L-peptide linking' y ARGININE        ? 'C6 H15 N4 O2 1'      175.209 
ASN 'L-peptide linking' y ASPARAGINE      ? 'C4 H8 N2 O3'         132.118 
ASP 'L-peptide linking' y 'ASPARTIC ACID' ? 'C4 H7 N O4'          133.103 
COA non-polymer         . 'COENZYME A'    ? 'C21 H36 N7 O16 P3 S' 767.534 
CYS 'L-peptide linking' y CYSTEINE        ? 'C3 H7 N O2 S'        121.158 
GLN 'L-peptide linking' y GLUTAMINE       ? 'C5 H10 N2 O3'        146.144 
GLU 'L-peptide linking' y 'GLUTAMIC ACID' ? 'C5 H9 N O4'          147.129 
GLY 'peptide linking'   y GLYCINE         ? 'C2 H5 N O2'          75.067  
HIS 'L-peptide linking' y HISTIDINE       ? 'C6 H10 N3 O2 1'      156.162 
HOH non-polymer         . WATER           ? 'H2 O'                18.015  
ILE 'L-peptide linking' y ISOLEUCINE      ? 'C6 H13 N O2'         131.173 
LEU 'L-peptide linking' y LEUCINE         ? 'C6 H13 N O2'         131.173 
LYS 'L-peptide linking' y LYSINE          ? 'C6 H15 N2 O2 1'      147.195 
MET 'L-peptide linking' y METHIONINE      ? 'C5 H11 N O2 S'       149.211 
PHE 'L-peptide linking' y PHENYLALANINE   ? 'C9 H11 N O2'         165.189 
PRO 'L-peptide linking' y PROLINE         ? 'C5 H9 N O2'          115.130 
SER 'L-peptide linking' y SERINE          ? 'C3 H7 N O3'          105.093 
THR 'L-peptide linking' y THREONINE       ? 'C4 H9 N O3'          119.119 
TRP 'L-peptide linking' y TRYPTOPHAN      ? 'C11 H12 N2 O2'       204.225 
TYR 'L-peptide linking' y TYROSINE        ? 'C9 H11 N O3'         181.189 
VAL 'L-peptide linking' y VALINE          ? 'C5 H11 N O2'         117.146 
# 
_exptl.absorpt_coefficient_mu     ? 
_exptl.absorpt_correction_T_max   ? 
_exptl.absorpt_correction_T_min   ? 
_exptl.absorpt_correction_type    ? 
_exptl.absorpt_process_details    ? 
_exptl.entry_id                   5EGJ 
_exptl.crystals_number            ? 
_exptl.details                    ? 
_exptl.method                     'X-RAY DIFFRACTION' 
_exptl.method_details             ? 
# 
_exptl_crystal.colour                      ? 
_exptl_crystal.density_diffrn              ? 
_exptl_crystal.density_Matthews            3.29 
_exptl_crystal.density_method              ? 
_exptl_crystal.density_percent_sol         62 
_exptl_crystal.description                 ? 
_exptl_crystal.F_000                       ? 
_exptl_crystal.id                          1 
_exptl_crystal.preparation                 ? 
_exptl_crystal.size_max                    ? 
_exptl_crystal.size_mid                    ? 
_exptl_crystal.size_min                    ? 
_exptl_crystal.size_rad                    ? 
_exptl_crystal.colour_lustre               ? 
_exptl_crystal.colour_modifier             ? 
_exptl_crystal.colour_primary              ? 
_exptl_crystal.density_meas                ? 
_exptl_crystal.density_meas_esd            ? 
_exptl_crystal.density_meas_gt             ? 
_exptl_crystal.density_meas_lt             ? 
_exptl_crystal.density_meas_temp           ? 
_exptl_crystal.density_meas_temp_esd       ? 
_exptl_crystal.density_meas_temp_gt        ? 
_exptl_crystal.density_meas_temp_lt        ? 
_exptl_crystal.pdbx_crystal_image_url      ? 
_exptl_crystal.pdbx_crystal_image_format   ? 
_exptl_crystal.pdbx_mosaicity              ? 
_exptl_crystal.pdbx_mosaicity_esd          ? 
# 
_exptl_crystal_grow.apparatus       ? 
_exptl_crystal_grow.atmosphere      ? 
_exptl_crystal_grow.crystal_id      1 
_exptl_crystal_grow.details         ? 
_exptl_crystal_grow.method          'VAPOR DIFFUSION, HANGING DROP' 
_exptl_crystal_grow.method_ref      ? 
_exptl_crystal_grow.pH              7.5 
_exptl_crystal_grow.pressure        ? 
_exptl_crystal_grow.pressure_esd    ? 
_exptl_crystal_grow.seeding         ? 
_exptl_crystal_grow.seeding_ref     ? 
_exptl_crystal_grow.temp            296 
_exptl_crystal_grow.temp_details    ? 
_exptl_crystal_grow.temp_esd        ? 
_exptl_crystal_grow.time            ? 
_exptl_crystal_grow.pdbx_details    '0.1M Sodium HEPES pH7.5, 0.8 M Sodium phosphate monobasic' 
_exptl_crystal_grow.pdbx_pH_range   ? 
# 
_diffrn.ambient_environment    ? 
_diffrn.ambient_temp           100 
_diffrn.ambient_temp_details   ? 
_diffrn.ambient_temp_esd       ? 
_diffrn.crystal_id             1 
_diffrn.crystal_support        ? 
_diffrn.crystal_treatment      ? 
_diffrn.details                ? 
_diffrn.id                     1 
_diffrn.ambient_pressure       ? 
_diffrn.ambient_pressure_esd   ? 
_diffrn.ambient_pressure_gt    ? 
_diffrn.ambient_pressure_lt    ? 
_diffrn.ambient_temp_gt        ? 
_diffrn.ambient_temp_lt        ? 
# 
_diffrn_detector.details                      ? 
_diffrn_detector.detector                     CCD 
_diffrn_detector.diffrn_id                    1 
_diffrn_detector.type                         'ADSC QUANTUM 315r' 
_diffrn_detector.area_resol_mean              ? 
_diffrn_detector.dtime                        ? 
_diffrn_detector.pdbx_frames_total            ? 
_diffrn_detector.pdbx_collection_time_total   ? 
_diffrn_detector.pdbx_collection_date         2015-03-31 
# 
_diffrn_radiation.collimation                      ? 
_diffrn_radiation.diffrn_id                        1 
_diffrn_radiation.filter_edge                      ? 
_diffrn_radiation.inhomogeneity                    ? 
_diffrn_radiation.monochromator                    'SILICON DOUBLE CRYSTAL' 
_diffrn_radiation.polarisn_norm                    ? 
_diffrn_radiation.polarisn_ratio                   ? 
_diffrn_radiation.probe                            ? 
_diffrn_radiation.type                             ? 
_diffrn_radiation.xray_symbol                      ? 
_diffrn_radiation.wavelength_id                    1 
_diffrn_radiation.pdbx_monochromatic_or_laue_m_l   M 
_diffrn_radiation.pdbx_wavelength_list             ? 
_diffrn_radiation.pdbx_wavelength                  ? 
_diffrn_radiation.pdbx_diffrn_protocol             'SINGLE WAVELENGTH' 
_diffrn_radiation.pdbx_analyzer                    ? 
_diffrn_radiation.pdbx_scattering_type             x-ray 
# 
_diffrn_radiation_wavelength.id           1 
_diffrn_radiation_wavelength.wavelength   0.9537 
_diffrn_radiation_wavelength.wt           1.0 
# 
_diffrn_source.current                     ? 
_diffrn_source.details                     ? 
_diffrn_source.diffrn_id                   1 
_diffrn_source.power                       ? 
_diffrn_source.size                        ? 
_diffrn_source.source                      SYNCHROTRON 
_diffrn_source.target                      ? 
_diffrn_source.type                        'AUSTRALIAN SYNCHROTRON BEAMLINE MX2' 
_diffrn_source.voltage                     ? 
_diffrn_source.take-off_angle              ? 
_diffrn_source.pdbx_wavelength_list        0.9537 
_diffrn_source.pdbx_wavelength             ? 
_diffrn_source.pdbx_synchrotron_beamline   MX2 
_diffrn_source.pdbx_synchrotron_site       'Australian Synchrotron' 
# 
_reflns.B_iso_Wilson_estimate            ? 
_reflns.entry_id                         5EGJ 
_reflns.data_reduction_details           ? 
_reflns.data_reduction_method            ? 
_reflns.d_resolution_high                2.4 
_reflns.d_resolution_low                 33.44 
_reflns.details                          ? 
_reflns.limit_h_max                      ? 
_reflns.limit_h_min                      ? 
_reflns.limit_k_max                      ? 
_reflns.limit_k_min                      ? 
_reflns.limit_l_max                      ? 
_reflns.limit_l_min                      ? 
_reflns.number_all                       ? 
_reflns.number_obs                       10919 
_reflns.observed_criterion               ? 
_reflns.observed_criterion_F_max         ? 
_reflns.observed_criterion_F_min         ? 
_reflns.observed_criterion_I_max         ? 
_reflns.observed_criterion_I_min         ? 
_reflns.observed_criterion_sigma_F       ? 
_reflns.observed_criterion_sigma_I       ? 
_reflns.percent_possible_obs             99.93 
_reflns.R_free_details                   ? 
_reflns.Rmerge_F_all                     ? 
_reflns.Rmerge_F_obs                     ? 
_reflns.Friedel_coverage                 ? 
_reflns.number_gt                        ? 
_reflns.threshold_expression             ? 
_reflns.pdbx_redundancy                  2 
_reflns.pdbx_Rmerge_I_obs                0.02896 
_reflns.pdbx_Rmerge_I_all                ? 
_reflns.pdbx_Rsym_value                  ? 
_reflns.pdbx_netI_over_av_sigmaI         ? 
_reflns.pdbx_netI_over_sigmaI            8.73 
_reflns.pdbx_res_netI_over_av_sigmaI_2   ? 
_reflns.pdbx_res_netI_over_sigmaI_2      ? 
_reflns.pdbx_chi_squared                 ? 
_reflns.pdbx_scaling_rejects             ? 
_reflns.pdbx_d_res_high_opt              ? 
_reflns.pdbx_d_res_low_opt               ? 
_reflns.pdbx_d_res_opt_method            ? 
_reflns.phase_calculation_details        ? 
_reflns.pdbx_Rrim_I_all                  ? 
_reflns.pdbx_Rpim_I_all                  ? 
_reflns.pdbx_d_opt                       ? 
_reflns.pdbx_number_measured_all         ? 
_reflns.pdbx_diffrn_id                   1 
_reflns.pdbx_ordinal                     1 
_reflns.pdbx_CC_half                     ? 
_reflns.pdbx_R_split                     ? 
# 
_reflns_shell.d_res_high                  2.4 
_reflns_shell.d_res_low                   2.486 
_reflns_shell.meanI_over_sigI_all         ? 
_reflns_shell.meanI_over_sigI_obs         3.61 
_reflns_shell.number_measured_all         ? 
_reflns_shell.number_measured_obs         ? 
_reflns_shell.number_possible             ? 
_reflns_shell.number_unique_all           ? 
_reflns_shell.number_unique_obs           ? 
_reflns_shell.percent_possible_all        100 
_reflns_shell.percent_possible_obs        ? 
_reflns_shell.Rmerge_F_all                ? 
_reflns_shell.Rmerge_F_obs                ? 
_reflns_shell.Rmerge_I_all                ? 
_reflns_shell.Rmerge_I_obs                0.09755 
_reflns_shell.meanI_over_sigI_gt          ? 
_reflns_shell.meanI_over_uI_all           ? 
_reflns_shell.meanI_over_uI_gt            ? 
_reflns_shell.number_measured_gt          ? 
_reflns_shell.number_unique_gt            ? 
_reflns_shell.percent_possible_gt         ? 
_reflns_shell.Rmerge_F_gt                 ? 
_reflns_shell.Rmerge_I_gt                 ? 
_reflns_shell.pdbx_redundancy             2 
_reflns_shell.pdbx_Rsym_value             ? 
_reflns_shell.pdbx_chi_squared            ? 
_reflns_shell.pdbx_netI_over_sigmaI_all   ? 
_reflns_shell.pdbx_netI_over_sigmaI_obs   ? 
_reflns_shell.pdbx_Rrim_I_all             ? 
_reflns_shell.pdbx_Rpim_I_all             ? 
_reflns_shell.pdbx_rejects                ? 
_reflns_shell.pdbx_ordinal                1 
_reflns_shell.pdbx_diffrn_id              1 
_reflns_shell.pdbx_CC_half                ? 
_reflns_shell.pdbx_R_split                ? 
# 
_refine.aniso_B[1][1]                            ? 
_refine.aniso_B[1][2]                            ? 
_refine.aniso_B[1][3]                            ? 
_refine.aniso_B[2][2]                            ? 
_refine.aniso_B[2][3]                            ? 
_refine.aniso_B[3][3]                            ? 
_refine.B_iso_max                                ? 
_refine.B_iso_mean                               34.6 
_refine.B_iso_min                                ? 
_refine.correlation_coeff_Fo_to_Fc               ? 
_refine.correlation_coeff_Fo_to_Fc_free          ? 
_refine.details                                  ? 
_refine.diff_density_max                         ? 
_refine.diff_density_max_esd                     ? 
_refine.diff_density_min                         ? 
_refine.diff_density_min_esd                     ? 
_refine.diff_density_rms                         ? 
_refine.diff_density_rms_esd                     ? 
_refine.entry_id                                 5EGJ 
_refine.pdbx_refine_id                           'X-RAY DIFFRACTION' 
_refine.ls_abs_structure_details                 ? 
_refine.ls_abs_structure_Flack                   ? 
_refine.ls_abs_structure_Flack_esd               ? 
_refine.ls_abs_structure_Rogers                  ? 
_refine.ls_abs_structure_Rogers_esd              ? 
_refine.ls_d_res_high                            2.400 
_refine.ls_d_res_low                             33.44 
_refine.ls_extinction_coef                       ? 
_refine.ls_extinction_coef_esd                   ? 
_refine.ls_extinction_expression                 ? 
_refine.ls_extinction_method                     ? 
_refine.ls_goodness_of_fit_all                   ? 
_refine.ls_goodness_of_fit_all_esd               ? 
_refine.ls_goodness_of_fit_obs                   ? 
_refine.ls_goodness_of_fit_obs_esd               ? 
_refine.ls_hydrogen_treatment                    ? 
_refine.ls_matrix_type                           ? 
_refine.ls_number_constraints                    ? 
_refine.ls_number_parameters                     ? 
_refine.ls_number_reflns_all                     ? 
_refine.ls_number_reflns_obs                     10914 
_refine.ls_number_reflns_R_free                  568 
_refine.ls_number_reflns_R_work                  ? 
_refine.ls_number_restraints                     ? 
_refine.ls_percent_reflns_obs                    99.88 
_refine.ls_percent_reflns_R_free                 5.20 
_refine.ls_R_factor_all                          ? 
_refine.ls_R_factor_obs                          0.2100 
_refine.ls_R_factor_R_free                       0.2571 
_refine.ls_R_factor_R_free_error                 ? 
_refine.ls_R_factor_R_free_error_details         ? 
_refine.ls_R_factor_R_work                       0.2075 
_refine.ls_R_Fsqd_factor_obs                     ? 
_refine.ls_R_I_factor_obs                        ? 
_refine.ls_redundancy_reflns_all                 ? 
_refine.ls_redundancy_reflns_obs                 ? 
_refine.ls_restrained_S_all                      ? 
_refine.ls_restrained_S_obs                      ? 
_refine.ls_shift_over_esd_max                    ? 
_refine.ls_shift_over_esd_mean                   ? 
_refine.ls_structure_factor_coef                 ? 
_refine.ls_weighting_details                     ? 
_refine.ls_weighting_scheme                      ? 
_refine.ls_wR_factor_all                         ? 
_refine.ls_wR_factor_obs                         ? 
_refine.ls_wR_factor_R_free                      ? 
_refine.ls_wR_factor_R_work                      ? 
_refine.occupancy_max                            ? 
_refine.occupancy_min                            ? 
_refine.solvent_model_details                    'FLAT BULK SOLVENT MODEL' 
_refine.solvent_model_param_bsol                 ? 
_refine.solvent_model_param_ksol                 ? 
_refine.ls_R_factor_gt                           ? 
_refine.ls_goodness_of_fit_gt                    ? 
_refine.ls_goodness_of_fit_ref                   ? 
_refine.ls_shift_over_su_max                     ? 
_refine.ls_shift_over_su_max_lt                  ? 
_refine.ls_shift_over_su_mean                    ? 
_refine.ls_shift_over_su_mean_lt                 ? 
_refine.pdbx_ls_sigma_I                          ? 
_refine.pdbx_ls_sigma_F                          1.34 
_refine.pdbx_ls_sigma_Fsqd                       ? 
_refine.pdbx_data_cutoff_high_absF               ? 
_refine.pdbx_data_cutoff_high_rms_absF           ? 
_refine.pdbx_data_cutoff_low_absF                ? 
_refine.pdbx_isotropic_thermal_model             ? 
_refine.pdbx_ls_cross_valid_method               'FREE R-VALUE' 
_refine.pdbx_method_to_determine_struct          'MOLECULAR REPLACEMENT' 
_refine.pdbx_starting_model                      4NCP 
_refine.pdbx_stereochemistry_target_values       ML 
_refine.pdbx_R_Free_selection_details            ? 
_refine.pdbx_stereochem_target_val_spec_case     ? 
_refine.pdbx_overall_ESU_R                       ? 
_refine.pdbx_overall_ESU_R_Free                  ? 
_refine.pdbx_solvent_vdw_probe_radii             1.11 
_refine.pdbx_solvent_ion_probe_radii             ? 
_refine.pdbx_solvent_shrinkage_radii             0.90 
_refine.pdbx_real_space_R                        ? 
_refine.pdbx_density_correlation                 ? 
_refine.pdbx_pd_number_of_powder_patterns        ? 
_refine.pdbx_pd_number_of_points                 ? 
_refine.pdbx_pd_meas_number_of_points            ? 
_refine.pdbx_pd_proc_ls_prof_R_factor            ? 
_refine.pdbx_pd_proc_ls_prof_wR_factor           ? 
_refine.pdbx_pd_Marquardt_correlation_coeff      ? 
_refine.pdbx_pd_Fsqrd_R_factor                   ? 
_refine.pdbx_pd_ls_matrix_band_width             ? 
_refine.pdbx_overall_phase_error                 25.46 
_refine.pdbx_overall_SU_R_free_Cruickshank_DPI   ? 
_refine.pdbx_overall_SU_R_free_Blow_DPI          ? 
_refine.pdbx_overall_SU_R_Blow_DPI               ? 
_refine.pdbx_TLS_residual_ADP_flag               ? 
_refine.pdbx_diffrn_id                           1 
_refine.overall_SU_B                             ? 
_refine.overall_SU_ML                            0.27 
_refine.overall_SU_R_Cruickshank_DPI             ? 
_refine.overall_SU_R_free                        ? 
_refine.overall_FOM_free_R_set                   ? 
_refine.overall_FOM_work_R_set                   ? 
_refine.pdbx_average_fsc_overall                 ? 
_refine.pdbx_average_fsc_work                    ? 
_refine.pdbx_average_fsc_free                    ? 
# 
_refine_hist.pdbx_refine_id                   'X-RAY DIFFRACTION' 
_refine_hist.cycle_id                         LAST 
_refine_hist.pdbx_number_atoms_protein        1319 
_refine_hist.pdbx_number_atoms_nucleic_acid   0 
_refine_hist.pdbx_number_atoms_ligand         48 
_refine_hist.number_atoms_solvent             7 
_refine_hist.number_atoms_total               1374 
_refine_hist.d_res_high                       2.400 
_refine_hist.d_res_low                        33.44 
# 
loop_
_refine_ls_restr.pdbx_refine_id 
_refine_ls_restr.criterion 
_refine_ls_restr.dev_ideal 
_refine_ls_restr.dev_ideal_target 
_refine_ls_restr.number 
_refine_ls_restr.rejects 
_refine_ls_restr.type 
_refine_ls_restr.weight 
_refine_ls_restr.pdbx_restraint_function 
'X-RAY DIFFRACTION' ? 0.008  ? 1396 ? f_bond_d           ? ? 
'X-RAY DIFFRACTION' ? 1.041  ? 1896 ? f_angle_d          ? ? 
'X-RAY DIFFRACTION' ? 15.772 ? 511  ? f_dihedral_angle_d ? ? 
'X-RAY DIFFRACTION' ? 0.035  ? 208  ? f_chiral_restr     ? ? 
'X-RAY DIFFRACTION' ? 0.005  ? 239  ? f_plane_restr      ? ? 
# 
loop_
_refine_ls_shell.pdbx_refine_id 
_refine_ls_shell.d_res_high 
_refine_ls_shell.d_res_low 
_refine_ls_shell.number_reflns_all 
_refine_ls_shell.number_reflns_obs 
_refine_ls_shell.number_reflns_R_free 
_refine_ls_shell.number_reflns_R_work 
_refine_ls_shell.percent_reflns_obs 
_refine_ls_shell.percent_reflns_R_free 
_refine_ls_shell.R_factor_all 
_refine_ls_shell.R_factor_obs 
_refine_ls_shell.R_factor_R_free 
_refine_ls_shell.R_factor_R_free_error 
_refine_ls_shell.R_factor_R_work 
_refine_ls_shell.redundancy_reflns_all 
_refine_ls_shell.redundancy_reflns_obs 
_refine_ls_shell.wR_factor_all 
_refine_ls_shell.wR_factor_obs 
_refine_ls_shell.wR_factor_R_free 
_refine_ls_shell.wR_factor_R_work 
_refine_ls_shell.pdbx_total_number_of_bins_used 
_refine_ls_shell.pdbx_phase_error 
_refine_ls_shell.pdbx_fsc_work 
_refine_ls_shell.pdbx_fsc_free 
'X-RAY DIFFRACTION' 2.4001 2.6415 . . 139 2516 100.00 . . . 0.3128 . 0.2508 . . . . . . . . . . 
'X-RAY DIFFRACTION' 2.6415 3.0235 . . 143 2533 100.00 . . . 0.3388 . 0.2420 . . . . . . . . . . 
'X-RAY DIFFRACTION' 3.0235 3.8085 . . 150 2559 100.00 . . . 0.2748 . 0.2135 . . . . . . . . . . 
'X-RAY DIFFRACTION' 3.8    33.44  . . 136 2738 100.00 . . . 0.2009 . 0.1802 . . . . . . . . . . 
# 
_struct.entry_id                     5EGJ 
_struct.title                        
;The structural and biochemical characterization of acyl-coa hydrolase mutant Asn28Ala from Staphylococcus aureus in complex with COENZYME A
;
_struct.pdbx_model_details           ? 
_struct.pdbx_formula_weight          ? 
_struct.pdbx_formula_weight_method   ? 
_struct.pdbx_model_type_details      ? 
_struct.pdbx_CASP_flag               ? 
# 
_struct_keywords.entry_id        5EGJ 
_struct_keywords.text            'Acyl CoA thioesterase, Staphylococcus aureus, Coenzyme A, Hotdog thioesterase, HYDROLASE' 
_struct_keywords.pdbx_keywords   HYDROLASE 
# 
loop_
_struct_asym.id 
_struct_asym.pdbx_blank_PDB_chainid_flag 
_struct_asym.pdbx_modified 
_struct_asym.entity_id 
_struct_asym.details 
A N N 1 ? 
B N N 2 ? 
C N N 3 ? 
# 
loop_
_struct_conf.conf_type_id 
_struct_conf.id 
_struct_conf.pdbx_PDB_helix_id 
_struct_conf.beg_label_comp_id 
_struct_conf.beg_label_asym_id 
_struct_conf.beg_label_seq_id 
_struct_conf.pdbx_beg_PDB_ins_code 
_struct_conf.end_label_comp_id 
_struct_conf.end_label_asym_id 
_struct_conf.end_label_seq_id 
_struct_conf.pdbx_end_PDB_ins_code 
_struct_conf.beg_auth_comp_id 
_struct_conf.beg_auth_asym_id 
_struct_conf.beg_auth_seq_id 
_struct_conf.end_auth_comp_id 
_struct_conf.end_auth_asym_id 
_struct_conf.end_auth_seq_id 
_struct_conf.pdbx_PDB_helix_class 
_struct_conf.details 
_struct_conf.pdbx_PDB_helix_length 
HELX_P HELX_P1 AA1 MET A 14  ? LYS A 18  ? MET A 11  LYS A 15  1 ? 5  
HELX_P HELX_P2 AA2 PHE A 26  ? THR A 30  ? PHE A 23  THR A 27  5 ? 5  
HELX_P HELX_P3 AA3 PHE A 37  ? GLY A 58  ? PHE A 34  GLY A 55  1 ? 22 
HELX_P HELX_P4 AA4 ASP A 140 ? ALA A 172 ? ASP A 137 ALA A 169 1 ? 33 
# 
_struct_conf_type.id          HELX_P 
_struct_conf_type.criteria    ? 
_struct_conf_type.reference   ? 
# 
loop_
_struct_sheet.id 
_struct_sheet.type 
_struct_sheet.number_strands 
_struct_sheet.details 
AA1 ? 2 ? 
AA2 ? 5 ? 
# 
loop_
_struct_sheet_order.sheet_id 
_struct_sheet_order.range_id_1 
_struct_sheet_order.range_id_2 
_struct_sheet_order.offset 
_struct_sheet_order.sense 
AA1 1 2 ? parallel      
AA2 1 2 ? anti-parallel 
AA2 2 3 ? anti-parallel 
AA2 3 4 ? anti-parallel 
AA2 4 5 ? anti-parallel 
# 
loop_
_struct_sheet_range.sheet_id 
_struct_sheet_range.id 
_struct_sheet_range.beg_label_comp_id 
_struct_sheet_range.beg_label_asym_id 
_struct_sheet_range.beg_label_seq_id 
_struct_sheet_range.pdbx_beg_PDB_ins_code 
_struct_sheet_range.end_label_comp_id 
_struct_sheet_range.end_label_asym_id 
_struct_sheet_range.end_label_seq_id 
_struct_sheet_range.pdbx_end_PDB_ins_code 
_struct_sheet_range.beg_auth_comp_id 
_struct_sheet_range.beg_auth_asym_id 
_struct_sheet_range.beg_auth_seq_id 
_struct_sheet_range.end_auth_comp_id 
_struct_sheet_range.end_auth_asym_id 
_struct_sheet_range.end_auth_seq_id 
AA1 1 MET A 11  ? SER A 13  ? MET A 8   SER A 10  
AA1 2 GLY A 135 ? TYR A 137 ? GLY A 132 TYR A 134 
AA2 1 CYS A 19  ? GLN A 24  ? CYS A 16  GLN A 21  
AA2 2 ILE A 80  ? ALA A 90  ? ILE A 77  ALA A 87  
AA2 3 SER A 94  ? ASP A 105 ? SER A 91  ASP A 102 
AA2 4 LYS A 110 ? LEU A 124 ? LYS A 107 LEU A 121 
AA2 5 GLN A 60  ? PHE A 71  ? GLN A 57  PHE A 68  
# 
loop_
_pdbx_struct_sheet_hbond.sheet_id 
_pdbx_struct_sheet_hbond.range_id_1 
_pdbx_struct_sheet_hbond.range_id_2 
_pdbx_struct_sheet_hbond.range_1_label_atom_id 
_pdbx_struct_sheet_hbond.range_1_label_comp_id 
_pdbx_struct_sheet_hbond.range_1_label_asym_id 
_pdbx_struct_sheet_hbond.range_1_label_seq_id 
_pdbx_struct_sheet_hbond.range_1_PDB_ins_code 
_pdbx_struct_sheet_hbond.range_1_auth_atom_id 
_pdbx_struct_sheet_hbond.range_1_auth_comp_id 
_pdbx_struct_sheet_hbond.range_1_auth_asym_id 
_pdbx_struct_sheet_hbond.range_1_auth_seq_id 
_pdbx_struct_sheet_hbond.range_2_label_atom_id 
_pdbx_struct_sheet_hbond.range_2_label_comp_id 
_pdbx_struct_sheet_hbond.range_2_label_asym_id 
_pdbx_struct_sheet_hbond.range_2_label_seq_id 
_pdbx_struct_sheet_hbond.range_2_PDB_ins_code 
_pdbx_struct_sheet_hbond.range_2_auth_atom_id 
_pdbx_struct_sheet_hbond.range_2_auth_comp_id 
_pdbx_struct_sheet_hbond.range_2_auth_asym_id 
_pdbx_struct_sheet_hbond.range_2_auth_seq_id 
AA1 1 2 N LYS A 12  ? N LYS A 9   O GLY A 135 ? O GLY A 132 
AA2 1 2 N LYS A 21  ? N LYS A 18  O TYR A 83  ? O TYR A 80  
AA2 2 3 N ILE A 80  ? N ILE A 77  O ASP A 104 ? O ASP A 101 
AA2 3 4 N ILE A 101 ? N ILE A 98  O ALA A 114 ? O ALA A 111 
AA2 4 5 O LEU A 116 ? O LEU A 113 N ASP A 70  ? N ASP A 67  
# 
_struct_site.id                   AC1 
_struct_site.pdbx_evidence_code   Software 
_struct_site.pdbx_auth_asym_id    A 
_struct_site.pdbx_auth_comp_id    COA 
_struct_site.pdbx_auth_seq_id     200 
_struct_site.pdbx_auth_ins_code   ? 
_struct_site.pdbx_num_residues    14 
_struct_site.details              'binding site for residue COA A 200' 
# 
loop_
_struct_site_gen.id 
_struct_site_gen.site_id 
_struct_site_gen.pdbx_num_res 
_struct_site_gen.label_comp_id 
_struct_site_gen.label_asym_id 
_struct_site_gen.label_seq_id 
_struct_site_gen.pdbx_auth_ins_code 
_struct_site_gen.auth_comp_id 
_struct_site_gen.auth_asym_id 
_struct_site_gen.auth_seq_id 
_struct_site_gen.label_atom_id 
_struct_site_gen.label_alt_id 
_struct_site_gen.symmetry 
_struct_site_gen.details 
1  AC1 14 MET A 36  ? MET A 33  . ? 11_554 ? 
2  AC1 14 LEU A 41  ? LEU A 38  . ? 11_554 ? 
3  AC1 14 THR A 63  ? THR A 60  . ? 1_555  ? 
4  AC1 14 ALA A 64  ? ALA A 61  . ? 1_555  ? 
5  AC1 14 SER A 65  ? SER A 62  . ? 1_555  ? 
6  AC1 14 ASP A 70  ? ASP A 67  . ? 11_554 ? 
7  AC1 14 PHE A 71  ? PHE A 68  . ? 11_554 ? 
8  AC1 14 GLY A 91  ? GLY A 88  . ? 1_555  ? 
9  AC1 14 THR A 92  ? THR A 89  . ? 1_555  ? 
10 AC1 14 SER A 93  ? SER A 90  . ? 1_555  ? 
11 AC1 14 SER A 94  ? SER A 91  . ? 1_555  ? 
12 AC1 14 VAL A 122 ? VAL A 119 . ? 1_555  ? 
13 AC1 14 ARG A 157 ? ARG A 154 . ? 1_555  ? 
14 AC1 14 ARG A 161 ? ARG A 158 . ? 1_555  ? 
# 
_atom_sites.entry_id                    5EGJ 
_atom_sites.fract_transf_matrix[1][1]   0.00586260 
_atom_sites.fract_transf_matrix[1][2]   -0.00630762 
_atom_sites.fract_transf_matrix[1][3]   0.00275089 
_atom_sites.fract_transf_matrix[2][1]   0.00559227 
_atom_sites.fract_transf_matrix[2][2]   -0.00387602 
_atom_sites.fract_transf_matrix[2][3]   -0.00595186 
_atom_sites.fract_transf_matrix[3][1]   0.01222310 
_atom_sites.fract_transf_matrix[3][2]   0.01274862 
_atom_sites.fract_transf_matrix[3][3]   0.00318235 
_atom_sites.fract_transf_vector[1]      -0.167067 
_atom_sites.fract_transf_vector[2]      -0.473381 
_atom_sites.fract_transf_vector[3]      -0.201573 
# 
loop_
_atom_type.symbol 
C 
N 
O 
P 
S 
# 
loop_
_atom_site.group_PDB 
_atom_site.id 
_atom_site.type_symbol 
_atom_site.label_atom_id 
_atom_site.label_alt_id 
_atom_site.label_comp_id 
_atom_site.label_asym_id 
_atom_site.label_entity_id 
_atom_site.label_seq_id 
_atom_site.pdbx_PDB_ins_code 
_atom_site.Cartn_x 
_atom_site.Cartn_y 
_atom_site.Cartn_z 
_atom_site.occupancy 
_atom_site.B_iso_or_equiv 
_atom_site.pdbx_formal_charge 
_atom_site.auth_seq_id 
_atom_site.auth_comp_id 
_atom_site.auth_asym_id 
_atom_site.auth_atom_id 
_atom_site.pdbx_PDB_model_num 
ATOM   1    N N   . ASP A 1 8   ? 26.137  -0.329  3.001   1.00 53.10 ? 5   ASP A N   1 
ATOM   2    C CA  . ASP A 1 8   ? 25.760  1.057   2.773   1.00 54.82 ? 5   ASP A CA  1 
ATOM   3    C C   . ASP A 1 8   ? 24.985  1.664   3.968   1.00 59.14 ? 5   ASP A C   1 
ATOM   4    O O   . ASP A 1 8   ? 25.573  1.995   4.999   1.00 53.60 ? 5   ASP A O   1 
ATOM   5    C CB  . ASP A 1 8   ? 24.939  1.156   1.482   1.00 60.21 ? 5   ASP A CB  1 
ATOM   6    C CG  . ASP A 1 8   ? 24.679  2.598   1.052   1.00 75.61 ? 5   ASP A CG  1 
ATOM   7    O OD1 . ASP A 1 8   ? 25.657  3.286   0.680   1.00 80.59 ? 5   ASP A OD1 1 
ATOM   8    O OD2 . ASP A 1 8   ? 23.498  3.035   1.069   1.00 60.26 ? 5   ASP A OD2 1 
ATOM   9    N N   . ARG A 1 9   ? 23.664  1.780   3.830   1.00 63.87 ? 6   ARG A N   1 
ATOM   10   C CA  . ARG A 1 9   ? 22.819  2.576   4.732   1.00 52.29 ? 6   ARG A CA  1 
ATOM   11   C C   . ARG A 1 9   ? 22.269  1.794   5.935   1.00 47.37 ? 6   ARG A C   1 
ATOM   12   O O   . ARG A 1 9   ? 22.403  0.566   5.981   1.00 37.68 ? 6   ARG A O   1 
ATOM   13   C CB  . ARG A 1 9   ? 21.655  3.163   3.926   1.00 51.57 ? 6   ARG A CB  1 
ATOM   14   C CG  . ARG A 1 9   ? 20.848  2.115   3.169   1.00 51.04 ? 6   ARG A CG  1 
ATOM   15   C CD  . ARG A 1 9   ? 19.705  2.754   2.397   1.00 42.76 ? 6   ARG A CD  1 
ATOM   16   N NE  . ARG A 1 9   ? 18.990  1.797   1.559   1.00 39.35 ? 6   ARG A NE  1 
ATOM   17   C CZ  . ARG A 1 9   ? 17.892  2.099   0.866   1.00 44.81 ? 6   ARG A CZ  1 
ATOM   18   N NH1 . ARG A 1 9   ? 17.385  3.324   0.934   1.00 40.18 ? 6   ARG A NH1 1 
ATOM   19   N NH2 . ARG A 1 9   ? 17.294  1.181   0.115   1.00 36.71 ? 6   ARG A NH2 1 
ATOM   20   N N   . PRO A 1 10  ? 21.645  2.502   6.912   1.00 46.08 ? 7   PRO A N   1 
ATOM   21   C CA  . PRO A 1 10  ? 20.941  1.791   7.993   1.00 42.24 ? 7   PRO A CA  1 
ATOM   22   C C   . PRO A 1 10  ? 19.758  0.980   7.470   1.00 42.85 ? 7   PRO A C   1 
ATOM   23   O O   . PRO A 1 10  ? 19.140  1.368   6.477   1.00 42.19 ? 7   PRO A O   1 
ATOM   24   C CB  . PRO A 1 10  ? 20.463  2.922   8.916   1.00 36.29 ? 7   PRO A CB  1 
ATOM   25   C CG  . PRO A 1 10  ? 21.406  4.043   8.661   1.00 41.35 ? 7   PRO A CG  1 
ATOM   26   C CD  . PRO A 1 10  ? 21.721  3.952   7.186   1.00 46.77 ? 7   PRO A CD  1 
ATOM   27   N N   . MET A 1 11  ? 19.453  -0.132  8.133   1.00 39.12 ? 8   MET A N   1 
ATOM   28   C CA  . MET A 1 11  ? 18.421  -1.055  7.667   1.00 36.70 ? 8   MET A CA  1 
ATOM   29   C C   . MET A 1 11  ? 17.362  -1.298  8.742   1.00 42.37 ? 8   MET A C   1 
ATOM   30   O O   . MET A 1 11  ? 17.675  -1.355  9.947   1.00 37.69 ? 8   MET A O   1 
ATOM   31   C CB  . MET A 1 11  ? 19.042  -2.399  7.249   1.00 38.95 ? 8   MET A CB  1 
ATOM   32   C CG  . MET A 1 11  ? 20.197  -2.307  6.233   1.00 41.43 ? 8   MET A CG  1 
ATOM   33   S SD  . MET A 1 11  ? 19.670  -2.055  4.508   1.00 59.26 ? 8   MET A SD  1 
ATOM   34   C CE  . MET A 1 11  ? 18.823  -3.610  4.162   1.00 31.04 ? 8   MET A CE  1 
ATOM   35   N N   . LYS A 1 12  ? 16.112  -1.453  8.305   1.00 38.40 ? 9   LYS A N   1 
ATOM   36   C CA  . LYS A 1 12  ? 15.039  -1.866  9.200   1.00 35.55 ? 9   LYS A CA  1 
ATOM   37   C C   . LYS A 1 12  ? 14.428  -3.171  8.738   1.00 33.49 ? 9   LYS A C   1 
ATOM   38   O O   . LYS A 1 12  ? 14.373  -3.462  7.546   1.00 35.35 ? 9   LYS A O   1 
ATOM   39   C CB  . LYS A 1 12  ? 13.955  -0.800  9.289   1.00 37.94 ? 9   LYS A CB  1 
ATOM   40   C CG  . LYS A 1 12  ? 14.271  0.327   10.234  1.00 39.65 ? 9   LYS A CG  1 
ATOM   41   C CD  . LYS A 1 12  ? 13.055  1.210   10.412  1.00 41.58 ? 9   LYS A CD  1 
ATOM   42   C CE  . LYS A 1 12  ? 13.331  2.348   11.358  1.00 39.01 ? 9   LYS A CE  1 
ATOM   43   N NZ  . LYS A 1 12  ? 12.138  3.215   11.498  1.00 37.27 ? 9   LYS A NZ  1 
ATOM   44   N N   . SER A 1 13  ? 13.966  -3.957  9.694   1.00 34.38 ? 10  SER A N   1 
ATOM   45   C CA  . SER A 1 13  ? 13.217  -5.159  9.384   1.00 35.42 ? 10  SER A CA  1 
ATOM   46   C C   . SER A 1 13  ? 11.830  -4.799  8.837   1.00 38.88 ? 10  SER A C   1 
ATOM   47   O O   . SER A 1 13  ? 11.230  -3.821  9.270   1.00 35.63 ? 10  SER A O   1 
ATOM   48   C CB  . SER A 1 13  ? 13.074  -6.018  10.633  1.00 28.44 ? 10  SER A CB  1 
ATOM   49   O OG  . SER A 1 13  ? 12.220  -7.113  10.377  1.00 36.94 ? 10  SER A OG  1 
ATOM   50   N N   . MET A 1 14  ? 11.315  -5.597  7.909   1.00 33.26 ? 11  MET A N   1 
ATOM   51   C CA  . MET A 1 14  ? 9.960   -5.395  7.407   1.00 34.37 ? 11  MET A CA  1 
ATOM   52   C C   . MET A 1 14  ? 8.939   -5.506  8.543   1.00 34.46 ? 11  MET A C   1 
ATOM   53   O O   . MET A 1 14  ? 7.853   -4.940  8.458   1.00 33.43 ? 11  MET A O   1 
ATOM   54   C CB  . MET A 1 14  ? 9.633   -6.401  6.290   1.00 36.23 ? 11  MET A CB  1 
ATOM   55   C CG  . MET A 1 14  ? 10.430  -6.185  4.996   1.00 32.79 ? 11  MET A CG  1 
ATOM   56   S SD  . MET A 1 14  ? 9.980   -7.268  3.619   1.00 39.36 ? 11  MET A SD  1 
ATOM   57   C CE  . MET A 1 14  ? 8.206   -7.035  3.523   1.00 42.12 ? 11  MET A CE  1 
ATOM   58   N N   . SER A 1 15  ? 9.300   -6.220  9.606   1.00 33.57 ? 12  SER A N   1 
ATOM   59   C CA  . SER A 1 15  ? 8.421   -6.390  10.759  1.00 35.13 ? 12  SER A CA  1 
ATOM   60   C C   . SER A 1 15  ? 8.352   -5.133  11.636  1.00 31.87 ? 12  SER A C   1 
ATOM   61   O O   . SER A 1 15  ? 7.384   -4.940  12.369  1.00 34.31 ? 12  SER A O   1 
ATOM   62   C CB  . SER A 1 15  ? 8.867   -7.587  11.609  1.00 41.23 ? 12  SER A CB  1 
ATOM   63   O OG  . SER A 1 15  ? 8.679   -8.815  10.922  1.00 42.25 ? 12  SER A OG  1 
ATOM   64   N N   . GLU A 1 16  ? 9.361   -4.271  11.554  1.00 30.31 ? 13  GLU A N   1 
ATOM   65   C CA  . GLU A 1 16  ? 9.366   -3.052  12.368  1.00 38.37 ? 13  GLU A CA  1 
ATOM   66   C C   . GLU A 1 16  ? 8.288   -2.054  11.938  1.00 36.67 ? 13  GLU A C   1 
ATOM   67   O O   . GLU A 1 16  ? 7.768   -1.318  12.767  1.00 33.77 ? 13  GLU A O   1 
ATOM   68   C CB  . GLU A 1 16  ? 10.734  -2.364  12.315  1.00 38.69 ? 13  GLU A CB  1 
ATOM   69   C CG  . GLU A 1 16  ? 11.877  -3.169  12.919  1.00 46.45 ? 13  GLU A CG  1 
ATOM   70   C CD  . GLU A 1 16  ? 13.189  -2.389  12.930  1.00 57.40 ? 13  GLU A CD  1 
ATOM   71   O OE1 . GLU A 1 16  ? 13.147  -1.199  13.331  1.00 59.36 ? 13  GLU A OE1 1 
ATOM   72   O OE2 . GLU A 1 16  ? 14.244  -2.958  12.528  1.00 41.19 ? 13  GLU A OE2 1 
ATOM   73   N N   . SER A 1 17  ? 7.984   -2.024  10.637  1.00 36.79 ? 14  SER A N   1 
ATOM   74   C CA  . SER A 1 17  ? 7.024   -1.076  10.054  1.00 30.97 ? 14  SER A CA  1 
ATOM   75   C C   . SER A 1 17  ? 5.659   -1.727  9.792   1.00 31.53 ? 14  SER A C   1 
ATOM   76   O O   . SER A 1 17  ? 4.716   -1.045  9.404   1.00 34.20 ? 14  SER A O   1 
ATOM   77   C CB  . SER A 1 17  ? 7.564   -0.501  8.736   1.00 30.61 ? 14  SER A CB  1 
ATOM   78   O OG  . SER A 1 17  ? 7.654   -1.514  7.720   1.00 32.60 ? 14  SER A OG  1 
ATOM   79   N N   . LYS A 1 18  ? 5.579   -3.044  9.975   1.00 29.03 ? 15  LYS A N   1 
ATOM   80   C CA  . LYS A 1 18  ? 4.356   -3.808  9.740   1.00 30.42 ? 15  LYS A CA  1 
ATOM   81   C C   . LYS A 1 18  ? 3.210   -3.236  10.579  1.00 34.59 ? 15  LYS A C   1 
ATOM   82   O O   . LYS A 1 18  ? 3.351   -3.112  11.791  1.00 33.07 ? 15  LYS A O   1 
ATOM   83   C CB  . LYS A 1 18  ? 4.604   -5.277  10.073  1.00 29.14 ? 15  LYS A CB  1 
ATOM   84   C CG  . LYS A 1 18  ? 3.626   -6.309  9.533   1.00 26.54 ? 15  LYS A CG  1 
ATOM   85   C CD  . LYS A 1 18  ? 4.301   -7.681  9.664   1.00 40.93 ? 15  LYS A CD  1 
ATOM   86   C CE  . LYS A 1 18  ? 3.449   -8.865  9.203   1.00 51.57 ? 15  LYS A CE  1 
ATOM   87   N NZ  . LYS A 1 18  ? 4.297   -10.115 9.123   1.00 49.41 ? 15  LYS A NZ  1 
ATOM   88   N N   . CYS A 1 19  ? 2.102   -2.866  9.928   1.00 33.34 ? 16  CYS A N   1 
ATOM   89   C CA  . CYS A 1 19  ? 0.955   -2.259  10.622  1.00 30.29 ? 16  CYS A CA  1 
ATOM   90   C C   . CYS A 1 19  ? -0.370  -2.941  10.336  1.00 27.87 ? 16  CYS A C   1 
ATOM   91   O O   . CYS A 1 19  ? -0.678  -3.273  9.180   1.00 23.89 ? 16  CYS A O   1 
ATOM   92   C CB  . CYS A 1 19  ? 0.800   -0.789  10.244  1.00 35.93 ? 16  CYS A CB  1 
ATOM   93   S SG  . CYS A 1 19  ? 1.699   0.313   11.284  1.00 57.40 ? 16  CYS A SG  1 
ATOM   94   N N   . TYR A 1 20  ? -1.158  -3.093  11.394  1.00 24.61 ? 17  TYR A N   1 
ATOM   95   C CA  . TYR A 1 20  ? -2.484  -3.681  11.316  1.00 25.01 ? 17  TYR A CA  1 
ATOM   96   C C   . TYR A 1 20  ? -3.560  -2.624  11.492  1.00 26.78 ? 17  TYR A C   1 
ATOM   97   O O   . TYR A 1 20  ? -3.372  -1.614  12.168  1.00 30.55 ? 17  TYR A O   1 
ATOM   98   C CB  . TYR A 1 20  ? -2.651  -4.781  12.371  1.00 29.80 ? 17  TYR A CB  1 
ATOM   99   C CG  . TYR A 1 20  ? -1.739  -5.952  12.116  1.00 32.49 ? 17  TYR A CG  1 
ATOM   100  C CD1 . TYR A 1 20  ? -0.378  -5.871  12.405  1.00 32.18 ? 17  TYR A CD1 1 
ATOM   101  C CD2 . TYR A 1 20  ? -2.227  -7.127  11.563  1.00 31.60 ? 17  TYR A CD2 1 
ATOM   102  C CE1 . TYR A 1 20  ? 0.471   -6.937  12.162  1.00 35.32 ? 17  TYR A CE1 1 
ATOM   103  C CE2 . TYR A 1 20  ? -1.379  -8.202  11.314  1.00 38.24 ? 17  TYR A CE2 1 
ATOM   104  C CZ  . TYR A 1 20  ? -0.033  -8.098  11.615  1.00 32.78 ? 17  TYR A CZ  1 
ATOM   105  O OH  . TYR A 1 20  ? 0.811   -9.152  11.371  1.00 44.33 ? 17  TYR A OH  1 
ATOM   106  N N   . LYS A 1 21  ? -4.698  -2.869  10.868  1.00 25.03 ? 18  LYS A N   1 
ATOM   107  C CA  . LYS A 1 21  ? -5.866  -2.005  11.010  1.00 24.34 ? 18  LYS A CA  1 
ATOM   108  C C   . LYS A 1 21  ? -7.054  -2.954  10.938  1.00 26.31 ? 18  LYS A C   1 
ATOM   109  O O   . LYS A 1 21  ? -7.126  -3.794  10.043  1.00 27.39 ? 18  LYS A O   1 
ATOM   110  C CB  . LYS A 1 21  ? -5.877  -0.926  9.908   1.00 23.00 ? 18  LYS A CB  1 
ATOM   111  C CG  . LYS A 1 21  ? -7.131  -0.088  9.704   1.00 24.79 ? 18  LYS A CG  1 
ATOM   112  C CD  . LYS A 1 21  ? -6.836  0.922   8.575   1.00 31.95 ? 18  LYS A CD  1 
ATOM   113  C CE  . LYS A 1 21  ? -8.063  1.588   7.965   1.00 27.93 ? 18  LYS A CE  1 
ATOM   114  N NZ  . LYS A 1 21  ? -8.554  2.766   8.749   1.00 33.98 ? 18  LYS A NZ  1 
ATOM   115  N N   . ASN A 1 22  ? -7.940  -2.898  11.916  1.00 24.12 ? 19  ASN A N   1 
ATOM   116  C CA  . ASN A 1 22  ? -9.168  -3.667  11.810  1.00 27.40 ? 19  ASN A CA  1 
ATOM   117  C C   . ASN A 1 22  ? -10.353 -2.719  11.788  1.00 25.63 ? 19  ASN A C   1 
ATOM   118  O O   . ASN A 1 22  ? -10.455 -1.829  12.628  1.00 25.17 ? 19  ASN A O   1 
ATOM   119  C CB  . ASN A 1 22  ? -9.292  -4.663  12.961  1.00 27.77 ? 19  ASN A CB  1 
ATOM   120  C CG  . ASN A 1 22  ? -8.315  -5.820  12.832  1.00 31.46 ? 19  ASN A CG  1 
ATOM   121  O OD1 . ASN A 1 22  ? -8.575  -6.773  12.104  1.00 30.11 ? 19  ASN A OD1 1 
ATOM   122  N ND2 . ASN A 1 22  ? -7.185  -5.734  13.523  1.00 20.57 ? 19  ASN A ND2 1 
ATOM   123  N N   . ARG A 1 23  ? -11.252 -2.911  10.833  1.00 26.40 ? 20  ARG A N   1 
ATOM   124  C CA  . ARG A 1 23  ? -12.354 -1.977  10.663  1.00 24.02 ? 20  ARG A CA  1 
ATOM   125  C C   . ARG A 1 23  ? -13.549 -2.643  10.011  1.00 24.62 ? 20  ARG A C   1 
ATOM   126  O O   . ARG A 1 23  ? -13.406 -3.302  8.982   1.00 27.29 ? 20  ARG A O   1 
ATOM   127  C CB  . ARG A 1 23  ? -11.891 -0.783  9.832   1.00 23.13 ? 20  ARG A CB  1 
ATOM   128  C CG  . ARG A 1 23  ? -12.935 0.282   9.650   1.00 22.58 ? 20  ARG A CG  1 
ATOM   129  C CD  . ARG A 1 23  ? -12.383 1.472   8.860   1.00 28.97 ? 20  ARG A CD  1 
ATOM   130  N NE  . ARG A 1 23  ? -13.431 2.466   8.617   1.00 30.97 ? 20  ARG A NE  1 
ATOM   131  C CZ  . ARG A 1 23  ? -13.806 3.383   9.503   1.00 34.70 ? 20  ARG A CZ  1 
ATOM   132  N NH1 . ARG A 1 23  ? -13.211 3.443   10.692  1.00 37.39 ? 20  ARG A NH1 1 
ATOM   133  N NH2 . ARG A 1 23  ? -14.778 4.235   9.207   1.00 33.64 ? 20  ARG A NH2 1 
ATOM   134  N N   . GLN A 1 24  ? -14.725 -2.470  10.604  1.00 25.88 ? 21  GLN A N   1 
ATOM   135  C CA  . GLN A 1 24  ? -15.955 -3.010  10.029  1.00 31.98 ? 21  GLN A CA  1 
ATOM   136  C C   . GLN A 1 24  ? -16.471 -2.180  8.865   1.00 29.47 ? 21  GLN A C   1 
ATOM   137  O O   . GLN A 1 24  ? -16.147 -1.003  8.744   1.00 26.69 ? 21  GLN A O   1 
ATOM   138  C CB  . GLN A 1 24  ? -17.052 -3.107  11.082  1.00 31.72 ? 21  GLN A CB  1 
ATOM   139  C CG  . GLN A 1 24  ? -17.055 -4.424  11.831  1.00 36.36 ? 21  GLN A CG  1 
ATOM   140  C CD  . GLN A 1 24  ? -18.328 -4.620  12.610  1.00 33.69 ? 21  GLN A CD  1 
ATOM   141  O OE1 . GLN A 1 24  ? -18.502 -4.039  13.685  1.00 32.65 ? 21  GLN A OE1 1 
ATOM   142  N NE2 . GLN A 1 24  ? -19.239 -5.431  12.068  1.00 31.78 ? 21  GLN A NE2 1 
ATOM   143  N N   . VAL A 1 25  ? -17.276 -2.805  8.010   1.00 29.20 ? 22  VAL A N   1 
ATOM   144  C CA  . VAL A 1 25  ? -17.950 -2.084  6.941   1.00 30.65 ? 22  VAL A CA  1 
ATOM   145  C C   . VAL A 1 25  ? -19.315 -1.589  7.424   1.00 31.89 ? 22  VAL A C   1 
ATOM   146  O O   . VAL A 1 25  ? -20.178 -2.379  7.829   1.00 30.75 ? 22  VAL A O   1 
ATOM   147  C CB  . VAL A 1 25  ? -18.135 -2.952  5.702   1.00 26.97 ? 22  VAL A CB  1 
ATOM   148  C CG1 . VAL A 1 25  ? -18.769 -2.135  4.590   1.00 24.38 ? 22  VAL A CG1 1 
ATOM   149  C CG2 . VAL A 1 25  ? -16.811 -3.513  5.271   1.00 23.97 ? 22  VAL A CG2 1 
ATOM   150  N N   . PHE A 1 26  ? -19.505 -0.278  7.392   1.00 26.82 ? 23  PHE A N   1 
ATOM   151  C CA  . PHE A 1 26  ? -20.762 0.309   7.830   1.00 28.84 ? 23  PHE A CA  1 
ATOM   152  C C   . PHE A 1 26  ? -21.535 0.788   6.613   1.00 28.49 ? 23  PHE A C   1 
ATOM   153  O O   . PHE A 1 26  ? -20.948 0.965   5.543   1.00 29.27 ? 23  PHE A O   1 
ATOM   154  C CB  . PHE A 1 26  ? -20.503 1.452   8.824   1.00 28.02 ? 23  PHE A CB  1 
ATOM   155  C CG  . PHE A 1 26  ? -20.101 0.977   10.203  1.00 31.96 ? 23  PHE A CG  1 
ATOM   156  C CD1 . PHE A 1 26  ? -20.211 -0.362  10.553  1.00 35.61 ? 23  PHE A CD1 1 
ATOM   157  C CD2 . PHE A 1 26  ? -19.616 1.864   11.142  1.00 35.71 ? 23  PHE A CD2 1 
ATOM   158  C CE1 . PHE A 1 26  ? -19.847 -0.808  11.818  1.00 33.86 ? 23  PHE A CE1 1 
ATOM   159  C CE2 . PHE A 1 26  ? -19.249 1.425   12.413  1.00 40.52 ? 23  PHE A CE2 1 
ATOM   160  C CZ  . PHE A 1 26  ? -19.365 0.089   12.748  1.00 33.15 ? 23  PHE A CZ  1 
ATOM   161  N N   . PRO A 1 27  ? -22.856 0.974   6.759   1.00 32.26 ? 24  PRO A N   1 
ATOM   162  C CA  . PRO A 1 27  ? -23.672 1.436   5.628   1.00 27.60 ? 24  PRO A CA  1 
ATOM   163  C C   . PRO A 1 27  ? -23.082 2.630   4.879   1.00 26.66 ? 24  PRO A C   1 
ATOM   164  O O   . PRO A 1 27  ? -23.142 2.650   3.645   1.00 31.36 ? 24  PRO A O   1 
ATOM   165  C CB  . PRO A 1 27  ? -24.997 1.805   6.290   1.00 26.36 ? 24  PRO A CB  1 
ATOM   166  C CG  . PRO A 1 27  ? -25.101 0.822   7.440   1.00 26.64 ? 24  PRO A CG  1 
ATOM   167  C CD  . PRO A 1 27  ? -23.684 0.644   7.939   1.00 31.73 ? 24  PRO A CD  1 
ATOM   168  N N   . GLN A 1 28  ? -22.493 3.583   5.589   1.00 23.82 ? 25  GLN A N   1 
ATOM   169  C CA  . GLN A 1 28  ? -21.897 4.756   4.938   1.00 27.10 ? 25  GLN A CA  1 
ATOM   170  C C   . GLN A 1 28  ? -20.672 4.412   4.078   1.00 29.29 ? 25  GLN A C   1 
ATOM   171  O O   . GLN A 1 28  ? -20.141 5.271   3.366   1.00 25.81 ? 25  GLN A O   1 
ATOM   172  C CB  . GLN A 1 28  ? -21.496 5.780   5.989   1.00 31.39 ? 25  GLN A CB  1 
ATOM   173  C CG  . GLN A 1 28  ? -20.471 5.223   6.945   1.00 34.61 ? 25  GLN A CG  1 
ATOM   174  C CD  . GLN A 1 28  ? -20.041 6.221   7.980   1.00 43.50 ? 25  GLN A CD  1 
ATOM   175  O OE1 . GLN A 1 28  ? -19.637 7.338   7.655   1.00 57.23 ? 25  GLN A OE1 1 
ATOM   176  N NE2 . GLN A 1 28  ? -20.098 5.818   9.239   1.00 43.69 ? 25  GLN A NE2 1 
ATOM   177  N N   . ASP A 1 29  ? -20.206 3.168   4.163   1.00 29.68 ? 26  ASP A N   1 
ATOM   178  C CA  . ASP A 1 29  ? -19.076 2.721   3.347   1.00 27.90 ? 26  ASP A CA  1 
ATOM   179  C C   . ASP A 1 29  ? -19.538 2.103   2.038   1.00 25.49 ? 26  ASP A C   1 
ATOM   180  O O   . ASP A 1 29  ? -18.718 1.712   1.210   1.00 28.32 ? 26  ASP A O   1 
ATOM   181  C CB  . ASP A 1 29  ? -18.228 1.696   4.107   1.00 27.86 ? 26  ASP A CB  1 
ATOM   182  C CG  . ASP A 1 29  ? -17.614 2.264   5.361   1.00 31.21 ? 26  ASP A CG  1 
ATOM   183  O OD1 . ASP A 1 29  ? -17.108 3.408   5.293   1.00 34.30 ? 26  ASP A OD1 1 
ATOM   184  O OD2 . ASP A 1 29  ? -17.641 1.568   6.411   1.00 35.46 ? 26  ASP A OD2 1 
ATOM   185  N N   . THR A 1 30  ? -20.850 1.990   1.860   1.00 27.78 ? 27  THR A N   1 
ATOM   186  C CA  . THR A 1 30  ? -21.384 1.227   0.735   1.00 32.25 ? 27  THR A CA  1 
ATOM   187  C C   . THR A 1 30  ? -21.956 2.125   -0.362  1.00 33.48 ? 27  THR A C   1 
ATOM   188  O O   . THR A 1 30  ? -22.258 3.295   -0.133  1.00 35.13 ? 27  THR A O   1 
ATOM   189  C CB  . THR A 1 30  ? -22.477 0.218   1.201   1.00 33.50 ? 27  THR A CB  1 
ATOM   190  O OG1 . THR A 1 30  ? -23.634 0.921   1.670   1.00 31.09 ? 27  THR A OG1 1 
ATOM   191  C CG2 . THR A 1 30  ? -21.946 -0.678  2.315   1.00 25.53 ? 27  THR A CG2 1 
ATOM   192  N N   . ALA A 1 31  ? -22.070 1.571   -1.564  1.00 33.09 ? 28  ALA A N   1 
ATOM   193  C CA  . ALA A 1 31  ? -22.716 2.259   -2.674  1.00 37.69 ? 28  ALA A CA  1 
ATOM   194  C C   . ALA A 1 31  ? -23.924 1.446   -3.141  1.00 40.17 ? 28  ALA A C   1 
ATOM   195  O O   . ALA A 1 31  ? -25.072 1.874   -2.996  1.00 41.22 ? 28  ALA A O   1 
ATOM   196  C CB  . ALA A 1 31  ? -21.727 2.479   -3.819  1.00 36.49 ? 28  ALA A CB  1 
ATOM   197  N N   . HIS A 1 32  ? -23.648 0.277   -3.710  1.00 43.80 ? 29  HIS A N   1 
ATOM   198  C CA  . HIS A 1 32  ? -24.684 -0.690  -4.034  1.00 47.96 ? 29  HIS A CA  1 
ATOM   199  C C   . HIS A 1 32  ? -25.153 -1.317  -2.747  1.00 47.56 ? 29  HIS A C   1 
ATOM   200  O O   . HIS A 1 32  ? -24.448 -1.258  -1.740  1.00 41.97 ? 29  HIS A O   1 
ATOM   201  C CB  . HIS A 1 32  ? -24.173 -1.775  -4.980  1.00 54.97 ? 29  HIS A CB  1 
ATOM   202  C CG  . HIS A 1 32  ? -23.732 -1.259  -6.315  1.00 57.19 ? 29  HIS A CG  1 
ATOM   203  N ND1 . HIS A 1 32  ? -22.809 -1.920  -7.097  1.00 57.16 ? 29  HIS A ND1 1 
ATOM   204  C CD2 . HIS A 1 32  ? -24.087 -0.150  -7.006  1.00 54.16 ? 29  HIS A CD2 1 
ATOM   205  C CE1 . HIS A 1 32  ? -22.612 -1.241  -8.212  1.00 53.10 ? 29  HIS A CE1 1 
ATOM   206  N NE2 . HIS A 1 32  ? -23.373 -0.160  -8.181  1.00 65.07 ? 29  HIS A NE2 1 
ATOM   207  N N   . HIS A 1 33  ? -26.328 -1.937  -2.791  1.00 48.31 ? 30  HIS A N   1 
ATOM   208  C CA  . HIS A 1 33  ? -26.976 -2.454  -1.596  1.00 47.48 ? 30  HIS A CA  1 
ATOM   209  C C   . HIS A 1 33  ? -26.071 -3.412  -0.813  1.00 45.11 ? 30  HIS A C   1 
ATOM   210  O O   . HIS A 1 33  ? -25.745 -4.511  -1.278  1.00 45.35 ? 30  HIS A O   1 
ATOM   211  C CB  . HIS A 1 33  ? -28.290 -3.148  -1.967  1.00 51.92 ? 30  HIS A CB  1 
ATOM   212  C CG  . HIS A 1 33  ? -29.189 -3.403  -0.798  1.00 54.41 ? 30  HIS A CG  1 
ATOM   213  N ND1 . HIS A 1 33  ? -29.283 -4.638  -0.186  1.00 61.31 ? 30  HIS A ND1 1 
ATOM   214  C CD2 . HIS A 1 33  ? -30.030 -2.584  -0.122  1.00 58.82 ? 30  HIS A CD2 1 
ATOM   215  C CE1 . HIS A 1 33  ? -30.144 -4.568  0.814   1.00 62.41 ? 30  HIS A CE1 1 
ATOM   216  N NE2 . HIS A 1 33  ? -30.613 -3.333  0.874   1.00 72.18 ? 30  HIS A NE2 1 
ATOM   217  N N   . HIS A 1 34  ? -25.658 -2.954  0.368   1.00 43.56 ? 31  HIS A N   1 
ATOM   218  C CA  . HIS A 1 34  ? -24.856 -3.734  1.313   1.00 41.19 ? 31  HIS A CA  1 
ATOM   219  C C   . HIS A 1 34  ? -23.486 -4.145  0.770   1.00 37.22 ? 31  HIS A C   1 
ATOM   220  O O   . HIS A 1 34  ? -22.927 -5.132  1.214   1.00 38.20 ? 31  HIS A O   1 
ATOM   221  C CB  . HIS A 1 34  ? -25.625 -4.977  1.761   1.00 40.01 ? 31  HIS A CB  1 
ATOM   222  C CG  . HIS A 1 34  ? -26.870 -4.670  2.536   1.00 49.98 ? 31  HIS A CG  1 
ATOM   223  N ND1 . HIS A 1 34  ? -27.508 -5.606  3.323   1.00 55.07 ? 31  HIS A ND1 1 
ATOM   224  C CD2 . HIS A 1 34  ? -27.593 -3.528  2.647   1.00 49.07 ? 31  HIS A CD2 1 
ATOM   225  C CE1 . HIS A 1 34  ? -28.570 -5.054  3.887   1.00 60.90 ? 31  HIS A CE1 1 
ATOM   226  N NE2 . HIS A 1 34  ? -28.646 -3.796  3.489   1.00 60.98 ? 31  HIS A NE2 1 
ATOM   227  N N   . THR A 1 35  ? -22.937 -3.376  -0.162  1.00 30.41 ? 32  THR A N   1 
ATOM   228  C CA  . THR A 1 35  ? -21.653 -3.713  -0.764  1.00 36.42 ? 32  THR A CA  1 
ATOM   229  C C   . THR A 1 35  ? -20.681 -2.542  -0.673  1.00 33.30 ? 32  THR A C   1 
ATOM   230  O O   . THR A 1 35  ? -21.021 -1.422  -1.054  1.00 37.44 ? 32  THR A O   1 
ATOM   231  C CB  . THR A 1 35  ? -21.828 -4.123  -2.241  1.00 38.69 ? 32  THR A CB  1 
ATOM   232  O OG1 . THR A 1 35  ? -22.614 -5.317  -2.302  1.00 45.67 ? 32  THR A OG1 1 
ATOM   233  C CG2 . THR A 1 35  ? -20.490 -4.363  -2.906  1.00 30.89 ? 32  THR A CG2 1 
ATOM   234  N N   . MET A 1 36  ? -19.471 -2.794  -0.180  1.00 26.50 ? 33  MET A N   1 
ATOM   235  C CA  . MET A 1 36  ? -18.511 -1.714  0.015   1.00 26.24 ? 33  MET A CA  1 
ATOM   236  C C   . MET A 1 36  ? -18.125 -1.068  -1.301  1.00 27.54 ? 33  MET A C   1 
ATOM   237  O O   . MET A 1 36  ? -17.861 -1.748  -2.283  1.00 28.59 ? 33  MET A O   1 
ATOM   238  C CB  . MET A 1 36  ? -17.252 -2.211  0.718   1.00 26.34 ? 33  MET A CB  1 
ATOM   239  C CG  . MET A 1 36  ? -16.372 -1.090  1.246   1.00 27.66 ? 33  MET A CG  1 
ATOM   240  S SD  . MET A 1 36  ? -14.845 -1.722  1.964   1.00 34.65 ? 33  MET A SD  1 
ATOM   241  C CE  . MET A 1 36  ? -14.324 -0.334  2.976   1.00 28.47 ? 33  MET A CE  1 
ATOM   242  N N   . PHE A 1 37  ? -18.094 0.255   -1.304  1.00 26.88 ? 34  PHE A N   1 
ATOM   243  C CA  . PHE A 1 37  ? -17.710 1.015   -2.476  1.00 25.96 ? 34  PHE A CA  1 
ATOM   244  C C   . PHE A 1 37  ? -16.186 1.027   -2.627  1.00 24.95 ? 34  PHE A C   1 
ATOM   245  O O   . PHE A 1 37  ? -15.468 1.184   -1.650  1.00 24.66 ? 34  PHE A O   1 
ATOM   246  C CB  . PHE A 1 37  ? -18.272 2.439   -2.370  1.00 25.09 ? 34  PHE A CB  1 
ATOM   247  C CG  . PHE A 1 37  ? -17.917 3.298   -3.526  1.00 23.34 ? 34  PHE A CG  1 
ATOM   248  C CD1 . PHE A 1 37  ? -18.231 2.900   -4.819  1.00 27.44 ? 34  PHE A CD1 1 
ATOM   249  C CD2 . PHE A 1 37  ? -17.261 4.495   -3.335  1.00 26.67 ? 34  PHE A CD2 1 
ATOM   250  C CE1 . PHE A 1 37  ? -17.894 3.681   -5.900  1.00 26.72 ? 34  PHE A CE1 1 
ATOM   251  C CE2 . PHE A 1 37  ? -16.921 5.292   -4.410  1.00 26.61 ? 34  PHE A CE2 1 
ATOM   252  C CZ  . PHE A 1 37  ? -17.241 4.887   -5.696  1.00 30.18 ? 34  PHE A CZ  1 
ATOM   253  N N   . GLY A 1 38  ? -15.690 0.856   -3.848  1.00 28.98 ? 35  GLY A N   1 
ATOM   254  C CA  . GLY A 1 38  ? -14.257 0.778   -4.084  1.00 25.77 ? 35  GLY A CA  1 
ATOM   255  C C   . GLY A 1 38  ? -13.465 1.984   -3.593  1.00 26.00 ? 35  GLY A C   1 
ATOM   256  O O   . GLY A 1 38  ? -12.363 1.825   -3.063  1.00 23.25 ? 35  GLY A O   1 
ATOM   257  N N   . GLY A 1 39  ? -14.028 3.186   -3.748  1.00 21.74 ? 36  GLY A N   1 
ATOM   258  C CA  . GLY A 1 39  ? -13.361 4.406   -3.318  1.00 21.41 ? 36  GLY A CA  1 
ATOM   259  C C   . GLY A 1 39  ? -13.068 4.443   -1.823  1.00 24.08 ? 36  GLY A C   1 
ATOM   260  O O   . GLY A 1 39  ? -12.000 4.888   -1.381  1.00 24.34 ? 36  GLY A O   1 
ATOM   261  N N   . THR A 1 40  ? -14.024 3.967   -1.034  1.00 22.21 ? 37  THR A N   1 
ATOM   262  C CA  . THR A 1 40  ? -13.864 3.933   0.412   1.00 27.10 ? 37  THR A CA  1 
ATOM   263  C C   . THR A 1 40  ? -12.730 2.975   0.811   1.00 25.80 ? 37  THR A C   1 
ATOM   264  O O   . THR A 1 40  ? -11.872 3.306   1.659   1.00 23.91 ? 37  THR A O   1 
ATOM   265  C CB  . THR A 1 40  ? -15.185 3.528   1.095   1.00 25.87 ? 37  THR A CB  1 
ATOM   266  O OG1 . THR A 1 40  ? -16.224 4.407   0.650   1.00 28.65 ? 37  THR A OG1 1 
ATOM   267  C CG2 . THR A 1 40  ? -15.062 3.638   2.611   1.00 24.59 ? 37  THR A CG2 1 
ATOM   268  N N   . LEU A 1 41  ? -12.718 1.805   0.177   1.00 23.84 ? 38  LEU A N   1 
ATOM   269  C CA  . LEU A 1 41  ? -11.651 0.839   0.382   1.00 25.06 ? 38  LEU A CA  1 
ATOM   270  C C   . LEU A 1 41  ? -10.303 1.472   0.045   1.00 24.69 ? 38  LEU A C   1 
ATOM   271  O O   . LEU A 1 41  ? -9.333  1.322   0.788   1.00 25.15 ? 38  LEU A O   1 
ATOM   272  C CB  . LEU A 1 41  ? -11.880 -0.423  -0.459  1.00 23.34 ? 38  LEU A CB  1 
ATOM   273  C CG  . LEU A 1 41  ? -10.857 -1.535  -0.203  1.00 30.41 ? 38  LEU A CG  1 
ATOM   274  C CD1 . LEU A 1 41  ? -10.922 -2.021  1.247   1.00 29.06 ? 38  LEU A CD1 1 
ATOM   275  C CD2 . LEU A 1 41  ? -11.043 -2.704  -1.161  1.00 30.44 ? 38  LEU A CD2 1 
ATOM   276  N N   . MET A 1 42  ? -10.241 2.199   -1.064  1.00 23.26 ? 39  MET A N   1 
ATOM   277  C CA  . MET A 1 42  ? -8.977  2.820   -1.452  1.00 25.11 ? 39  MET A CA  1 
ATOM   278  C C   . MET A 1 42  ? -8.519  3.876   -0.445  1.00 28.07 ? 39  MET A C   1 
ATOM   279  O O   . MET A 1 42  ? -7.323  3.969   -0.142  1.00 27.71 ? 39  MET A O   1 
ATOM   280  C CB  . MET A 1 42  ? -9.089  3.425   -2.839  1.00 21.31 ? 39  MET A CB  1 
ATOM   281  C CG  . MET A 1 42  ? -9.010  2.377   -3.924  1.00 26.44 ? 39  MET A CG  1 
ATOM   282  S SD  . MET A 1 42  ? -8.829  3.137   -5.542  1.00 33.41 ? 39  MET A SD  1 
ATOM   283  C CE  . MET A 1 42  ? -10.504 3.679   -5.833  1.00 24.43 ? 39  MET A CE  1 
ATOM   284  N N   . ALA A 1 43  ? -9.466  4.658   0.081   1.00 23.62 ? 40  ALA A N   1 
ATOM   285  C CA  . ALA A 1 43  ? -9.142  5.588   1.156   1.00 26.16 ? 40  ALA A CA  1 
ATOM   286  C C   . ALA A 1 43  ? -8.486  4.849   2.346   1.00 22.99 ? 40  ALA A C   1 
ATOM   287  O O   . ALA A 1 43  ? -7.420  5.249   2.828   1.00 22.39 ? 40  ALA A O   1 
ATOM   288  C CB  . ALA A 1 43  ? -10.395 6.339   1.606   1.00 20.47 ? 40  ALA A CB  1 
ATOM   289  N N   . ASN A 1 44  ? -9.105  3.766   2.805   1.00 19.48 ? 41  ASN A N   1 
ATOM   290  C CA  . ASN A 1 44  ? -8.563  3.055   3.971   1.00 25.62 ? 41  ASN A CA  1 
ATOM   291  C C   . ASN A 1 44  ? -7.183  2.419   3.696   1.00 27.76 ? 41  ASN A C   1 
ATOM   292  O O   . ASN A 1 44  ? -6.263  2.491   4.545   1.00 24.20 ? 41  ASN A O   1 
ATOM   293  C CB  . ASN A 1 44  ? -9.559  1.998   4.450   1.00 19.61 ? 41  ASN A CB  1 
ATOM   294  C CG  . ASN A 1 44  ? -10.710 2.601   5.223   1.00 30.44 ? 41  ASN A CG  1 
ATOM   295  O OD1 . ASN A 1 44  ? -10.614 2.801   6.431   1.00 42.61 ? 41  ASN A OD1 1 
ATOM   296  N ND2 . ASN A 1 44  ? -11.805 2.897   4.538   1.00 24.62 ? 41  ASN A ND2 1 
ATOM   297  N N   . ILE A 1 45  ? -7.044  1.820   2.507   1.00 20.98 ? 42  ILE A N   1 
ATOM   298  C CA  . ILE A 1 45  ? -5.767  1.283   2.046   1.00 24.02 ? 42  ILE A CA  1 
ATOM   299  C C   . ILE A 1 45  ? -4.687  2.350   2.129   1.00 25.17 ? 42  ILE A C   1 
ATOM   300  O O   . ILE A 1 45  ? -3.600  2.114   2.682   1.00 22.24 ? 42  ILE A O   1 
ATOM   301  C CB  . ILE A 1 45  ? -5.855  0.756   0.591   1.00 28.35 ? 42  ILE A CB  1 
ATOM   302  C CG1 . ILE A 1 45  ? -6.701  -0.524  0.528   1.00 24.75 ? 42  ILE A CG1 1 
ATOM   303  C CG2 . ILE A 1 45  ? -4.457  0.525   0.010   1.00 21.97 ? 42  ILE A CG2 1 
ATOM   304  C CD1 . ILE A 1 45  ? -7.022  -0.972  -0.882  1.00 24.47 ? 42  ILE A CD1 1 
ATOM   305  N N   . ASP A 1 46  ? -4.996  3.535   1.603   1.00 22.25 ? 43  ASP A N   1 
ATOM   306  C CA  . ASP A 1 46  ? -4.023  4.621   1.616   1.00 25.01 ? 43  ASP A CA  1 
ATOM   307  C C   . ASP A 1 46  ? -3.687  5.082   3.034   1.00 26.34 ? 43  ASP A C   1 
ATOM   308  O O   . ASP A 1 46  ? -2.550  5.483   3.298   1.00 25.09 ? 43  ASP A O   1 
ATOM   309  C CB  . ASP A 1 46  ? -4.519  5.816   0.798   1.00 23.26 ? 43  ASP A CB  1 
ATOM   310  C CG  . ASP A 1 46  ? -3.413  6.827   0.524   1.00 27.49 ? 43  ASP A CG  1 
ATOM   311  O OD1 . ASP A 1 46  ? -2.309  6.415   0.083   1.00 27.80 ? 43  ASP A OD1 1 
ATOM   312  O OD2 . ASP A 1 46  ? -3.628  8.033   0.775   1.00 26.51 ? 43  ASP A OD2 1 
ATOM   313  N N   . GLU A 1 47  ? -4.672  5.034   3.934   1.00 22.50 ? 44  GLU A N   1 
ATOM   314  C CA  . GLU A 1 47  ? -4.469  5.420   5.328   1.00 26.33 ? 44  GLU A CA  1 
ATOM   315  C C   . GLU A 1 47  ? -3.472  4.523   6.067   1.00 25.54 ? 44  GLU A C   1 
ATOM   316  O O   . GLU A 1 47  ? -2.513  5.009   6.719   1.00 25.42 ? 44  GLU A O   1 
ATOM   317  C CB  . GLU A 1 47  ? -5.812  5.418   6.080   1.00 21.85 ? 44  GLU A CB  1 
ATOM   318  C CG  . GLU A 1 47  ? -6.687  6.587   5.709   1.00 29.07 ? 44  GLU A CG  1 
ATOM   319  C CD  . GLU A 1 47  ? -8.081  6.549   6.333   1.00 34.44 ? 44  GLU A CD  1 
ATOM   320  O OE1 . GLU A 1 47  ? -8.380  5.642   7.143   1.00 37.13 ? 44  GLU A OE1 1 
ATOM   321  O OE2 . GLU A 1 47  ? -8.890  7.444   5.999   1.00 38.54 ? 44  GLU A OE2 1 
ATOM   322  N N   . ILE A 1 48  ? -3.704  3.215   5.984   1.00 23.83 ? 45  ILE A N   1 
ATOM   323  C CA  . ILE A 1 48  ? -2.852  2.290   6.724   1.00 24.65 ? 45  ILE A CA  1 
ATOM   324  C C   . ILE A 1 48  ? -1.467  2.171   6.058   1.00 27.59 ? 45  ILE A C   1 
ATOM   325  O O   . ILE A 1 48  ? -0.439  2.043   6.766   1.00 24.74 ? 45  ILE A O   1 
ATOM   326  C CB  . ILE A 1 48  ? -3.511  0.895   6.874   1.00 24.74 ? 45  ILE A CB  1 
ATOM   327  C CG1 . ILE A 1 48  ? -2.694  0.031   7.851   1.00 28.23 ? 45  ILE A CG1 1 
ATOM   328  C CG2 . ILE A 1 48  ? -3.703  0.214   5.513   1.00 21.97 ? 45  ILE A CG2 1 
ATOM   329  C CD1 . ILE A 1 48  ? -2.570  0.650   9.254   1.00 23.68 ? 45  ILE A CD1 1 
ATOM   330  N N   . ALA A 1 49  ? -1.430  2.261   4.720   1.00 20.71 ? 46  ALA A N   1 
ATOM   331  C CA  . ALA A 1 49  ? -0.157  2.256   4.000   1.00 21.19 ? 46  ALA A CA  1 
ATOM   332  C C   . ALA A 1 49  ? 0.664   3.478   4.395   1.00 23.95 ? 46  ALA A C   1 
ATOM   333  O O   . ALA A 1 49  ? 1.875   3.371   4.628   1.00 24.87 ? 46  ALA A O   1 
ATOM   334  C CB  . ALA A 1 49  ? -0.373  2.221   2.485   1.00 21.38 ? 46  ALA A CB  1 
ATOM   335  N N   . ALA A 1 50  ? 0.010   4.637   4.472   1.00 20.35 ? 47  ALA A N   1 
ATOM   336  C CA  . ALA A 1 50  ? 0.704   5.851   4.902   1.00 22.90 ? 47  ALA A CA  1 
ATOM   337  C C   . ALA A 1 50  ? 1.300   5.663   6.306   1.00 27.62 ? 47  ALA A C   1 
ATOM   338  O O   . ALA A 1 50  ? 2.424   6.095   6.578   1.00 25.84 ? 47  ALA A O   1 
ATOM   339  C CB  . ALA A 1 50  ? -0.220  7.033   4.887   1.00 17.02 ? 47  ALA A CB  1 
ATOM   340  N N   . ILE A 1 51  ? 0.549   5.029   7.201   1.00 22.63 ? 48  ILE A N   1 
ATOM   341  C CA  . ILE A 1 51  ? 1.091   4.817   8.539   1.00 26.51 ? 48  ILE A CA  1 
ATOM   342  C C   . ILE A 1 51  ? 2.346   3.902   8.523   1.00 30.97 ? 48  ILE A C   1 
ATOM   343  O O   . ILE A 1 51  ? 3.367   4.215   9.167   1.00 26.72 ? 48  ILE A O   1 
ATOM   344  C CB  . ILE A 1 51  ? 0.014   4.252   9.468   1.00 25.35 ? 48  ILE A CB  1 
ATOM   345  C CG1 . ILE A 1 51  ? -1.050  5.336   9.712   1.00 27.61 ? 48  ILE A CG1 1 
ATOM   346  C CG2 . ILE A 1 51  ? 0.636   3.796   10.776  1.00 27.29 ? 48  ILE A CG2 1 
ATOM   347  C CD1 . ILE A 1 51  ? -2.262  4.867   10.464  1.00 23.22 ? 48  ILE A CD1 1 
ATOM   348  N N   . THR A 1 52  ? 2.291   2.800   7.771   1.00 28.07 ? 49  THR A N   1 
ATOM   349  C CA  . THR A 1 52  ? 3.454   1.917   7.664   1.00 27.58 ? 49  THR A CA  1 
ATOM   350  C C   . THR A 1 52  ? 4.666   2.661   7.093   1.00 29.72 ? 49  THR A C   1 
ATOM   351  O O   . THR A 1 52  ? 5.794   2.518   7.595   1.00 28.33 ? 49  THR A O   1 
ATOM   352  C CB  . THR A 1 52  ? 3.131   0.670   6.813   1.00 29.47 ? 49  THR A CB  1 
ATOM   353  O OG1 . THR A 1 52  ? 2.533   -0.311  7.661   1.00 29.43 ? 49  THR A OG1 1 
ATOM   354  C CG2 . THR A 1 52  ? 4.393   0.052   6.186   1.00 25.92 ? 49  THR A CG2 1 
ATOM   355  N N   . ALA A 1 53  ? 4.435   3.484   6.077   1.00 25.41 ? 50  ALA A N   1 
ATOM   356  C CA  . ALA A 1 53  ? 5.543   4.211   5.460   1.00 31.91 ? 50  ALA A CA  1 
ATOM   357  C C   . ALA A 1 53  ? 6.123   5.247   6.427   1.00 33.63 ? 50  ALA A C   1 
ATOM   358  O O   . ALA A 1 53  ? 7.334   5.515   6.409   1.00 32.77 ? 50  ALA A O   1 
ATOM   359  C CB  . ALA A 1 53  ? 5.103   4.878   4.156   1.00 23.36 ? 50  ALA A CB  1 
ATOM   360  N N   . MET A 1 54  ? 5.261   5.827   7.266   1.00 29.53 ? 51  MET A N   1 
ATOM   361  C CA  . MET A 1 54  ? 5.718   6.781   8.274   1.00 30.87 ? 51  MET A CA  1 
ATOM   362  C C   . MET A 1 54  ? 6.616   6.090   9.301   1.00 31.44 ? 51  MET A C   1 
ATOM   363  O O   . MET A 1 54  ? 7.664   6.614   9.665   1.00 30.26 ? 51  MET A O   1 
ATOM   364  C CB  . MET A 1 54  ? 4.539   7.445   8.994   1.00 31.61 ? 51  MET A CB  1 
ATOM   365  C CG  . MET A 1 54  ? 3.769   8.481   8.177   1.00 35.41 ? 51  MET A CG  1 
ATOM   366  S SD  . MET A 1 54  ? 2.454   9.286   9.160   1.00 41.74 ? 51  MET A SD  1 
ATOM   367  C CE  . MET A 1 54  ? 3.423   10.264  10.324  1.00 34.34 ? 51  MET A CE  1 
ATOM   368  N N   . LYS A 1 55  ? 6.193   4.924   9.782   1.00 26.16 ? 52  LYS A N   1 
ATOM   369  C CA  . LYS A 1 55  ? 7.000   4.186   10.745  1.00 35.59 ? 52  LYS A CA  1 
ATOM   370  C C   . LYS A 1 55  ? 8.366   3.827   10.136  1.00 39.58 ? 52  LYS A C   1 
ATOM   371  O O   . LYS A 1 55  ? 9.397   4.087   10.750  1.00 37.53 ? 52  LYS A O   1 
ATOM   372  C CB  . LYS A 1 55  ? 6.267   2.918   11.236  1.00 32.04 ? 52  LYS A CB  1 
ATOM   373  C CG  . LYS A 1 55  ? 4.902   3.208   11.865  1.00 36.00 ? 52  LYS A CG  1 
ATOM   374  C CD  . LYS A 1 55  ? 4.301   1.992   12.546  1.00 36.56 ? 52  LYS A CD  1 
ATOM   375  C CE  . LYS A 1 55  ? 4.864   1.781   13.947  1.00 55.00 ? 52  LYS A CE  1 
ATOM   376  N NZ  . LYS A 1 55  ? 4.109   0.761   14.728  1.00 44.93 ? 52  LYS A NZ  1 
ATOM   377  N N   . HIS A 1 56  ? 8.376   3.258   8.930   1.00 34.71 ? 53  HIS A N   1 
ATOM   378  C CA  . HIS A 1 56  ? 9.637   2.879   8.303   1.00 32.64 ? 53  HIS A CA  1 
ATOM   379  C C   . HIS A 1 56  ? 10.564  4.076   8.066   1.00 38.53 ? 53  HIS A C   1 
ATOM   380  O O   . HIS A 1 56  ? 11.752  4.016   8.393   1.00 33.53 ? 53  HIS A O   1 
ATOM   381  C CB  . HIS A 1 56  ? 9.395   2.166   6.974   1.00 31.93 ? 53  HIS A CB  1 
ATOM   382  C CG  . HIS A 1 56  ? 10.654  1.747   6.286   1.00 33.15 ? 53  HIS A CG  1 
ATOM   383  N ND1 . HIS A 1 56  ? 11.241  0.519   6.497   1.00 36.90 ? 53  HIS A ND1 1 
ATOM   384  C CD2 . HIS A 1 56  ? 11.456  2.401   5.413   1.00 35.06 ? 53  HIS A CD2 1 
ATOM   385  C CE1 . HIS A 1 56  ? 12.338  0.424   5.766   1.00 35.25 ? 53  HIS A CE1 1 
ATOM   386  N NE2 . HIS A 1 56  ? 12.495  1.556   5.104   1.00 37.84 ? 53  HIS A NE2 1 
ATOM   387  N N   . ALA A 1 57  ? 10.023  5.159   7.506   1.00 37.63 ? 54  ALA A N   1 
ATOM   388  C CA  . ALA A 1 57  ? 10.834  6.331   7.168   1.00 35.14 ? 54  ALA A CA  1 
ATOM   389  C C   . ALA A 1 57  ? 11.211  7.164   8.393   1.00 36.26 ? 54  ALA A C   1 
ATOM   390  O O   . ALA A 1 57  ? 12.190  7.921   8.365   1.00 35.84 ? 54  ALA A O   1 
ATOM   391  C CB  . ALA A 1 57  ? 10.103  7.201   6.162   1.00 31.76 ? 54  ALA A CB  1 
ATOM   392  N N   . GLY A 1 58  ? 10.435  7.026   9.463   1.00 31.65 ? 55  GLY A N   1 
ATOM   393  C CA  . GLY A 1 58  ? 10.557  7.914   10.602  1.00 28.66 ? 55  GLY A CA  1 
ATOM   394  C C   . GLY A 1 58  ? 10.323  9.351   10.174  1.00 37.86 ? 55  GLY A C   1 
ATOM   395  O O   . GLY A 1 58  ? 11.041  10.250  10.608  1.00 43.22 ? 55  GLY A O   1 
ATOM   396  N N   . ALA A 1 59  ? 9.323   9.573   9.317   1.00 38.96 ? 56  ALA A N   1 
ATOM   397  C CA  . ALA A 1 59  ? 9.087   10.904  8.744   1.00 40.90 ? 56  ALA A CA  1 
ATOM   398  C C   . ALA A 1 59  ? 7.673   11.081  8.174   1.00 38.94 ? 56  ALA A C   1 
ATOM   399  O O   . ALA A 1 59  ? 6.914   10.121  8.058   1.00 39.81 ? 56  ALA A O   1 
ATOM   400  C CB  . ALA A 1 59  ? 10.124  11.187  7.657   1.00 39.32 ? 56  ALA A CB  1 
ATOM   401  N N   . GLN A 1 60  ? 7.320   12.314  7.818   1.00 42.54 ? 57  GLN A N   1 
ATOM   402  C CA  . GLN A 1 60  ? 6.068   12.564  7.096   1.00 47.20 ? 57  GLN A CA  1 
ATOM   403  C C   . GLN A 1 60  ? 6.194   11.989  5.689   1.00 40.30 ? 57  GLN A C   1 
ATOM   404  O O   . GLN A 1 60  ? 7.267   12.004  5.107   1.00 42.40 ? 57  GLN A O   1 
ATOM   405  C CB  . GLN A 1 60  ? 5.735   14.062  7.024   1.00 43.69 ? 57  GLN A CB  1 
ATOM   406  C CG  . GLN A 1 60  ? 5.538   14.743  8.378   1.00 48.64 ? 57  GLN A CG  1 
ATOM   407  C CD  . GLN A 1 60  ? 4.279   14.297  9.109   1.00 54.19 ? 57  GLN A CD  1 
ATOM   408  O OE1 . GLN A 1 60  ? 3.327   13.797  8.501   1.00 61.38 ? 57  GLN A OE1 1 
ATOM   409  N NE2 . GLN A 1 60  ? 4.272   14.477  10.426  1.00 56.17 ? 57  GLN A NE2 1 
ATOM   410  N N   . VAL A 1 61  ? 5.102   11.466  5.153   1.00 33.41 ? 58  VAL A N   1 
ATOM   411  C CA  . VAL A 1 61  ? 5.123   10.890  3.822   1.00 32.23 ? 58  VAL A CA  1 
ATOM   412  C C   . VAL A 1 61  ? 3.996   11.447  2.964   1.00 36.80 ? 58  VAL A C   1 
ATOM   413  O O   . VAL A 1 61  ? 3.029   11.998  3.490   1.00 38.85 ? 58  VAL A O   1 
ATOM   414  C CB  . VAL A 1 61  ? 4.986   9.372   3.871   1.00 33.59 ? 58  VAL A CB  1 
ATOM   415  C CG1 . VAL A 1 61  ? 6.187   8.751   4.572   1.00 30.52 ? 58  VAL A CG1 1 
ATOM   416  C CG2 . VAL A 1 61  ? 3.673   8.986   4.554   1.00 29.67 ? 58  VAL A CG2 1 
ATOM   417  N N   . VAL A 1 62  ? 4.134   11.322  1.646   1.00 31.85 ? 59  VAL A N   1 
ATOM   418  C CA  . VAL A 1 62  ? 2.998   11.518  0.756   1.00 29.57 ? 59  VAL A CA  1 
ATOM   419  C C   . VAL A 1 62  ? 2.899   10.365  -0.221  1.00 28.51 ? 59  VAL A C   1 
ATOM   420  O O   . VAL A 1 62  ? 3.913   9.747   -0.563  1.00 27.00 ? 59  VAL A O   1 
ATOM   421  C CB  . VAL A 1 62  ? 3.082   12.841  -0.046  1.00 38.19 ? 59  VAL A CB  1 
ATOM   422  C CG1 . VAL A 1 62  ? 2.871   14.035  0.875   1.00 35.73 ? 59  VAL A CG1 1 
ATOM   423  C CG2 . VAL A 1 62  ? 4.407   12.935  -0.796  1.00 26.93 ? 59  VAL A CG2 1 
ATOM   424  N N   . THR A 1 63  ? 1.675   10.086  -0.672  1.00 29.58 ? 60  THR A N   1 
ATOM   425  C CA  . THR A 1 63  ? 1.453   9.109   -1.738  1.00 25.25 ? 60  THR A CA  1 
ATOM   426  C C   . THR A 1 63  ? 1.915   9.658   -3.093  1.00 29.16 ? 60  THR A C   1 
ATOM   427  O O   . THR A 1 63  ? 1.369   10.639  -3.594  1.00 30.43 ? 60  THR A O   1 
ATOM   428  C CB  . THR A 1 63  ? -0.016  8.718   -1.851  1.00 24.78 ? 60  THR A CB  1 
ATOM   429  O OG1 . THR A 1 63  ? -0.595  8.599   -0.539  1.00 28.15 ? 60  THR A OG1 1 
ATOM   430  C CG2 . THR A 1 63  ? -0.153  7.410   -2.608  1.00 20.92 ? 60  THR A CG2 1 
ATOM   431  N N   . ALA A 1 64  ? 2.933   9.035   -3.677  1.00 29.34 ? 61  ALA A N   1 
ATOM   432  C CA  . ALA A 1 64  ? 3.424   9.450   -4.989  1.00 36.49 ? 61  ALA A CA  1 
ATOM   433  C C   . ALA A 1 64  ? 2.606   8.808   -6.106  1.00 31.59 ? 61  ALA A C   1 
ATOM   434  O O   . ALA A 1 64  ? 2.369   9.416   -7.146  1.00 35.75 ? 61  ALA A O   1 
ATOM   435  C CB  . ALA A 1 64  ? 4.899   9.100   -5.148  1.00 32.57 ? 61  ALA A CB  1 
ATOM   436  N N   . SER A 1 65  ? 2.180   7.573   -5.884  1.00 28.10 ? 62  SER A N   1 
ATOM   437  C CA  . SER A 1 65  ? 1.376   6.876   -6.860  1.00 31.02 ? 62  SER A CA  1 
ATOM   438  C C   . SER A 1 65  ? 0.726   5.641   -6.271  1.00 34.74 ? 62  SER A C   1 
ATOM   439  O O   . SER A 1 65  ? 1.260   5.017   -5.352  1.00 30.73 ? 62  SER A O   1 
ATOM   440  C CB  . SER A 1 65  ? 2.222   6.478   -8.071  1.00 36.54 ? 62  SER A CB  1 
ATOM   441  O OG  . SER A 1 65  ? 3.026   5.354   -7.786  1.00 37.32 ? 62  SER A OG  1 
ATOM   442  N N   . THR A 1 66  ? -0.441  5.294   -6.797  1.00 35.12 ? 63  THR A N   1 
ATOM   443  C CA  . THR A 1 66  ? -1.012  3.995   -6.509  1.00 34.94 ? 63  THR A CA  1 
ATOM   444  C C   . THR A 1 66  ? -0.633  3.112   -7.671  1.00 34.66 ? 63  THR A C   1 
ATOM   445  O O   . THR A 1 66  ? -1.018  3.373   -8.804  1.00 35.79 ? 63  THR A O   1 
ATOM   446  C CB  . THR A 1 66  ? -2.519  4.033   -6.337  1.00 28.77 ? 63  THR A CB  1 
ATOM   447  O OG1 . THR A 1 66  ? -2.847  5.015   -5.351  1.00 27.86 ? 63  THR A OG1 1 
ATOM   448  C CG2 . THR A 1 66  ? -3.020  2.670   -5.880  1.00 28.20 ? 63  THR A CG2 1 
ATOM   449  N N   . ASP A 1 67  ? 0.163   2.089   -7.396  1.00 31.30 ? 64  ASP A N   1 
ATOM   450  C CA  . ASP A 1 67  ? 0.698   1.266   -8.462  1.00 35.02 ? 64  ASP A CA  1 
ATOM   451  C C   . ASP A 1 67  ? -0.352  0.272   -8.881  1.00 34.76 ? 64  ASP A C   1 
ATOM   452  O O   . ASP A 1 67  ? -0.454  -0.051  -10.057 1.00 38.24 ? 64  ASP A O   1 
ATOM   453  C CB  . ASP A 1 67  ? 1.978   0.566   -8.019  1.00 33.77 ? 64  ASP A CB  1 
ATOM   454  C CG  . ASP A 1 67  ? 2.996   1.541   -7.472  1.00 38.11 ? 64  ASP A CG  1 
ATOM   455  O OD1 . ASP A 1 67  ? 3.053   2.673   -8.004  1.00 36.83 ? 64  ASP A OD1 1 
ATOM   456  O OD2 . ASP A 1 67  ? 3.715   1.188   -6.501  1.00 40.12 ? 64  ASP A OD2 1 
ATOM   457  N N   . SER A 1 68  ? -1.143  -0.202  -7.923  1.00 32.81 ? 65  SER A N   1 
ATOM   458  C CA  . SER A 1 68  ? -2.312  -1.005  -8.279  1.00 32.79 ? 65  SER A CA  1 
ATOM   459  C C   . SER A 1 68  ? -3.196  -1.329  -7.086  1.00 28.39 ? 65  SER A C   1 
ATOM   460  O O   . SER A 1 68  ? -2.725  -1.473  -5.957  1.00 29.91 ? 65  SER A O   1 
ATOM   461  C CB  . SER A 1 68  ? -1.899  -2.320  -8.951  1.00 31.11 ? 65  SER A CB  1 
ATOM   462  O OG  . SER A 1 68  ? -1.455  -3.258  -7.986  1.00 38.90 ? 65  SER A OG  1 
ATOM   463  N N   . VAL A 1 69  ? -4.491  -1.444  -7.348  1.00 34.08 ? 66  VAL A N   1 
ATOM   464  C CA  . VAL A 1 69  ? -5.403  -2.052  -6.393  1.00 32.04 ? 66  VAL A CA  1 
ATOM   465  C C   . VAL A 1 69  ? -6.135  -3.174  -7.100  1.00 32.15 ? 66  VAL A C   1 
ATOM   466  O O   . VAL A 1 69  ? -6.808  -2.960  -8.091  1.00 35.10 ? 66  VAL A O   1 
ATOM   467  C CB  . VAL A 1 69  ? -6.424  -1.059  -5.815  1.00 28.48 ? 66  VAL A CB  1 
ATOM   468  C CG1 . VAL A 1 69  ? -7.254  -1.732  -4.722  1.00 21.62 ? 66  VAL A CG1 1 
ATOM   469  C CG2 . VAL A 1 69  ? -5.724  0.164   -5.275  1.00 28.86 ? 66  VAL A CG2 1 
ATOM   470  N N   . ASP A 1 70  ? -5.986  -4.379  -6.588  1.00 31.27 ? 67  ASP A N   1 
ATOM   471  C CA  . ASP A 1 70  ? -6.699  -5.511  -7.118  1.00 34.00 ? 67  ASP A CA  1 
ATOM   472  C C   . ASP A 1 70  ? -7.842  -5.863  -6.178  1.00 32.52 ? 67  ASP A C   1 
ATOM   473  O O   . ASP A 1 70  ? -7.607  -6.279  -5.032  1.00 35.01 ? 67  ASP A O   1 
ATOM   474  C CB  . ASP A 1 70  ? -5.759  -6.697  -7.292  1.00 37.17 ? 67  ASP A CB  1 
ATOM   475  C CG  . ASP A 1 70  ? -6.143  -7.566  -8.462  1.00 55.59 ? 67  ASP A CG  1 
ATOM   476  O OD1 . ASP A 1 70  ? -7.207  -7.295  -9.072  1.00 54.76 ? 67  ASP A OD1 1 
ATOM   477  O OD2 . ASP A 1 70  ? -5.392  -8.526  -8.764  1.00 64.15 ? 67  ASP A OD2 1 
ATOM   478  N N   . PHE A 1 71  ? -9.067  -5.674  -6.669  1.00 30.54 ? 68  PHE A N   1 
ATOM   479  C CA  . PHE A 1 71  ? -10.284 -6.003  -5.933  1.00 33.65 ? 68  PHE A CA  1 
ATOM   480  C C   . PHE A 1 71  ? -10.751 -7.428  -6.235  1.00 36.10 ? 68  PHE A C   1 
ATOM   481  O O   . PHE A 1 71  ? -11.380 -7.663  -7.260  1.00 38.90 ? 68  PHE A O   1 
ATOM   482  C CB  . PHE A 1 71  ? -11.413 -5.030  -6.282  1.00 31.08 ? 68  PHE A CB  1 
ATOM   483  C CG  . PHE A 1 71  ? -11.091 -3.579  -6.036  1.00 28.79 ? 68  PHE A CG  1 
ATOM   484  C CD1 . PHE A 1 71  ? -10.567 -2.788  -7.053  1.00 24.96 ? 68  PHE A CD1 1 
ATOM   485  C CD2 . PHE A 1 71  ? -11.356 -2.991  -4.801  1.00 29.42 ? 68  PHE A CD2 1 
ATOM   486  C CE1 . PHE A 1 71  ? -10.294 -1.434  -6.846  1.00 26.59 ? 68  PHE A CE1 1 
ATOM   487  C CE2 . PHE A 1 71  ? -11.086 -1.630  -4.582  1.00 29.61 ? 68  PHE A CE2 1 
ATOM   488  C CZ  . PHE A 1 71  ? -10.558 -0.852  -5.614  1.00 25.06 ? 68  PHE A CZ  1 
ATOM   489  N N   . LEU A 1 72  ? -10.485 -8.355  -5.317  1.00 36.74 ? 69  LEU A N   1 
ATOM   490  C CA  . LEU A 1 72  ? -10.663 -9.796  -5.553  1.00 39.26 ? 69  LEU A CA  1 
ATOM   491  C C   . LEU A 1 72  ? -12.046 -10.343 -5.187  1.00 41.25 ? 69  LEU A C   1 
ATOM   492  O O   . LEU A 1 72  ? -12.566 -11.233 -5.861  1.00 44.88 ? 69  LEU A O   1 
ATOM   493  C CB  . LEU A 1 72  ? -9.598  -10.573 -4.769  1.00 34.15 ? 69  LEU A CB  1 
ATOM   494  C CG  . LEU A 1 72  ? -8.179  -10.028 -4.938  1.00 37.25 ? 69  LEU A CG  1 
ATOM   495  C CD1 . LEU A 1 72  ? -7.233  -10.686 -3.950  1.00 37.44 ? 69  LEU A CD1 1 
ATOM   496  C CD2 . LEU A 1 72  ? -7.697  -10.233 -6.366  1.00 29.68 ? 69  LEU A CD2 1 
ATOM   497  N N   . LYS A 1 73  ? -12.618 -9.826  -4.104  1.00 41.30 ? 70  LYS A N   1 
ATOM   498  C CA  . LYS A 1 73  ? -13.916 -10.275 -3.599  1.00 40.44 ? 70  LYS A CA  1 
ATOM   499  C C   . LYS A 1 73  ? -14.831 -9.091  -3.337  1.00 43.90 ? 70  LYS A C   1 
ATOM   500  O O   . LYS A 1 73  ? -14.364 -7.999  -2.997  1.00 45.56 ? 70  LYS A O   1 
ATOM   501  C CB  . LYS A 1 73  ? -13.772 -11.062 -2.292  1.00 36.91 ? 70  LYS A CB  1 
ATOM   502  C CG  . LYS A 1 73  ? -13.264 -12.471 -2.412  1.00 44.06 ? 70  LYS A CG  1 
ATOM   503  C CD  . LYS A 1 73  ? -13.468 -13.205 -1.088  1.00 44.59 ? 70  LYS A CD  1 
ATOM   504  C CE  . LYS A 1 73  ? -13.077 -14.668 -1.203  1.00 63.80 ? 70  LYS A CE  1 
ATOM   505  N NZ  . LYS A 1 73  ? -11.651 -14.834 -1.632  1.00 63.46 ? 70  LYS A NZ  1 
ATOM   506  N N   . PRO A 1 74  ? -16.142 -9.301  -3.487  1.00 42.89 ? 71  PRO A N   1 
ATOM   507  C CA  . PRO A 1 74  ? -17.081 -8.326  -2.934  1.00 39.86 ? 71  PRO A CA  1 
ATOM   508  C C   . PRO A 1 74  ? -16.997 -8.311  -1.406  1.00 37.13 ? 71  PRO A C   1 
ATOM   509  O O   . PRO A 1 74  ? -16.794 -9.347  -0.771  1.00 35.45 ? 71  PRO A O   1 
ATOM   510  C CB  . PRO A 1 74  ? -18.445 -8.833  -3.417  1.00 38.43 ? 71  PRO A CB  1 
ATOM   511  C CG  . PRO A 1 74  ? -18.138 -9.655  -4.623  1.00 38.93 ? 71  PRO A CG  1 
ATOM   512  C CD  . PRO A 1 74  ? -16.811 -10.300 -4.334  1.00 41.87 ? 71  PRO A CD  1 
ATOM   513  N N   . ILE A 1 75  ? -17.142 -7.124  -0.835  1.00 34.79 ? 72  ILE A N   1 
ATOM   514  C CA  . ILE A 1 75  ? -17.065 -6.912  0.599   1.00 31.55 ? 72  ILE A CA  1 
ATOM   515  C C   . ILE A 1 75  ? -18.415 -6.376  1.058   1.00 32.42 ? 72  ILE A C   1 
ATOM   516  O O   . ILE A 1 75  ? -18.887 -5.365  0.551   1.00 35.20 ? 72  ILE A O   1 
ATOM   517  C CB  . ILE A 1 75  ? -15.924 -5.925  0.942   1.00 33.06 ? 72  ILE A CB  1 
ATOM   518  C CG1 . ILE A 1 75  ? -14.574 -6.516  0.521   1.00 30.00 ? 72  ILE A CG1 1 
ATOM   519  C CG2 . ILE A 1 75  ? -15.923 -5.556  2.422   1.00 31.56 ? 72  ILE A CG2 1 
ATOM   520  C CD1 . ILE A 1 75  ? -13.500 -5.465  0.258   1.00 24.82 ? 72  ILE A CD1 1 
ATOM   521  N N   . LYS A 1 76  ? -19.053 -7.056  2.000   1.00 31.71 ? 73  LYS A N   1 
ATOM   522  C CA  . LYS A 1 76  ? -20.415 -6.697  2.370   1.00 28.14 ? 73  LYS A CA  1 
ATOM   523  C C   . LYS A 1 76  ? -20.497 -5.952  3.706   1.00 33.66 ? 73  LYS A C   1 
ATOM   524  O O   . LYS A 1 76  ? -19.612 -6.081  4.553   1.00 32.83 ? 73  LYS A O   1 
ATOM   525  C CB  . LYS A 1 76  ? -21.278 -7.957  2.422   1.00 31.26 ? 73  LYS A CB  1 
ATOM   526  C CG  . LYS A 1 76  ? -21.457 -8.653  1.080   1.00 40.33 ? 73  LYS A CG  1 
ATOM   527  C CD  . LYS A 1 76  ? -22.601 -8.030  0.274   1.00 39.88 ? 73  LYS A CD  1 
ATOM   528  C CE  . LYS A 1 76  ? -22.790 -8.722  -1.069  1.00 56.87 ? 73  LYS A CE  1 
ATOM   529  N NZ  . LYS A 1 76  ? -23.095 -10.183 -0.943  1.00 62.71 ? 73  LYS A NZ  1 
ATOM   530  N N   . THR A 1 77  ? -21.567 -5.175  3.885   1.00 33.01 ? 74  THR A N   1 
ATOM   531  C CA  . THR A 1 77  ? -21.825 -4.484  5.147   1.00 31.07 ? 74  THR A CA  1 
ATOM   532  C C   . THR A 1 77  ? -21.703 -5.440  6.321   1.00 30.39 ? 74  THR A C   1 
ATOM   533  O O   . THR A 1 77  ? -22.207 -6.549  6.242   1.00 37.42 ? 74  THR A O   1 
ATOM   534  C CB  . THR A 1 77  ? -23.223 -3.883  5.181   1.00 27.09 ? 74  THR A CB  1 
ATOM   535  O OG1 . THR A 1 77  ? -23.411 -3.065  4.029   1.00 36.62 ? 74  THR A OG1 1 
ATOM   536  C CG2 . THR A 1 77  ? -23.431 -3.062  6.449   1.00 26.69 ? 74  THR A CG2 1 
ATOM   537  N N   . GLY A 1 78  ? -21.041 -5.021  7.397   1.00 27.99 ? 75  GLY A N   1 
ATOM   538  C CA  . GLY A 1 78  ? -20.872 -5.879  8.557   1.00 28.50 ? 75  GLY A CA  1 
ATOM   539  C C   . GLY A 1 78  ? -19.526 -6.586  8.572   1.00 36.52 ? 75  GLY A C   1 
ATOM   540  O O   . GLY A 1 78  ? -18.989 -6.871  9.649   1.00 36.08 ? 75  GLY A O   1 
ATOM   541  N N   . ASP A 1 79  ? -18.974 -6.859  7.388   1.00 29.19 ? 76  ASP A N   1 
ATOM   542  C CA  . ASP A 1 79  ? -17.666 -7.503  7.285   1.00 33.73 ? 76  ASP A CA  1 
ATOM   543  C C   . ASP A 1 79  ? -16.592 -6.770  8.080   1.00 36.25 ? 76  ASP A C   1 
ATOM   544  O O   . ASP A 1 79  ? -16.503 -5.537  8.048   1.00 34.56 ? 76  ASP A O   1 
ATOM   545  C CB  . ASP A 1 79  ? -17.206 -7.604  5.830   1.00 33.88 ? 76  ASP A CB  1 
ATOM   546  C CG  . ASP A 1 79  ? -17.879 -8.728  5.083   1.00 38.12 ? 76  ASP A CG  1 
ATOM   547  O OD1 . ASP A 1 79  ? -18.694 -9.434  5.711   1.00 41.99 ? 76  ASP A OD1 1 
ATOM   548  O OD2 . ASP A 1 79  ? -17.583 -8.909  3.879   1.00 39.25 ? 76  ASP A OD2 1 
ATOM   549  N N   . ILE A 1 80  ? -15.792 -7.550  8.796   1.00 34.19 ? 77  ILE A N   1 
ATOM   550  C CA  . ILE A 1 80  ? -14.601 -7.058  9.456   1.00 26.75 ? 77  ILE A CA  1 
ATOM   551  C C   . ILE A 1 80  ? -13.446 -7.158  8.472   1.00 27.76 ? 77  ILE A C   1 
ATOM   552  O O   . ILE A 1 80  ? -13.122 -8.241  7.993   1.00 29.98 ? 77  ILE A O   1 
ATOM   553  C CB  . ILE A 1 80  ? -14.299 -7.865  10.732  1.00 27.39 ? 77  ILE A CB  1 
ATOM   554  C CG1 . ILE A 1 80  ? -15.450 -7.731  11.729  1.00 31.46 ? 77  ILE A CG1 1 
ATOM   555  C CG2 . ILE A 1 80  ? -12.987 -7.437  11.359  1.00 21.45 ? 77  ILE A CG2 1 
ATOM   556  C CD1 . ILE A 1 80  ? -15.229 -8.559  12.997  1.00 30.47 ? 77  ILE A CD1 1 
ATOM   557  N N   . LEU A 1 81  ? -12.839 -6.027  8.150   1.00 25.84 ? 78  LEU A N   1 
ATOM   558  C CA  . LEU A 1 81  ? -11.665 -6.025  7.288   1.00 24.91 ? 78  LEU A CA  1 
ATOM   559  C C   . LEU A 1 81  ? -10.401 -5.902  8.139   1.00 26.51 ? 78  LEU A C   1 
ATOM   560  O O   . LEU A 1 81  ? -10.340 -5.086  9.074   1.00 25.77 ? 78  LEU A O   1 
ATOM   561  C CB  . LEU A 1 81  ? -11.738 -4.882  6.261   1.00 20.09 ? 78  LEU A CB  1 
ATOM   562  C CG  . LEU A 1 81  ? -12.807 -5.004  5.171   1.00 24.05 ? 78  LEU A CG  1 
ATOM   563  C CD1 . LEU A 1 81  ? -12.691 -3.881  4.145   1.00 17.26 ? 78  LEU A CD1 1 
ATOM   564  C CD2 . LEU A 1 81  ? -12.720 -6.373  4.484   1.00 27.56 ? 78  LEU A CD2 1 
ATOM   565  N N   . GLN A 1 82  ? -9.421  -6.749  7.829   1.00 23.88 ? 79  GLN A N   1 
ATOM   566  C CA  . GLN A 1 82  ? -8.079  -6.669  8.389   1.00 24.92 ? 79  GLN A CA  1 
ATOM   567  C C   . GLN A 1 82  ? -7.125  -6.168  7.321   1.00 21.28 ? 79  GLN A C   1 
ATOM   568  O O   . GLN A 1 82  ? -6.961  -6.804  6.285   1.00 24.02 ? 79  GLN A O   1 
ATOM   569  C CB  . GLN A 1 82  ? -7.593  -8.027  8.905   1.00 22.55 ? 79  GLN A CB  1 
ATOM   570  C CG  . GLN A 1 82  ? -6.230  -7.936  9.567   1.00 21.99 ? 79  GLN A CG  1 
ATOM   571  C CD  . GLN A 1 82  ? -5.454  -9.252  9.597   1.00 34.67 ? 79  GLN A CD  1 
ATOM   572  O OE1 . GLN A 1 82  ? -5.278  -9.919  8.570   1.00 33.26 ? 79  GLN A OE1 1 
ATOM   573  N NE2 . GLN A 1 82  ? -4.955  -9.613  10.781  1.00 24.71 ? 79  GLN A NE2 1 
ATOM   574  N N   . TYR A 1 83  ? -6.522  -5.011  7.562   1.00 20.69 ? 80  TYR A N   1 
ATOM   575  C CA  . TYR A 1 83  ? -5.515  -4.468  6.668   1.00 22.85 ? 80  TYR A CA  1 
ATOM   576  C C   . TYR A 1 83  ? -4.150  -4.700  7.288   1.00 24.96 ? 80  TYR A C   1 
ATOM   577  O O   . TYR A 1 83  ? -3.927  -4.395  8.469   1.00 26.46 ? 80  TYR A O   1 
ATOM   578  C CB  . TYR A 1 83  ? -5.701  -2.968  6.426   1.00 19.85 ? 80  TYR A CB  1 
ATOM   579  C CG  . TYR A 1 83  ? -7.072  -2.508  5.987   1.00 24.21 ? 80  TYR A CG  1 
ATOM   580  C CD1 . TYR A 1 83  ? -8.159  -2.545  6.862   1.00 21.92 ? 80  TYR A CD1 1 
ATOM   581  C CD2 . TYR A 1 83  ? -7.266  -1.949  4.723   1.00 20.86 ? 80  TYR A CD2 1 
ATOM   582  C CE1 . TYR A 1 83  ? -9.410  -2.091  6.471   1.00 21.00 ? 80  TYR A CE1 1 
ATOM   583  C CE2 . TYR A 1 83  ? -8.517  -1.492  4.324   1.00 21.27 ? 80  TYR A CE2 1 
ATOM   584  C CZ  . TYR A 1 83  ? -9.577  -1.565  5.203   1.00 23.40 ? 80  TYR A CZ  1 
ATOM   585  O OH  . TYR A 1 83  ? -10.807 -1.115  4.806   1.00 26.72 ? 80  TYR A OH  1 
ATOM   586  N N   . VAL A 1 84  ? -3.237  -5.224  6.487   1.00 20.78 ? 81  VAL A N   1 
ATOM   587  C CA  . VAL A 1 84  ? -1.862  -5.377  6.905   1.00 23.20 ? 81  VAL A CA  1 
ATOM   588  C C   . VAL A 1 84  ? -0.998  -4.691  5.874   1.00 21.26 ? 81  VAL A C   1 
ATOM   589  O O   . VAL A 1 84  ? -0.985  -5.094  4.713   1.00 23.63 ? 81  VAL A O   1 
ATOM   590  C CB  . VAL A 1 84  ? -1.442  -6.864  7.029   1.00 24.60 ? 81  VAL A CB  1 
ATOM   591  C CG1 . VAL A 1 84  ? -0.051  -6.972  7.624   1.00 26.66 ? 81  VAL A CG1 1 
ATOM   592  C CG2 . VAL A 1 84  ? -2.437  -7.627  7.866   1.00 25.31 ? 81  VAL A CG2 1 
ATOM   593  N N   . ALA A 1 85  ? -0.294  -3.645  6.289   1.00 23.93 ? 82  ALA A N   1 
ATOM   594  C CA  . ALA A 1 85  ? 0.642   -2.965  5.404   1.00 24.52 ? 82  ALA A CA  1 
ATOM   595  C C   . ALA A 1 85  ? 2.089   -3.258  5.805   1.00 28.43 ? 82  ALA A C   1 
ATOM   596  O O   . ALA A 1 85  ? 2.410   -3.370  7.008   1.00 25.46 ? 82  ALA A O   1 
ATOM   597  C CB  . ALA A 1 85  ? 0.396   -1.465  5.411   1.00 17.65 ? 82  ALA A CB  1 
ATOM   598  N N   . MET A 1 86  ? 2.957   -3.375  4.800   1.00 27.12 ? 83  MET A N   1 
ATOM   599  C CA  . MET A 1 86  ? 4.395   -3.426  5.059   1.00 28.45 ? 83  MET A CA  1 
ATOM   600  C C   . MET A 1 86  ? 5.221   -2.842  3.905   1.00 28.90 ? 83  MET A C   1 
ATOM   601  O O   . MET A 1 86  ? 4.755   -2.738  2.767   1.00 27.47 ? 83  MET A O   1 
ATOM   602  C CB  . MET A 1 86  ? 4.838   -4.866  5.378   1.00 28.21 ? 83  MET A CB  1 
ATOM   603  C CG  . MET A 1 86  ? 4.582   -5.898  4.299   1.00 39.50 ? 83  MET A CG  1 
ATOM   604  S SD  . MET A 1 86  ? 4.950   -7.609  4.820   1.00 51.83 ? 83  MET A SD  1 
ATOM   605  C CE  . MET A 1 86  ? 3.475   -8.028  5.738   1.00 40.95 ? 83  MET A CE  1 
ATOM   606  N N   . VAL A 1 87  ? 6.440   -2.420  4.228   1.00 29.22 ? 84  VAL A N   1 
ATOM   607  C CA  . VAL A 1 87  ? 7.367   -1.906  3.238   1.00 27.91 ? 84  VAL A CA  1 
ATOM   608  C C   . VAL A 1 87  ? 8.120   -3.057  2.601   1.00 33.12 ? 84  VAL A C   1 
ATOM   609  O O   . VAL A 1 87  ? 8.818   -3.797  3.294   1.00 31.86 ? 84  VAL A O   1 
ATOM   610  C CB  . VAL A 1 87  ? 8.360   -0.923  3.845   1.00 29.76 ? 84  VAL A CB  1 
ATOM   611  C CG1 . VAL A 1 87  ? 9.449   -0.592  2.825   1.00 26.24 ? 84  VAL A CG1 1 
ATOM   612  C CG2 . VAL A 1 87  ? 7.624   0.340   4.299   1.00 29.17 ? 84  VAL A CG2 1 
ATOM   613  N N   . SER A 1 88  ? 7.958   -3.218  1.285   1.00 28.57 ? 85  SER A N   1 
ATOM   614  C CA  . SER A 1 88  ? 8.497   -4.380  0.587   1.00 29.86 ? 85  SER A CA  1 
ATOM   615  C C   . SER A 1 88  ? 9.695   -4.005  -0.277  1.00 31.16 ? 85  SER A C   1 
ATOM   616  O O   . SER A 1 88  ? 10.328  -4.866  -0.873  1.00 35.93 ? 85  SER A O   1 
ATOM   617  C CB  . SER A 1 88  ? 7.418   -5.044  -0.273  1.00 31.95 ? 85  SER A CB  1 
ATOM   618  O OG  . SER A 1 88  ? 6.787   -4.090  -1.123  1.00 35.98 ? 85  SER A OG  1 
ATOM   619  N N   . TYR A 1 89  ? 9.997   -2.715  -0.339  1.00 28.28 ? 86  TYR A N   1 
ATOM   620  C CA  . TYR A 1 89  ? 11.086  -2.221  -1.157  1.00 26.09 ? 86  TYR A CA  1 
ATOM   621  C C   . TYR A 1 89  ? 11.400  -0.795  -0.751  1.00 29.88 ? 86  TYR A C   1 
ATOM   622  O O   . TYR A 1 89  ? 10.503  0.030   -0.548  1.00 30.84 ? 86  TYR A O   1 
ATOM   623  C CB  . TYR A 1 89  ? 10.739  -2.287  -2.664  1.00 33.55 ? 86  TYR A CB  1 
ATOM   624  C CG  . TYR A 1 89  ? 11.825  -1.720  -3.572  1.00 33.97 ? 86  TYR A CG  1 
ATOM   625  C CD1 . TYR A 1 89  ? 11.843  -0.373  -3.907  1.00 36.23 ? 86  TYR A CD1 1 
ATOM   626  C CD2 . TYR A 1 89  ? 12.837  -2.532  -4.077  1.00 34.74 ? 86  TYR A CD2 1 
ATOM   627  C CE1 . TYR A 1 89  ? 12.823  0.155   -4.711  1.00 35.84 ? 86  TYR A CE1 1 
ATOM   628  C CE2 . TYR A 1 89  ? 13.830  -2.010  -4.885  1.00 37.39 ? 86  TYR A CE2 1 
ATOM   629  C CZ  . TYR A 1 89  ? 13.813  -0.663  -5.201  1.00 45.02 ? 86  TYR A CZ  1 
ATOM   630  O OH  . TYR A 1 89  ? 14.791  -0.121  -6.015  1.00 51.08 ? 86  TYR A OH  1 
ATOM   631  N N   . ALA A 1 90  ? 12.683  -0.503  -0.632  1.00 30.50 ? 87  ALA A N   1 
ATOM   632  C CA  . ALA A 1 90  ? 13.110  0.848   -0.320  1.00 37.64 ? 87  ALA A CA  1 
ATOM   633  C C   . ALA A 1 90  ? 14.027  1.342   -1.426  1.00 35.39 ? 87  ALA A C   1 
ATOM   634  O O   . ALA A 1 90  ? 15.082  0.770   -1.660  1.00 40.21 ? 87  ALA A O   1 
ATOM   635  C CB  . ALA A 1 90  ? 13.815  0.897   1.044   1.00 32.80 ? 87  ALA A CB  1 
ATOM   636  N N   . GLY A 1 91  ? 13.602  2.387   -2.124  1.00 38.64 ? 88  GLY A N   1 
ATOM   637  C CA  . GLY A 1 91  ? 14.463  3.067   -3.062  1.00 36.09 ? 88  GLY A CA  1 
ATOM   638  C C   . GLY A 1 91  ? 15.258  4.050   -2.236  1.00 40.66 ? 88  GLY A C   1 
ATOM   639  O O   . GLY A 1 91  ? 15.380  3.891   -1.019  1.00 37.66 ? 88  GLY A O   1 
ATOM   640  N N   . THR A 1 92  ? 15.795  5.074   -2.884  1.00 44.49 ? 89  THR A N   1 
ATOM   641  C CA  . THR A 1 92  ? 16.550  6.093   -2.177  1.00 40.33 ? 89  THR A CA  1 
ATOM   642  C C   . THR A 1 92  ? 15.680  6.808   -1.143  1.00 45.60 ? 89  THR A C   1 
ATOM   643  O O   . THR A 1 92  ? 15.934  6.705   0.064   1.00 45.32 ? 89  THR A O   1 
ATOM   644  C CB  . THR A 1 92  ? 17.138  7.105   -3.156  1.00 44.69 ? 89  THR A CB  1 
ATOM   645  O OG1 . THR A 1 92  ? 18.062  6.430   -4.014  1.00 51.43 ? 89  THR A OG1 1 
ATOM   646  C CG2 . THR A 1 92  ? 17.855  8.214   -2.413  1.00 47.80 ? 89  THR A CG2 1 
ATOM   647  N N   . SER A 1 93  ? 14.647  7.512   -1.610  1.00 44.63 ? 90  SER A N   1 
ATOM   648  C CA  . SER A 1 93  ? 13.744  8.232   -0.713  1.00 43.41 ? 90  SER A CA  1 
ATOM   649  C C   . SER A 1 93  ? 12.307  7.744   -0.842  1.00 41.23 ? 90  SER A C   1 
ATOM   650  O O   . SER A 1 93  ? 11.384  8.331   -0.280  1.00 40.15 ? 90  SER A O   1 
ATOM   651  C CB  . SER A 1 93  ? 13.801  9.733   -0.992  1.00 41.51 ? 90  SER A CB  1 
ATOM   652  O OG  . SER A 1 93  ? 13.194  10.029  -2.230  1.00 51.73 ? 90  SER A OG  1 
ATOM   653  N N   . SER A 1 94  ? 12.118  6.667   -1.585  1.00 37.34 ? 91  SER A N   1 
ATOM   654  C CA  . SER A 1 94  ? 10.783  6.162   -1.842  1.00 32.86 ? 91  SER A CA  1 
ATOM   655  C C   . SER A 1 94  ? 10.615  4.779   -1.245  1.00 37.86 ? 91  SER A C   1 
ATOM   656  O O   . SER A 1 94  ? 11.599  4.065   -1.018  1.00 37.08 ? 91  SER A O   1 
ATOM   657  C CB  . SER A 1 94  ? 10.502  6.123   -3.346  1.00 36.11 ? 91  SER A CB  1 
ATOM   658  O OG  . SER A 1 94  ? 11.489  5.367   -4.025  1.00 39.90 ? 91  SER A OG  1 
ATOM   659  N N   . MET A 1 95  ? 9.364   4.404   -1.000  1.00 33.01 ? 92  MET A N   1 
ATOM   660  C CA  . MET A 1 95  ? 9.041   3.106   -0.439  1.00 32.99 ? 92  MET A CA  1 
ATOM   661  C C   . MET A 1 95  ? 7.911   2.480   -1.238  1.00 31.40 ? 92  MET A C   1 
ATOM   662  O O   . MET A 1 95  ? 6.977   3.179   -1.625  1.00 33.44 ? 92  MET A O   1 
ATOM   663  C CB  . MET A 1 95  ? 8.641   3.234   1.038   1.00 32.60 ? 92  MET A CB  1 
ATOM   664  C CG  . MET A 1 95  ? 9.759   3.694   1.973   1.00 29.22 ? 92  MET A CG  1 
ATOM   665  S SD  . MET A 1 95  ? 9.122   4.525   3.457   1.00 32.52 ? 92  MET A SD  1 
ATOM   666  C CE  . MET A 1 95  ? 8.537   6.066   2.723   1.00 34.93 ? 92  MET A CE  1 
ATOM   667  N N   . GLU A 1 96  ? 8.000   1.175   -1.496  1.00 28.36 ? 93  GLU A N   1 
ATOM   668  C CA  . GLU A 1 96  ? 6.859   0.423   -1.995  1.00 26.76 ? 93  GLU A CA  1 
ATOM   669  C C   . GLU A 1 96  ? 6.183   -0.165  -0.772  1.00 28.94 ? 93  GLU A C   1 
ATOM   670  O O   . GLU A 1 96  ? 6.824   -0.858  0.023   1.00 29.90 ? 93  GLU A O   1 
ATOM   671  C CB  . GLU A 1 96  ? 7.251   -0.688  -2.987  1.00 28.69 ? 93  GLU A CB  1 
ATOM   672  C CG  . GLU A 1 96  ? 6.031   -1.401  -3.628  1.00 31.18 ? 93  GLU A CG  1 
ATOM   673  C CD  . GLU A 1 96  ? 6.369   -2.725  -4.358  1.00 40.84 ? 93  GLU A CD  1 
ATOM   674  O OE1 . GLU A 1 96  ? 7.125   -3.566  -3.810  1.00 40.13 ? 93  GLU A OE1 1 
ATOM   675  O OE2 . GLU A 1 96  ? 5.839   -2.945  -5.470  1.00 43.04 ? 93  GLU A OE2 1 
ATOM   676  N N   . VAL A 1 97  ? 4.903   0.149   -0.600  1.00 25.11 ? 94  VAL A N   1 
ATOM   677  C CA  . VAL A 1 97  ? 4.115   -0.447  0.459   1.00 23.82 ? 94  VAL A CA  1 
ATOM   678  C C   . VAL A 1 97  ? 3.105   -1.398  -0.143  1.00 25.36 ? 94  VAL A C   1 
ATOM   679  O O   . VAL A 1 97  ? 2.380   -1.055  -1.084  1.00 30.20 ? 94  VAL A O   1 
ATOM   680  C CB  . VAL A 1 97  ? 3.387   0.602   1.302   1.00 25.55 ? 94  VAL A CB  1 
ATOM   681  C CG1 . VAL A 1 97  ? 2.633   -0.078  2.436   1.00 22.27 ? 94  VAL A CG1 1 
ATOM   682  C CG2 . VAL A 1 97  ? 4.386   1.609   1.844   1.00 24.96 ? 94  VAL A CG2 1 
ATOM   683  N N   . VAL A 1 98  ? 3.080   -2.610  0.397   1.00 24.87 ? 95  VAL A N   1 
ATOM   684  C CA  . VAL A 1 98  ? 2.125   -3.613  -0.028  1.00 26.74 ? 95  VAL A CA  1 
ATOM   685  C C   . VAL A 1 98  ? 1.091   -3.770  1.086   1.00 28.19 ? 95  VAL A C   1 
ATOM   686  O O   . VAL A 1 98  ? 1.439   -3.896  2.282   1.00 28.23 ? 95  VAL A O   1 
ATOM   687  C CB  . VAL A 1 98  ? 2.816   -4.962  -0.359  1.00 26.19 ? 95  VAL A CB  1 
ATOM   688  C CG1 . VAL A 1 98  ? 3.854   -5.297  0.694   1.00 31.58 ? 95  VAL A CG1 1 
ATOM   689  C CG2 . VAL A 1 98  ? 1.796   -6.079  -0.478  1.00 28.52 ? 95  VAL A CG2 1 
ATOM   690  N N   . VAL A 1 99  ? -0.180  -3.707  0.695   1.00 23.47 ? 96  VAL A N   1 
ATOM   691  C CA  . VAL A 1 99  ? -1.276  -3.837  1.645   1.00 24.06 ? 96  VAL A CA  1 
ATOM   692  C C   . VAL A 1 99  ? -2.113  -5.062  1.295   1.00 23.46 ? 96  VAL A C   1 
ATOM   693  O O   . VAL A 1 99  ? -2.525  -5.246  0.141   1.00 26.09 ? 96  VAL A O   1 
ATOM   694  C CB  . VAL A 1 99  ? -2.174  -2.560  1.676   1.00 20.86 ? 96  VAL A CB  1 
ATOM   695  C CG1 . VAL A 1 99  ? -3.237  -2.677  2.768   1.00 15.99 ? 96  VAL A CG1 1 
ATOM   696  C CG2 . VAL A 1 99  ? -1.329  -1.299  1.886   1.00 14.00 ? 96  VAL A CG2 1 
ATOM   697  N N   . GLN A 1 100 ? -2.327  -5.912  2.292   1.00 20.17 ? 97  GLN A N   1 
ATOM   698  C CA  . GLN A 1 100 ? -3.200  -7.060  2.161   1.00 20.74 ? 97  GLN A CA  1 
ATOM   699  C C   . GLN A 1 100 ? -4.483  -6.771  2.909   1.00 23.78 ? 97  GLN A C   1 
ATOM   700  O O   . GLN A 1 100 ? -4.444  -6.352  4.075   1.00 24.20 ? 97  GLN A O   1 
ATOM   701  C CB  . GLN A 1 100 ? -2.545  -8.326  2.728   1.00 22.97 ? 97  GLN A CB  1 
ATOM   702  C CG  . GLN A 1 100 ? -1.141  -8.601  2.217   1.00 27.29 ? 97  GLN A CG  1 
ATOM   703  C CD  . GLN A 1 100 ? -0.412  -9.622  3.074   1.00 31.91 ? 97  GLN A CD  1 
ATOM   704  O OE1 . GLN A 1 100 ? -0.904  -10.731 3.293   1.00 34.93 ? 97  GLN A OE1 1 
ATOM   705  N NE2 . GLN A 1 100 ? 0.757   -9.243  3.586   1.00 22.71 ? 97  GLN A NE2 1 
ATOM   706  N N   . ILE A 1 101 ? -5.621  -7.003  2.265   1.00 24.49 ? 98  ILE A N   1 
ATOM   707  C CA  . ILE A 1 101 ? -6.900  -6.797  2.937   1.00 22.53 ? 98  ILE A CA  1 
ATOM   708  C C   . ILE A 1 101 ? -7.655  -8.111  2.939   1.00 27.02 ? 98  ILE A C   1 
ATOM   709  O O   . ILE A 1 101 ? -7.945  -8.678  1.863   1.00 27.64 ? 98  ILE A O   1 
ATOM   710  C CB  . ILE A 1 101 ? -7.770  -5.700  2.276   1.00 22.58 ? 98  ILE A CB  1 
ATOM   711  C CG1 . ILE A 1 101 ? -7.029  -4.366  2.245   1.00 21.25 ? 98  ILE A CG1 1 
ATOM   712  C CG2 . ILE A 1 101 ? -9.109  -5.550  3.029   1.00 21.00 ? 98  ILE A CG2 1 
ATOM   713  C CD1 . ILE A 1 101 ? -6.071  -4.220  1.059   1.00 28.61 ? 98  ILE A CD1 1 
ATOM   714  N N   . ARG A 1 102 ? -7.962  -8.570  4.155   1.00 19.57 ? 99  ARG A N   1 
ATOM   715  C CA  . ARG A 1 102 ? -8.648  -9.828  4.397   1.00 25.62 ? 99  ARG A CA  1 
ATOM   716  C C   . ARG A 1 102 ? -9.988  -9.622  5.091   1.00 27.42 ? 99  ARG A C   1 
ATOM   717  O O   . ARG A 1 102 ? -10.124 -8.766  5.948   1.00 26.32 ? 99  ARG A O   1 
ATOM   718  C CB  . ARG A 1 102 ? -7.777  -10.762 5.264   1.00 28.41 ? 99  ARG A CB  1 
ATOM   719  C CG  . ARG A 1 102 ? -6.449  -11.173 4.618   1.00 30.05 ? 99  ARG A CG  1 
ATOM   720  C CD  . ARG A 1 102 ? -5.779  -12.328 5.358   1.00 31.88 ? 99  ARG A CD  1 
ATOM   721  N NE  . ARG A 1 102 ? -4.968  -13.117 4.428   1.00 45.83 ? 99  ARG A NE  1 
ATOM   722  C CZ  . ARG A 1 102 ? -3.715  -12.821 4.099   1.00 43.73 ? 99  ARG A CZ  1 
ATOM   723  N NH1 . ARG A 1 102 ? -3.113  -11.752 4.636   1.00 37.04 ? 99  ARG A NH1 1 
ATOM   724  N NH2 . ARG A 1 102 ? -3.063  -13.591 3.240   1.00 38.09 ? 99  ARG A NH2 1 
ATOM   725  N N   . ILE A 1 103 ? -10.972 -10.433 4.735   1.00 28.59 ? 100 ILE A N   1 
ATOM   726  C CA  . ILE A 1 103 ? -12.216 -10.482 5.477   1.00 26.62 ? 100 ILE A CA  1 
ATOM   727  C C   . ILE A 1 103 ? -12.098 -11.469 6.638   1.00 33.56 ? 100 ILE A C   1 
ATOM   728  O O   . ILE A 1 103 ? -11.847 -12.656 6.430   1.00 36.34 ? 100 ILE A O   1 
ATOM   729  C CB  . ILE A 1 103 ? -13.371 -10.890 4.578   1.00 27.14 ? 100 ILE A CB  1 
ATOM   730  C CG1 . ILE A 1 103 ? -13.556 -9.844  3.477   1.00 30.54 ? 100 ILE A CG1 1 
ATOM   731  C CG2 . ILE A 1 103 ? -14.624 -11.099 5.414   1.00 28.09 ? 100 ILE A CG2 1 
ATOM   732  C CD1 . ILE A 1 103 ? -14.375 -10.313 2.315   1.00 28.60 ? 100 ILE A CD1 1 
ATOM   733  N N   . ASP A 1 104 ? -12.263 -10.967 7.858   1.00 35.34 ? 101 ASP A N   1 
ATOM   734  C CA  . ASP A 1 104 ? -12.166 -11.788 9.060   1.00 37.96 ? 101 ASP A CA  1 
ATOM   735  C C   . ASP A 1 104 ? -13.550 -12.280 9.471   1.00 40.98 ? 101 ASP A C   1 
ATOM   736  O O   . ASP A 1 104 ? -14.286 -11.588 10.193  1.00 41.28 ? 101 ASP A O   1 
ATOM   737  C CB  . ASP A 1 104 ? -11.515 -10.997 10.197  1.00 40.85 ? 101 ASP A CB  1 
ATOM   738  C CG  . ASP A 1 104 ? -11.145 -11.869 11.390  1.00 59.63 ? 101 ASP A CG  1 
ATOM   739  O OD1 . ASP A 1 104 ? -9.972  -11.806 11.821  1.00 76.89 ? 101 ASP A OD1 1 
ATOM   740  O OD2 . ASP A 1 104 ? -12.014 -12.608 11.908  1.00 56.47 ? 101 ASP A OD2 1 
ATOM   741  N N   . ASP A 1 105 ? -13.905 -13.469 8.996   1.00 40.22 ? 102 ASP A N   1 
ATOM   742  C CA  . ASP A 1 105 ? -15.183 -14.078 9.330   1.00 47.19 ? 102 ASP A CA  1 
ATOM   743  C C   . ASP A 1 105 ? -15.082 -14.727 10.706  1.00 45.38 ? 102 ASP A C   1 
ATOM   744  O O   . ASP A 1 105 ? -14.396 -15.724 10.870  1.00 48.43 ? 102 ASP A O   1 
ATOM   745  C CB  . ASP A 1 105 ? -15.584 -15.107 8.268   1.00 48.98 ? 102 ASP A CB  1 
ATOM   746  C CG  . ASP A 1 105 ? -17.043 -15.524 8.377   1.00 58.08 ? 102 ASP A CG  1 
ATOM   747  O OD1 . ASP A 1 105 ? -17.617 -15.451 9.487   1.00 58.37 ? 102 ASP A OD1 1 
ATOM   748  O OD2 . ASP A 1 105 ? -17.620 -15.931 7.345   1.00 63.01 ? 102 ASP A OD2 1 
ATOM   749  N N   . VAL A 1 106 ? -15.756 -14.150 11.694  1.00 41.80 ? 103 VAL A N   1 
ATOM   750  C CA  . VAL A 1 106 ? -15.622 -14.617 13.063  1.00 43.92 ? 103 VAL A CA  1 
ATOM   751  C C   . VAL A 1 106 ? -16.535 -15.812 13.315  1.00 43.54 ? 103 VAL A C   1 
ATOM   752  O O   . VAL A 1 106 ? -16.460 -16.449 14.368  1.00 45.46 ? 103 VAL A O   1 
ATOM   753  C CB  . VAL A 1 106 ? -15.944 -13.489 14.092  1.00 42.10 ? 103 VAL A CB  1 
ATOM   754  C CG1 . VAL A 1 106 ? -14.897 -12.373 14.027  1.00 33.81 ? 103 VAL A CG1 1 
ATOM   755  C CG2 . VAL A 1 106 ? -17.361 -12.947 13.889  1.00 34.00 ? 103 VAL A CG2 1 
ATOM   756  N N   . PHE A 1 107 ? -17.400 -16.108 12.349  1.00 48.17 ? 104 PHE A N   1 
ATOM   757  C CA  . PHE A 1 107 ? -18.339 -17.218 12.478  1.00 47.99 ? 104 PHE A CA  1 
ATOM   758  C C   . PHE A 1 107 ? -17.729 -18.548 12.023  1.00 57.14 ? 104 PHE A C   1 
ATOM   759  O O   . PHE A 1 107 ? -18.184 -19.619 12.429  1.00 58.12 ? 104 PHE A O   1 
ATOM   760  C CB  . PHE A 1 107 ? -19.614 -16.928 11.690  1.00 46.41 ? 104 PHE A CB  1 
ATOM   761  C CG  . PHE A 1 107 ? -20.304 -15.662 12.113  1.00 55.00 ? 104 PHE A CG  1 
ATOM   762  C CD1 . PHE A 1 107 ? -21.103 -15.635 13.249  1.00 48.70 ? 104 PHE A CD1 1 
ATOM   763  C CD2 . PHE A 1 107 ? -20.149 -14.489 11.378  1.00 53.47 ? 104 PHE A CD2 1 
ATOM   764  C CE1 . PHE A 1 107 ? -21.737 -14.460 13.642  1.00 49.31 ? 104 PHE A CE1 1 
ATOM   765  C CE2 . PHE A 1 107 ? -20.784 -13.316 11.766  1.00 48.50 ? 104 PHE A CE2 1 
ATOM   766  C CZ  . PHE A 1 107 ? -21.575 -13.302 12.901  1.00 44.31 ? 104 PHE A CZ  1 
ATOM   767  N N   . ASN A 1 108 ? -16.690 -18.489 11.198  1.00 52.51 ? 105 ASN A N   1 
ATOM   768  C CA  . ASN A 1 108 ? -16.054 -19.710 10.735  1.00 47.35 ? 105 ASN A CA  1 
ATOM   769  C C   . ASN A 1 108 ? -14.541 -19.610 10.636  1.00 52.68 ? 105 ASN A C   1 
ATOM   770  O O   . ASN A 1 108 ? -13.904 -20.444 10.002  1.00 61.69 ? 105 ASN A O   1 
ATOM   771  C CB  . ASN A 1 108 ? -16.637 -20.111 9.383   1.00 57.54 ? 105 ASN A CB  1 
ATOM   772  C CG  . ASN A 1 108 ? -16.520 -19.013 8.338   1.00 63.51 ? 105 ASN A CG  1 
ATOM   773  O OD1 . ASN A 1 108 ? -15.491 -18.343 8.227   1.00 61.33 ? 105 ASN A OD1 1 
ATOM   774  N ND2 . ASN A 1 108 ? -17.582 -18.826 7.560   1.00 67.72 ? 105 ASN A ND2 1 
ATOM   775  N N   . ASN A 1 109 ? -13.976 -18.586 11.265  1.00 50.30 ? 106 ASN A N   1 
ATOM   776  C CA  . ASN A 1 109 ? -12.535 -18.347 11.263  1.00 53.29 ? 106 ASN A CA  1 
ATOM   777  C C   . ASN A 1 109 ? -11.835 -18.437 9.902   1.00 57.78 ? 106 ASN A C   1 
ATOM   778  O O   . ASN A 1 109 ? -10.673 -18.831 9.832   1.00 58.12 ? 106 ASN A O   1 
ATOM   779  C CB  . ASN A 1 109 ? -11.846 -19.316 12.224  1.00 54.75 ? 106 ASN A CB  1 
ATOM   780  C CG  . ASN A 1 109 ? -12.221 -19.062 13.665  1.00 63.96 ? 106 ASN A CG  1 
ATOM   781  O OD1 . ASN A 1 109 ? -12.773 -18.013 13.998  1.00 62.82 ? 106 ASN A OD1 1 
ATOM   782  N ND2 . ASN A 1 109 ? -11.913 -20.020 14.534  1.00 67.90 ? 106 ASN A ND2 1 
ATOM   783  N N   . LYS A 1 110 ? -12.525 -18.079 8.824   1.00 54.59 ? 107 LYS A N   1 
ATOM   784  C CA  . LYS A 1 110 ? -11.836 -17.931 7.543   1.00 53.75 ? 107 LYS A CA  1 
ATOM   785  C C   . LYS A 1 110 ? -11.283 -16.514 7.447   1.00 48.12 ? 107 LYS A C   1 
ATOM   786  O O   . LYS A 1 110 ? -11.827 -15.584 8.050   1.00 49.30 ? 107 LYS A O   1 
ATOM   787  C CB  . LYS A 1 110 ? -12.764 -18.231 6.359   1.00 60.20 ? 107 LYS A CB  1 
ATOM   788  C CG  . LYS A 1 110 ? -13.134 -19.705 6.197   1.00 62.91 ? 107 LYS A CG  1 
ATOM   789  C CD  . LYS A 1 110 ? -13.578 -20.039 4.772   1.00 61.67 ? 107 LYS A CD  1 
ATOM   790  C CE  . LYS A 1 110 ? -14.610 -19.040 4.272   1.00 74.59 ? 107 LYS A CE  1 
ATOM   791  N NZ  . LYS A 1 110 ? -15.783 -18.943 5.187   1.00 72.61 ? 107 LYS A NZ  1 
ATOM   792  N N   . HIS A 1 111 ? -10.202 -16.345 6.695   1.00 44.23 ? 108 HIS A N   1 
ATOM   793  C CA  . HIS A 1 111 ? -9.590  -15.031 6.533   1.00 41.77 ? 108 HIS A CA  1 
ATOM   794  C C   . HIS A 1 111 ? -9.203  -14.785 5.081   1.00 38.81 ? 108 HIS A C   1 
ATOM   795  O O   . HIS A 1 111 ? -8.028  -14.615 4.755   1.00 41.11 ? 108 HIS A O   1 
ATOM   796  C CB  . HIS A 1 111 ? -8.380  -14.908 7.453   1.00 43.87 ? 108 HIS A CB  1 
ATOM   797  C CG  . HIS A 1 111 ? -8.661  -15.340 8.855   1.00 50.08 ? 108 HIS A CG  1 
ATOM   798  N ND1 . HIS A 1 111 ? -9.464  -14.615 9.710   1.00 52.93 ? 108 HIS A ND1 1 
ATOM   799  C CD2 . HIS A 1 111 ? -8.280  -16.442 9.542   1.00 58.42 ? 108 HIS A CD2 1 
ATOM   800  C CE1 . HIS A 1 111 ? -9.552  -15.242 10.869  1.00 52.56 ? 108 HIS A CE1 1 
ATOM   801  N NE2 . HIS A 1 111 ? -8.845  -16.355 10.793  1.00 60.85 ? 108 HIS A NE2 1 
ATOM   802  N N   . ASP A 1 112 ? -10.211 -14.765 4.214   1.00 39.92 ? 109 ASP A N   1 
ATOM   803  C CA  . ASP A 1 112 ? -9.995  -14.702 2.771   1.00 42.14 ? 109 ASP A CA  1 
ATOM   804  C C   . ASP A 1 112 ? -9.438  -13.355 2.305   1.00 40.75 ? 109 ASP A C   1 
ATOM   805  O O   . ASP A 1 112 ? -9.904  -12.295 2.729   1.00 37.92 ? 109 ASP A O   1 
ATOM   806  C CB  . ASP A 1 112 ? -11.305 -14.996 2.020   1.00 52.59 ? 109 ASP A CB  1 
ATOM   807  C CG  . ASP A 1 112 ? -11.867 -16.385 2.316   1.00 59.82 ? 109 ASP A CG  1 
ATOM   808  O OD1 . ASP A 1 112 ? -11.161 -17.209 2.943   1.00 58.12 ? 109 ASP A OD1 1 
ATOM   809  O OD2 . ASP A 1 112 ? -13.014 -16.659 1.895   1.00 65.38 ? 109 ASP A OD2 1 
ATOM   810  N N   . LEU A 1 113 ? -8.453  -13.410 1.413   1.00 38.18 ? 110 LEU A N   1 
ATOM   811  C CA  . LEU A 1 113 ? -7.875  -12.212 0.826   1.00 34.08 ? 110 LEU A CA  1 
ATOM   812  C C   . LEU A 1 113 ? -8.916  -11.546 -0.068  1.00 33.94 ? 110 LEU A C   1 
ATOM   813  O O   . LEU A 1 113 ? -9.347  -12.127 -1.052  1.00 39.37 ? 110 LEU A O   1 
ATOM   814  C CB  . LEU A 1 113 ? -6.604  -12.558 0.041   1.00 31.19 ? 110 LEU A CB  1 
ATOM   815  C CG  . LEU A 1 113 ? -5.762  -11.408 -0.527  1.00 37.56 ? 110 LEU A CG  1 
ATOM   816  C CD1 . LEU A 1 113 ? -5.057  -10.631 0.571   1.00 26.50 ? 110 LEU A CD1 1 
ATOM   817  C CD2 . LEU A 1 113 ? -4.745  -11.926 -1.544  1.00 37.86 ? 110 LEU A CD2 1 
ATOM   818  N N   . ALA A 1 114 ? -9.332  -10.332 0.287   1.00 29.84 ? 111 ALA A N   1 
ATOM   819  C CA  . ALA A 1 114 ? -10.374 -9.641  -0.456  1.00 28.66 ? 111 ALA A CA  1 
ATOM   820  C C   . ALA A 1 114 ? -9.761  -8.626  -1.388  1.00 30.65 ? 111 ALA A C   1 
ATOM   821  O O   . ALA A 1 114 ? -10.327 -8.319  -2.438  1.00 26.44 ? 111 ALA A O   1 
ATOM   822  C CB  . ALA A 1 114 ? -11.365 -8.967  0.484   1.00 32.42 ? 111 ALA A CB  1 
ATOM   823  N N   . ALA A 1 115 ? -8.598  -8.100  -1.023  1.00 26.62 ? 112 ALA A N   1 
ATOM   824  C CA  . ALA A 1 115 ? -7.930  -7.193  -1.953  1.00 29.15 ? 112 ALA A CA  1 
ATOM   825  C C   . ALA A 1 115 ? -6.437  -7.116  -1.711  1.00 26.93 ? 112 ALA A C   1 
ATOM   826  O O   . ALA A 1 115 ? -5.937  -7.444  -0.628  1.00 23.49 ? 112 ALA A O   1 
ATOM   827  C CB  . ALA A 1 115 ? -8.549  -5.777  -1.878  1.00 29.28 ? 112 ALA A CB  1 
ATOM   828  N N   . LEU A 1 116 ? -5.729  -6.644  -2.723  1.00 24.97 ? 113 LEU A N   1 
ATOM   829  C CA  . LEU A 1 116 ? -4.278  -6.572  -2.646  1.00 26.53 ? 113 LEU A CA  1 
ATOM   830  C C   . LEU A 1 116 ? -3.814  -5.294  -3.323  1.00 27.24 ? 113 LEU A C   1 
ATOM   831  O O   . LEU A 1 116 ? -4.274  -4.973  -4.404  1.00 30.34 ? 113 LEU A O   1 
ATOM   832  C CB  . LEU A 1 116 ? -3.655  -7.801  -3.312  1.00 23.06 ? 113 LEU A CB  1 
ATOM   833  C CG  . LEU A 1 116 ? -2.140  -7.946  -3.284  1.00 29.71 ? 113 LEU A CG  1 
ATOM   834  C CD1 . LEU A 1 116 ? -1.664  -8.278  -1.860  1.00 34.83 ? 113 LEU A CD1 1 
ATOM   835  C CD2 . LEU A 1 116 ? -1.721  -9.039  -4.249  1.00 35.83 ? 113 LEU A CD2 1 
ATOM   836  N N   . SER A 1 117 ? -2.912  -4.549  -2.706  1.00 26.16 ? 114 SER A N   1 
ATOM   837  C CA  . SER A 1 117 ? -2.575  -3.262  -3.283  1.00 22.28 ? 114 SER A CA  1 
ATOM   838  C C   . SER A 1 117 ? -1.124  -2.887  -3.120  1.00 23.39 ? 114 SER A C   1 
ATOM   839  O O   . SER A 1 117 ? -0.518  -3.186  -2.109  1.00 27.74 ? 114 SER A O   1 
ATOM   840  C CB  . SER A 1 117 ? -3.440  -2.168  -2.664  1.00 26.39 ? 114 SER A CB  1 
ATOM   841  O OG  . SER A 1 117 ? -3.039  -0.895  -3.147  1.00 28.06 ? 114 SER A OG  1 
ATOM   842  N N   . TYR A 1 118 ? -0.578  -2.211  -4.124  1.00 23.42 ? 115 TYR A N   1 
ATOM   843  C CA  . TYR A 1 118 ? 0.761   -1.664  -4.035  1.00 25.14 ? 115 TYR A CA  1 
ATOM   844  C C   . TYR A 1 118 ? 0.731   -0.164  -4.242  1.00 28.45 ? 115 TYR A C   1 
ATOM   845  O O   . TYR A 1 118 ? 0.152   0.332   -5.228  1.00 29.09 ? 115 TYR A O   1 
ATOM   846  C CB  . TYR A 1 118 ? 1.688   -2.291  -5.077  1.00 30.59 ? 115 TYR A CB  1 
ATOM   847  C CG  . TYR A 1 118 ? 1.861   -3.776  -4.940  1.00 29.58 ? 115 TYR A CG  1 
ATOM   848  C CD1 . TYR A 1 118 ? 1.087   -4.654  -5.687  1.00 24.44 ? 115 TYR A CD1 1 
ATOM   849  C CD2 . TYR A 1 118 ? 2.804   -4.308  -4.057  1.00 34.30 ? 115 TYR A CD2 1 
ATOM   850  C CE1 . TYR A 1 118 ? 1.238   -6.024  -5.559  1.00 30.47 ? 115 TYR A CE1 1 
ATOM   851  C CE2 . TYR A 1 118 ? 2.969   -5.676  -3.927  1.00 27.76 ? 115 TYR A CE2 1 
ATOM   852  C CZ  . TYR A 1 118 ? 2.188   -6.526  -4.681  1.00 33.53 ? 115 TYR A CZ  1 
ATOM   853  O OH  . TYR A 1 118 ? 2.348   -7.881  -4.554  1.00 37.44 ? 115 TYR A OH  1 
ATOM   854  N N   . LEU A 1 119 ? 1.381   0.549   -3.327  1.00 26.24 ? 116 LEU A N   1 
ATOM   855  C CA  . LEU A 1 119 ? 1.482   2.003   -3.412  1.00 28.60 ? 116 LEU A CA  1 
ATOM   856  C C   . LEU A 1 119 ? 2.932   2.432   -3.269  1.00 29.96 ? 116 LEU A C   1 
ATOM   857  O O   . LEU A 1 119 ? 3.751   1.712   -2.700  1.00 26.26 ? 116 LEU A O   1 
ATOM   858  C CB  . LEU A 1 119 ? 0.639   2.688   -2.327  1.00 26.87 ? 116 LEU A CB  1 
ATOM   859  C CG  . LEU A 1 119 ? -0.852  2.368   -2.182  1.00 29.43 ? 116 LEU A CG  1 
ATOM   860  C CD1 . LEU A 1 119 ? -1.020  1.127   -1.342  1.00 23.70 ? 116 LEU A CD1 1 
ATOM   861  C CD2 . LEU A 1 119 ? -1.606  3.554   -1.564  1.00 20.82 ? 116 LEU A CD2 1 
ATOM   862  N N   . THR A 1 120 ? 3.248   3.619   -3.767  1.00 29.31 ? 117 THR A N   1 
ATOM   863  C CA  . THR A 1 120 ? 4.591   4.144   -3.626  1.00 31.05 ? 117 THR A CA  1 
ATOM   864  C C   . THR A 1 120 ? 4.540   5.449   -2.862  1.00 29.23 ? 117 THR A C   1 
ATOM   865  O O   . THR A 1 120 ? 3.883   6.391   -3.281  1.00 32.21 ? 117 THR A O   1 
ATOM   866  C CB  . THR A 1 120 ? 5.280   4.362   -4.991  1.00 36.34 ? 117 THR A CB  1 
ATOM   867  O OG1 . THR A 1 120 ? 5.547   3.091   -5.602  1.00 38.36 ? 117 THR A OG1 1 
ATOM   868  C CG2 . THR A 1 120 ? 6.596   5.109   -4.811  1.00 32.63 ? 117 THR A CG2 1 
ATOM   869  N N   . PHE A 1 121 ? 5.242   5.497   -1.737  1.00 27.99 ? 118 PHE A N   1 
ATOM   870  C CA  . PHE A 1 121 ? 5.282   6.692   -0.916  1.00 28.34 ? 118 PHE A CA  1 
ATOM   871  C C   . PHE A 1 121 ? 6.633   7.370   -1.008  1.00 30.85 ? 118 PHE A C   1 
ATOM   872  O O   . PHE A 1 121 ? 7.655   6.721   -1.202  1.00 30.69 ? 118 PHE A O   1 
ATOM   873  C CB  . PHE A 1 121 ? 4.974   6.346   0.542   1.00 23.67 ? 118 PHE A CB  1 
ATOM   874  C CG  . PHE A 1 121 ? 3.522   6.109   0.808   1.00 25.67 ? 118 PHE A CG  1 
ATOM   875  C CD1 . PHE A 1 121 ? 2.943   4.893   0.512   1.00 22.31 ? 118 PHE A CD1 1 
ATOM   876  C CD2 . PHE A 1 121 ? 2.730   7.114   1.348   1.00 23.58 ? 118 PHE A CD2 1 
ATOM   877  C CE1 . PHE A 1 121 ? 1.599   4.674   0.764   1.00 23.96 ? 118 PHE A CE1 1 
ATOM   878  C CE2 . PHE A 1 121 ? 1.400   6.899   1.591   1.00 22.53 ? 118 PHE A CE2 1 
ATOM   879  C CZ  . PHE A 1 121 ? 0.833   5.672   1.302   1.00 21.96 ? 118 PHE A CZ  1 
ATOM   880  N N   . VAL A 1 122 ? 6.636   8.683   -0.858  1.00 30.51 ? 119 VAL A N   1 
ATOM   881  C CA  . VAL A 1 122 ? 7.883   9.406   -0.734  1.00 32.69 ? 119 VAL A CA  1 
ATOM   882  C C   . VAL A 1 122 ? 7.948   10.060  0.638   1.00 37.81 ? 119 VAL A C   1 
ATOM   883  O O   . VAL A 1 122 ? 6.995   10.748  1.057   1.00 32.89 ? 119 VAL A O   1 
ATOM   884  C CB  . VAL A 1 122 ? 8.031   10.471  -1.834  1.00 40.12 ? 119 VAL A CB  1 
ATOM   885  C CG1 . VAL A 1 122 ? 9.323   11.260  -1.649  1.00 38.69 ? 119 VAL A CG1 1 
ATOM   886  C CG2 . VAL A 1 122 ? 7.999   9.805   -3.185  1.00 36.78 ? 119 VAL A CG2 1 
ATOM   887  N N   . ALA A 1 123 ? 9.058   9.814   1.341   1.00 37.58 ? 120 ALA A N   1 
ATOM   888  C CA  . ALA A 1 123 ? 9.327   10.452  2.628   1.00 39.26 ? 120 ALA A CA  1 
ATOM   889  C C   . ALA A 1 123 ? 9.780   11.890  2.419   1.00 42.66 ? 120 ALA A C   1 
ATOM   890  O O   . ALA A 1 123 ? 10.463  12.200  1.439   1.00 45.50 ? 120 ALA A O   1 
ATOM   891  C CB  . ALA A 1 123 ? 10.368  9.676   3.401   1.00 39.72 ? 120 ALA A CB  1 
ATOM   892  N N   . LEU A 1 124 ? 9.389   12.765  3.337   1.00 39.46 ? 121 LEU A N   1 
ATOM   893  C CA  . LEU A 1 124 ? 9.708   14.187  3.245   1.00 51.92 ? 121 LEU A CA  1 
ATOM   894  C C   . LEU A 1 124 ? 10.232  14.714  4.578   1.00 53.72 ? 121 LEU A C   1 
ATOM   895  O O   . LEU A 1 124 ? 9.836   14.230  5.641   1.00 53.73 ? 121 LEU A O   1 
ATOM   896  C CB  . LEU A 1 124 ? 8.476   14.998  2.822   1.00 46.14 ? 121 LEU A CB  1 
ATOM   897  C CG  . LEU A 1 124 ? 7.664   14.540  1.609   1.00 46.12 ? 121 LEU A CG  1 
ATOM   898  C CD1 . LEU A 1 124 ? 6.281   15.165  1.635   1.00 45.33 ? 121 LEU A CD1 1 
ATOM   899  C CD2 . LEU A 1 124 ? 8.371   14.889  0.308   1.00 51.12 ? 121 LEU A CD2 1 
ATOM   900  N N   . ASP A 1 125 ? 11.126  15.698  4.519   1.00 60.13 ? 122 ASP A N   1 
ATOM   901  C CA  . ASP A 1 125 ? 11.553  16.409  5.724   1.00 69.84 ? 122 ASP A CA  1 
ATOM   902  C C   . ASP A 1 125 ? 10.581  17.562  5.994   1.00 68.78 ? 122 ASP A C   1 
ATOM   903  O O   . ASP A 1 125 ? 9.586   17.701  5.280   1.00 71.23 ? 122 ASP A O   1 
ATOM   904  C CB  . ASP A 1 125 ? 12.996  16.918  5.590   1.00 73.34 ? 122 ASP A CB  1 
ATOM   905  C CG  . ASP A 1 125 ? 13.242  17.675  4.293   1.00 71.78 ? 122 ASP A CG  1 
ATOM   906  O OD1 . ASP A 1 125 ? 12.323  18.375  3.815   1.00 74.79 ? 122 ASP A OD1 1 
ATOM   907  O OD2 . ASP A 1 125 ? 14.364  17.572  3.752   1.00 70.25 ? 122 ASP A OD2 1 
ATOM   908  N N   . ASP A 1 126 ? 10.876  18.389  6.996   1.00 75.19 ? 123 ASP A N   1 
ATOM   909  C CA  . ASP A 1 126 ? 9.940   19.424  7.463   1.00 76.29 ? 123 ASP A CA  1 
ATOM   910  C C   . ASP A 1 126 ? 9.722   20.594  6.494   1.00 74.26 ? 123 ASP A C   1 
ATOM   911  O O   . ASP A 1 126 ? 8.771   21.356  6.655   1.00 74.82 ? 123 ASP A O   1 
ATOM   912  C CB  . ASP A 1 126 ? 10.406  19.975  8.818   1.00 70.99 ? 123 ASP A CB  1 
ATOM   913  C CG  . ASP A 1 126 ? 11.528  19.160  9.423   1.00 76.73 ? 123 ASP A CG  1 
ATOM   914  O OD1 . ASP A 1 126 ? 11.291  18.508  10.462  1.00 80.98 ? 123 ASP A OD1 1 
ATOM   915  O OD2 . ASP A 1 126 ? 12.642  19.158  8.852   1.00 79.73 ? 123 ASP A OD2 1 
ATOM   916  N N   . GLU A 1 127 ? 10.600  20.748  5.507   1.00 74.64 ? 124 GLU A N   1 
ATOM   917  C CA  . GLU A 1 127 ? 10.428  21.796  4.508   1.00 75.79 ? 124 GLU A CA  1 
ATOM   918  C C   . GLU A 1 127 ? 9.958   21.210  3.176   1.00 73.96 ? 124 GLU A C   1 
ATOM   919  O O   . GLU A 1 127 ? 9.991   21.884  2.143   1.00 75.06 ? 124 GLU A O   1 
ATOM   920  C CB  . GLU A 1 127 ? 11.717  22.598  4.319   1.00 79.93 ? 124 GLU A CB  1 
ATOM   921  C CG  . GLU A 1 127 ? 13.021  21.830  4.487   1.00 83.45 ? 124 GLU A CG  1 
ATOM   922  C CD  . GLU A 1 127 ? 13.531  21.832  5.923   1.00 88.95 ? 124 GLU A CD  1 
ATOM   923  O OE1 . GLU A 1 127 ? 13.414  22.888  6.580   1.00 88.04 ? 124 GLU A OE1 1 
ATOM   924  O OE2 . GLU A 1 127 ? 14.062  20.789  6.384   1.00 88.74 ? 124 GLU A OE2 1 
ATOM   925  N N   . GLY A 1 128 ? 9.534   19.949  3.204   1.00 71.42 ? 125 GLY A N   1 
ATOM   926  C CA  . GLY A 1 128 ? 8.775   19.374  2.106   1.00 66.75 ? 125 GLY A CA  1 
ATOM   927  C C   . GLY A 1 128 ? 9.531   18.778  0.930   1.00 68.08 ? 125 GLY A C   1 
ATOM   928  O O   . GLY A 1 128 ? 8.945   18.598  -0.138  1.00 66.67 ? 125 GLY A O   1 
ATOM   929  N N   . LYS A 1 129 ? 10.813  18.464  1.099   1.00 59.82 ? 126 LYS A N   1 
ATOM   930  C CA  . LYS A 1 129 ? 11.559  17.828  0.011   1.00 63.44 ? 126 LYS A CA  1 
ATOM   931  C C   . LYS A 1 129 ? 11.872  16.367  0.366   1.00 58.69 ? 126 LYS A C   1 
ATOM   932  O O   . LYS A 1 129 ? 11.931  16.022  1.545   1.00 53.48 ? 126 LYS A O   1 
ATOM   933  C CB  . LYS A 1 129 ? 12.839  18.612  -0.301  1.00 61.51 ? 126 LYS A CB  1 
ATOM   934  C CG  . LYS A 1 129 ? 13.725  18.859  0.908   1.00 74.51 ? 126 LYS A CG  1 
ATOM   935  C CD  . LYS A 1 129 ? 15.073  19.462  0.520   1.00 75.28 ? 126 LYS A CD  1 
ATOM   936  C CE  . LYS A 1 129 ? 16.030  19.502  1.718   1.00 77.67 ? 126 LYS A CE  1 
ATOM   937  N NZ  . LYS A 1 129 ? 15.724  20.610  2.676   1.00 74.98 ? 126 LYS A NZ  1 
ATOM   938  N N   . PRO A 1 130 ? 12.033  15.501  -0.653  1.00 51.92 ? 127 PRO A N   1 
ATOM   939  C CA  . PRO A 1 130 ? 12.322  14.075  -0.452  1.00 52.81 ? 127 PRO A CA  1 
ATOM   940  C C   . PRO A 1 130 ? 13.479  13.805  0.517   1.00 55.07 ? 127 PRO A C   1 
ATOM   941  O O   . PRO A 1 130 ? 14.488  14.509  0.491   1.00 57.51 ? 127 PRO A O   1 
ATOM   942  C CB  . PRO A 1 130 ? 12.664  13.597  -1.862  1.00 50.21 ? 127 PRO A CB  1 
ATOM   943  C CG  . PRO A 1 130 ? 11.812  14.447  -2.732  1.00 50.44 ? 127 PRO A CG  1 
ATOM   944  C CD  . PRO A 1 130 ? 11.779  15.805  -2.073  1.00 54.20 ? 127 PRO A CD  1 
ATOM   945  N N   . LYS A 1 131 ? 13.306  12.794  1.369   1.00 47.98 ? 128 LYS A N   1 
ATOM   946  C CA  . LYS A 1 131 ? 14.263  12.457  2.417   1.00 44.89 ? 128 LYS A CA  1 
ATOM   947  C C   . LYS A 1 131 ? 14.637  10.968  2.358   1.00 44.32 ? 128 LYS A C   1 
ATOM   948  O O   . LYS A 1 131 ? 13.780  10.121  2.116   1.00 44.61 ? 128 LYS A O   1 
ATOM   949  C CB  . LYS A 1 131 ? 13.682  12.809  3.795   1.00 48.98 ? 128 LYS A CB  1 
ATOM   950  C CG  . LYS A 1 131 ? 14.493  12.248  4.956   1.00 46.55 ? 128 LYS A CG  1 
ATOM   951  C CD  . LYS A 1 131 ? 13.790  12.393  6.289   1.00 49.40 ? 128 LYS A CD  1 
ATOM   952  C CE  . LYS A 1 131 ? 14.641  11.764  7.383   1.00 46.17 ? 128 LYS A CE  1 
ATOM   953  N NZ  . LYS A 1 131 ? 13.991  11.816  8.712   1.00 56.67 ? 128 LYS A NZ  1 
ATOM   954  N N   . HIS A 1 132 ? 15.907  10.643  2.590   1.00 50.04 ? 129 HIS A N   1 
ATOM   955  C CA  . HIS A 1 132 ? 16.359  9.250   2.473   1.00 47.89 ? 129 HIS A CA  1 
ATOM   956  C C   . HIS A 1 132 ? 15.746  8.346   3.534   1.00 38.76 ? 129 HIS A C   1 
ATOM   957  O O   . HIS A 1 132 ? 15.526  8.759   4.669   1.00 39.65 ? 129 HIS A O   1 
ATOM   958  C CB  . HIS A 1 132 ? 17.888  9.162   2.546   1.00 50.78 ? 129 HIS A CB  1 
ATOM   959  C CG  . HIS A 1 132 ? 18.581  9.713   1.337   1.00 55.89 ? 129 HIS A CG  1 
ATOM   960  N ND1 . HIS A 1 132 ? 19.942  9.614   1.147   1.00 59.76 ? 129 HIS A ND1 1 
ATOM   961  C CD2 . HIS A 1 132 ? 18.098  10.371  0.256   1.00 58.24 ? 129 HIS A CD2 1 
ATOM   962  C CE1 . HIS A 1 132 ? 20.268  10.186  0.002   1.00 62.46 ? 129 HIS A CE1 1 
ATOM   963  N NE2 . HIS A 1 132 ? 19.167  10.654  -0.559  1.00 59.77 ? 129 HIS A NE2 1 
ATOM   964  N N   . VAL A 1 133 ? 15.482  7.105   3.138   1.00 41.46 ? 130 VAL A N   1 
ATOM   965  C CA  . VAL A 1 133 ? 14.830  6.120   3.990   1.00 40.80 ? 130 VAL A CA  1 
ATOM   966  C C   . VAL A 1 133 ? 15.750  4.932   4.277   1.00 37.55 ? 130 VAL A C   1 
ATOM   967  O O   . VAL A 1 133 ? 16.594  4.576   3.454   1.00 44.10 ? 130 VAL A O   1 
ATOM   968  C CB  . VAL A 1 133 ? 13.521  5.598   3.344   1.00 42.24 ? 130 VAL A CB  1 
ATOM   969  C CG1 . VAL A 1 133 ? 12.533  6.743   3.152   1.00 39.56 ? 130 VAL A CG1 1 
ATOM   970  C CG2 . VAL A 1 133 ? 13.816  4.897   2.006   1.00 38.47 ? 130 VAL A CG2 1 
ATOM   971  N N   . PRO A 1 134 ? 15.592  4.319   5.455   1.00 35.21 ? 131 PRO A N   1 
ATOM   972  C CA  . PRO A 1 134 ? 16.362  3.108   5.752   1.00 38.35 ? 131 PRO A CA  1 
ATOM   973  C C   . PRO A 1 134 ? 16.052  2.006   4.749   1.00 43.30 ? 131 PRO A C   1 
ATOM   974  O O   . PRO A 1 134 ? 14.959  1.992   4.152   1.00 38.30 ? 131 PRO A O   1 
ATOM   975  C CB  . PRO A 1 134 ? 15.887  2.713   7.156   1.00 39.51 ? 131 PRO A CB  1 
ATOM   976  C CG  . PRO A 1 134 ? 15.311  3.961   7.744   1.00 33.88 ? 131 PRO A CG  1 
ATOM   977  C CD  . PRO A 1 134 ? 14.751  4.739   6.590   1.00 37.91 ? 131 PRO A CD  1 
ATOM   978  N N   . GLY A 1 135 ? 17.009  1.102   4.562   1.00 36.54 ? 132 GLY A N   1 
ATOM   979  C CA  . GLY A 1 135 ? 16.818  -0.048  3.709   1.00 28.24 ? 132 GLY A CA  1 
ATOM   980  C C   . GLY A 1 135 ? 15.936  -1.017  4.458   1.00 30.97 ? 132 GLY A C   1 
ATOM   981  O O   . GLY A 1 135 ? 15.546  -0.764  5.604   1.00 28.56 ? 132 GLY A O   1 
ATOM   982  N N   . VAL A 1 136 ? 15.634  -2.145  3.827   1.00 29.44 ? 133 VAL A N   1 
ATOM   983  C CA  . VAL A 1 136 ? 14.677  -3.061  4.405   1.00 26.97 ? 133 VAL A CA  1 
ATOM   984  C C   . VAL A 1 136 ? 15.069  -4.498  4.116   1.00 31.86 ? 133 VAL A C   1 
ATOM   985  O O   . VAL A 1 136 ? 15.638  -4.793  3.056   1.00 31.31 ? 133 VAL A O   1 
ATOM   986  C CB  . VAL A 1 136 ? 13.244  -2.769  3.872   1.00 28.58 ? 133 VAL A CB  1 
ATOM   987  C CG1 . VAL A 1 136 ? 13.029  -3.367  2.496   1.00 26.71 ? 133 VAL A CG1 1 
ATOM   988  C CG2 . VAL A 1 136 ? 12.219  -3.278  4.829   1.00 30.71 ? 133 VAL A CG2 1 
ATOM   989  N N   . TYR A 1 137 ? 14.779  -5.388  5.063   1.00 25.14 ? 134 TYR A N   1 
ATOM   990  C CA  . TYR A 1 137 ? 15.061  -6.800  4.874   1.00 29.44 ? 134 TYR A CA  1 
ATOM   991  C C   . TYR A 1 137 ? 13.912  -7.622  5.449   1.00 27.97 ? 134 TYR A C   1 
ATOM   992  O O   . TYR A 1 137 ? 13.296  -7.215  6.424   1.00 28.21 ? 134 TYR A O   1 
ATOM   993  C CB  . TYR A 1 137 ? 16.401  -7.179  5.542   1.00 32.32 ? 134 TYR A CB  1 
ATOM   994  C CG  . TYR A 1 137 ? 16.440  -6.928  7.050   1.00 28.28 ? 134 TYR A CG  1 
ATOM   995  C CD1 . TYR A 1 137 ? 16.001  -7.900  7.957   1.00 28.15 ? 134 TYR A CD1 1 
ATOM   996  C CD2 . TYR A 1 137 ? 16.925  -5.725  7.562   1.00 26.77 ? 134 TYR A CD2 1 
ATOM   997  C CE1 . TYR A 1 137 ? 16.036  -7.671  9.335   1.00 25.96 ? 134 TYR A CE1 1 
ATOM   998  C CE2 . TYR A 1 137 ? 16.962  -5.489  8.932   1.00 25.98 ? 134 TYR A CE2 1 
ATOM   999  C CZ  . TYR A 1 137 ? 16.522  -6.464  9.807   1.00 23.25 ? 134 TYR A CZ  1 
ATOM   1000 O OH  . TYR A 1 137 ? 16.550  -6.213  11.157  1.00 23.64 ? 134 TYR A OH  1 
ATOM   1001 N N   . PRO A 1 138 ? 13.633  -8.790  4.855   1.00 32.72 ? 135 PRO A N   1 
ATOM   1002 C CA  . PRO A 1 138 ? 12.586  -9.680  5.368   1.00 35.30 ? 135 PRO A CA  1 
ATOM   1003 C C   . PRO A 1 138 ? 13.057  -10.574 6.525   1.00 41.29 ? 135 PRO A C   1 
ATOM   1004 O O   . PRO A 1 138 ? 14.259  -10.630 6.811   1.00 42.51 ? 135 PRO A O   1 
ATOM   1005 C CB  . PRO A 1 138 ? 12.237  -10.530 4.144   1.00 35.91 ? 135 PRO A CB  1 
ATOM   1006 C CG  . PRO A 1 138 ? 13.514  -10.624 3.395   1.00 31.24 ? 135 PRO A CG  1 
ATOM   1007 C CD  . PRO A 1 138 ? 14.284  -9.343  3.656   1.00 31.96 ? 135 PRO A CD  1 
ATOM   1008 N N   . GLU A 1 139 ? 12.109  -11.256 7.169   1.00 40.61 ? 136 GLU A N   1 
ATOM   1009 C CA  . GLU A 1 139 ? 12.400  -12.306 8.146   1.00 45.99 ? 136 GLU A CA  1 
ATOM   1010 C C   . GLU A 1 139 ? 11.584  -13.563 7.837   1.00 53.12 ? 136 GLU A C   1 
ATOM   1011 O O   . GLU A 1 139 ? 12.141  -14.602 7.472   1.00 66.32 ? 136 GLU A O   1 
ATOM   1012 C CB  . GLU A 1 139 ? 12.092  -11.844 9.557   1.00 42.69 ? 136 GLU A CB  1 
ATOM   1013 C CG  . GLU A 1 139 ? 12.973  -10.745 10.088  1.00 45.12 ? 136 GLU A CG  1 
ATOM   1014 C CD  . GLU A 1 139 ? 12.379  -10.155 11.361  1.00 56.77 ? 136 GLU A CD  1 
ATOM   1015 O OE1 . GLU A 1 139 ? 11.795  -10.918 12.162  1.00 64.91 ? 136 GLU A OE1 1 
ATOM   1016 O OE2 . GLU A 1 139 ? 12.472  -8.928  11.560  1.00 57.37 ? 136 GLU A OE2 1 
ATOM   1017 N N   . ASP A 1 140 ? 10.263  -13.468 7.982   1.00 45.79 ? 137 ASP A N   1 
ATOM   1018 C CA  . ASP A 1 140 ? 9.383   -14.592 7.671   1.00 49.80 ? 137 ASP A CA  1 
ATOM   1019 C C   . ASP A 1 140 ? 9.216   -14.795 6.158   1.00 50.29 ? 137 ASP A C   1 
ATOM   1020 O O   . ASP A 1 140 ? 9.720   -14.009 5.353   1.00 42.35 ? 137 ASP A O   1 
ATOM   1021 C CB  . ASP A 1 140 ? 8.011   -14.402 8.321   1.00 51.77 ? 137 ASP A CB  1 
ATOM   1022 C CG  . ASP A 1 140 ? 7.280   -13.177 7.799   1.00 56.11 ? 137 ASP A CG  1 
ATOM   1023 O OD1 . ASP A 1 140 ? 6.898   -13.171 6.604   1.00 53.30 ? 137 ASP A OD1 1 
ATOM   1024 O OD2 . ASP A 1 140 ? 7.074   -12.226 8.587   1.00 57.23 ? 137 ASP A OD2 1 
ATOM   1025 N N   . ASP A 1 141 ? 8.478   -15.840 5.787   1.00 50.37 ? 138 ASP A N   1 
ATOM   1026 C CA  . ASP A 1 141 ? 8.392   -16.277 4.397   1.00 51.46 ? 138 ASP A CA  1 
ATOM   1027 C C   . ASP A 1 141 ? 7.590   -15.323 3.500   1.00 51.11 ? 138 ASP A C   1 
ATOM   1028 O O   . ASP A 1 141 ? 7.985   -15.076 2.362   1.00 46.78 ? 138 ASP A O   1 
ATOM   1029 C CB  . ASP A 1 141 ? 7.796   -17.692 4.334   1.00 57.72 ? 138 ASP A CB  1 
ATOM   1030 C CG  . ASP A 1 141 ? 8.818   -18.787 4.691   1.00 72.43 ? 138 ASP A CG  1 
ATOM   1031 O OD1 . ASP A 1 141 ? 9.961   -18.458 5.091   1.00 63.11 ? 138 ASP A OD1 1 
ATOM   1032 O OD2 . ASP A 1 141 ? 8.474   -19.984 4.573   1.00 76.22 ? 138 ASP A OD2 1 
ATOM   1033 N N   . VAL A 1 142 ? 6.476   -14.799 4.011   1.00 50.54 ? 139 VAL A N   1 
ATOM   1034 C CA  . VAL A 1 142 ? 5.620   -13.857 3.280   1.00 43.05 ? 139 VAL A CA  1 
ATOM   1035 C C   . VAL A 1 142 ? 6.364   -12.563 2.933   1.00 41.85 ? 139 VAL A C   1 
ATOM   1036 O O   . VAL A 1 142 ? 6.364   -12.106 1.768   1.00 43.11 ? 139 VAL A O   1 
ATOM   1037 C CB  . VAL A 1 142 ? 4.355   -13.530 4.101   1.00 44.13 ? 139 VAL A CB  1 
ATOM   1038 C CG1 . VAL A 1 142 ? 3.637   -12.303 3.543   1.00 40.10 ? 139 VAL A CG1 1 
ATOM   1039 C CG2 . VAL A 1 142 ? 3.422   -14.737 4.147   1.00 37.86 ? 139 VAL A CG2 1 
ATOM   1040 N N   . GLU A 1 143 ? 7.010   -11.989 3.948   1.00 41.11 ? 140 GLU A N   1 
ATOM   1041 C CA  . GLU A 1 143 ? 7.880   -10.831 3.766   1.00 41.37 ? 140 GLU A CA  1 
ATOM   1042 C C   . GLU A 1 143 ? 8.942   -11.126 2.712   1.00 42.63 ? 140 GLU A C   1 
ATOM   1043 O O   . GLU A 1 143 ? 9.246   -10.285 1.867   1.00 39.49 ? 140 GLU A O   1 
ATOM   1044 C CB  . GLU A 1 143 ? 8.544   -10.433 5.083   1.00 38.21 ? 140 GLU A CB  1 
ATOM   1045 C CG  . GLU A 1 143 ? 7.561   -10.031 6.175   1.00 44.89 ? 140 GLU A CG  1 
ATOM   1046 C CD  . GLU A 1 143 ? 8.240   -9.621  7.482   1.00 46.95 ? 140 GLU A CD  1 
ATOM   1047 O OE1 . GLU A 1 143 ? 7.524   -9.472  8.494   1.00 47.43 ? 140 GLU A OE1 1 
ATOM   1048 O OE2 . GLU A 1 143 ? 9.480   -9.440  7.503   1.00 48.26 ? 140 GLU A OE2 1 
ATOM   1049 N N   . LYS A 1 144 ? 9.497   -12.330 2.771   1.00 43.21 ? 141 LYS A N   1 
ATOM   1050 C CA  . LYS A 1 144 ? 10.495  -12.759 1.806   1.00 43.93 ? 141 LYS A CA  1 
ATOM   1051 C C   . LYS A 1 144 ? 9.887   -12.733 0.394   1.00 41.77 ? 141 LYS A C   1 
ATOM   1052 O O   . LYS A 1 144 ? 10.513  -12.244 -0.545  1.00 32.27 ? 141 LYS A O   1 
ATOM   1053 C CB  . LYS A 1 144 ? 11.022  -14.158 2.170   1.00 44.73 ? 141 LYS A CB  1 
ATOM   1054 C CG  . LYS A 1 144 ? 12.230  -14.634 1.368   1.00 51.92 ? 141 LYS A CG  1 
ATOM   1055 C CD  . LYS A 1 144 ? 13.528  -13.919 1.771   1.00 57.52 ? 141 LYS A CD  1 
ATOM   1056 C CE  . LYS A 1 144 ? 14.774  -14.771 1.456   1.00 58.91 ? 141 LYS A CE  1 
ATOM   1057 N NZ  . LYS A 1 144 ? 15.494  -14.337 0.215   1.00 58.93 ? 141 LYS A NZ  1 
ATOM   1058 N N   . TRP A 1 145 ? 8.656   -13.229 0.260   1.00 36.27 ? 142 TRP A N   1 
ATOM   1059 C CA  . TRP A 1 145 ? 7.971   -13.243 -1.030  1.00 38.47 ? 142 TRP A CA  1 
ATOM   1060 C C   . TRP A 1 145 ? 7.832   -11.841 -1.630  1.00 39.93 ? 142 TRP A C   1 
ATOM   1061 O O   . TRP A 1 145 ? 8.193   -11.621 -2.796  1.00 37.03 ? 142 TRP A O   1 
ATOM   1062 C CB  . TRP A 1 145 ? 6.583   -13.884 -0.908  1.00 43.60 ? 142 TRP A CB  1 
ATOM   1063 C CG  . TRP A 1 145 ? 5.820   -13.795 -2.195  1.00 45.48 ? 142 TRP A CG  1 
ATOM   1064 C CD1 . TRP A 1 145 ? 4.932   -12.823 -2.553  1.00 44.62 ? 142 TRP A CD1 1 
ATOM   1065 C CD2 . TRP A 1 145 ? 5.903   -14.693 -3.311  1.00 49.18 ? 142 TRP A CD2 1 
ATOM   1066 N NE1 . TRP A 1 145 ? 4.451   -13.061 -3.821  1.00 46.56 ? 142 TRP A NE1 1 
ATOM   1067 C CE2 . TRP A 1 145 ? 5.029   -14.205 -4.309  1.00 46.32 ? 142 TRP A CE2 1 
ATOM   1068 C CE3 . TRP A 1 145 ? 6.628   -15.865 -3.565  1.00 46.27 ? 142 TRP A CE3 1 
ATOM   1069 C CZ2 . TRP A 1 145 ? 4.855   -14.844 -5.532  1.00 41.09 ? 142 TRP A CZ2 1 
ATOM   1070 C CZ3 . TRP A 1 145 ? 6.455   -16.501 -4.782  1.00 48.65 ? 142 TRP A CZ3 1 
ATOM   1071 C CH2 . TRP A 1 145 ? 5.574   -15.989 -5.751  1.00 46.86 ? 142 TRP A CH2 1 
ATOM   1072 N N   . PHE A 1 146 ? 7.315   -10.893 -0.846  1.00 36.60 ? 143 PHE A N   1 
ATOM   1073 C CA  . PHE A 1 146 ? 7.148   -9.530  -1.379  1.00 34.98 ? 143 PHE A CA  1 
ATOM   1074 C C   . PHE A 1 146 ? 8.500   -8.852  -1.646  1.00 36.71 ? 143 PHE A C   1 
ATOM   1075 O O   . PHE A 1 146 ? 8.669   -8.105  -2.632  1.00 31.71 ? 143 PHE A O   1 
ATOM   1076 C CB  . PHE A 1 146 ? 6.298   -8.677  -0.430  1.00 32.66 ? 143 PHE A CB  1 
ATOM   1077 C CG  . PHE A 1 146 ? 4.858   -9.111  -0.364  1.00 33.76 ? 143 PHE A CG  1 
ATOM   1078 C CD1 . PHE A 1 146 ? 4.011   -8.905  -1.441  1.00 32.94 ? 143 PHE A CD1 1 
ATOM   1079 C CD2 . PHE A 1 146 ? 4.358   -9.744  0.761   1.00 34.14 ? 143 PHE A CD2 1 
ATOM   1080 C CE1 . PHE A 1 146 ? 2.695   -9.318  -1.398  1.00 32.21 ? 143 PHE A CE1 1 
ATOM   1081 C CE2 . PHE A 1 146 ? 3.031   -10.155 0.809   1.00 35.90 ? 143 PHE A CE2 1 
ATOM   1082 C CZ  . PHE A 1 146 ? 2.201   -9.935  -0.276  1.00 30.66 ? 143 PHE A CZ  1 
ATOM   1083 N N   . TYR A 1 147 ? 9.467   -9.135  -0.777  1.00 35.22 ? 144 TYR A N   1 
ATOM   1084 C CA  . TYR A 1 147 ? 10.808  -8.581  -0.928  1.00 38.47 ? 144 TYR A CA  1 
ATOM   1085 C C   . TYR A 1 147 ? 11.479  -9.094  -2.194  1.00 34.96 ? 144 TYR A C   1 
ATOM   1086 O O   . TYR A 1 147 ? 12.174  -8.349  -2.874  1.00 36.83 ? 144 TYR A O   1 
ATOM   1087 C CB  . TYR A 1 147 ? 11.683  -8.918  0.277   1.00 38.27 ? 144 TYR A CB  1 
ATOM   1088 C CG  . TYR A 1 147 ? 13.044  -8.278  0.198   1.00 33.66 ? 144 TYR A CG  1 
ATOM   1089 C CD1 . TYR A 1 147 ? 14.147  -8.982  -0.282  1.00 38.15 ? 144 TYR A CD1 1 
ATOM   1090 C CD2 . TYR A 1 147 ? 13.222  -6.960  0.582   1.00 30.04 ? 144 TYR A CD2 1 
ATOM   1091 C CE1 . TYR A 1 147 ? 15.402  -8.377  -0.364  1.00 38.87 ? 144 TYR A CE1 1 
ATOM   1092 C CE2 . TYR A 1 147 ? 14.456  -6.351  0.506   1.00 32.27 ? 144 TYR A CE2 1 
ATOM   1093 C CZ  . TYR A 1 147 ? 15.545  -7.055  0.032   1.00 40.38 ? 144 TYR A CZ  1 
ATOM   1094 O OH  . TYR A 1 147 ? 16.770  -6.420  -0.040  1.00 44.31 ? 144 TYR A OH  1 
ATOM   1095 N N   . ASP A 1 148 ? 11.258  -10.372 -2.490  1.00 35.64 ? 145 ASP A N   1 
ATOM   1096 C CA  . ASP A 1 148 ? 11.882  -11.059 -3.623  1.00 39.19 ? 145 ASP A CA  1 
ATOM   1097 C C   . ASP A 1 148 ? 11.195  -10.719 -4.939  1.00 40.55 ? 145 ASP A C   1 
ATOM   1098 O O   . ASP A 1 148 ? 11.826  -10.752 -5.986  1.00 38.25 ? 145 ASP A O   1 
ATOM   1099 C CB  . ASP A 1 148 ? 11.863  -12.582 -3.435  1.00 35.28 ? 145 ASP A CB  1 
ATOM   1100 C CG  . ASP A 1 148 ? 12.879  -13.076 -2.404  1.00 42.86 ? 145 ASP A CG  1 
ATOM   1101 O OD1 . ASP A 1 148 ? 13.883  -12.374 -2.133  1.00 39.86 ? 145 ASP A OD1 1 
ATOM   1102 O OD2 . ASP A 1 148 ? 12.668  -14.192 -1.877  1.00 38.43 ? 145 ASP A OD2 1 
ATOM   1103 N N   . THR A 1 149 ? 9.904   -10.400 -4.896  1.00 39.64 ? 146 THR A N   1 
ATOM   1104 C CA  . THR A 1 149 ? 9.213   -10.035 -6.132  1.00 40.82 ? 146 THR A CA  1 
ATOM   1105 C C   . THR A 1 149 ? 9.204   -8.521  -6.399  1.00 40.77 ? 146 THR A C   1 
ATOM   1106 O O   . THR A 1 149 ? 8.789   -8.089  -7.471  1.00 41.45 ? 146 THR A O   1 
ATOM   1107 C CB  . THR A 1 149 ? 7.765   -10.559 -6.143  1.00 39.49 ? 146 THR A CB  1 
ATOM   1108 O OG1 . THR A 1 149 ? 7.068   -10.081 -4.988  1.00 40.03 ? 146 THR A OG1 1 
ATOM   1109 C CG2 . THR A 1 149 ? 7.743   -12.086 -6.146  1.00 30.73 ? 146 THR A CG2 1 
ATOM   1110 N N   . ALA A 1 150 ? 9.686   -7.720  -5.449  1.00 42.81 ? 147 ALA A N   1 
ATOM   1111 C CA  . ALA A 1 150 ? 9.694   -6.256  -5.623  1.00 39.87 ? 147 ALA A CA  1 
ATOM   1112 C C   . ALA A 1 150 ? 10.517  -5.677  -6.806  1.00 42.28 ? 147 ALA A C   1 
ATOM   1113 O O   . ALA A 1 150 ? 10.002  -4.805  -7.521  1.00 44.52 ? 147 ALA A O   1 
ATOM   1114 C CB  . ALA A 1 150 ? 10.145  -5.578  -4.316  1.00 34.63 ? 147 ALA A CB  1 
ATOM   1115 N N   . PRO A 1 151 ? 11.790  -6.104  -6.998  1.00 45.68 ? 148 PRO A N   1 
ATOM   1116 C CA  . PRO A 1 151 ? 12.619  -5.477  -8.052  1.00 47.11 ? 148 PRO A CA  1 
ATOM   1117 C C   . PRO A 1 151 ? 11.944  -5.350  -9.422  1.00 46.14 ? 148 PRO A C   1 
ATOM   1118 O O   . PRO A 1 151 ? 11.967  -4.286  -10.059 1.00 49.78 ? 148 PRO A O   1 
ATOM   1119 C CB  . PRO A 1 151 ? 13.835  -6.413  -8.159  1.00 41.05 ? 148 PRO A CB  1 
ATOM   1120 C CG  . PRO A 1 151 ? 13.666  -7.460  -7.080  1.00 48.20 ? 148 PRO A CG  1 
ATOM   1121 C CD  . PRO A 1 151 ? 12.595  -7.007  -6.153  1.00 44.50 ? 148 PRO A CD  1 
ATOM   1122 N N   . GLN A 1 152 ? 11.330  -6.441  -9.851  1.00 44.08 ? 149 GLN A N   1 
ATOM   1123 C CA  . GLN A 1 152 ? 10.628  -6.499  -11.119 1.00 50.19 ? 149 GLN A CA  1 
ATOM   1124 C C   . GLN A 1 152 ? 9.456   -5.495  -11.190 1.00 51.67 ? 149 GLN A C   1 
ATOM   1125 O O   . GLN A 1 152 ? 9.335   -4.760  -12.178 1.00 53.06 ? 149 GLN A O   1 
ATOM   1126 C CB  . GLN A 1 152 ? 10.143  -7.930  -11.359 1.00 50.98 ? 149 GLN A CB  1 
ATOM   1127 C CG  . GLN A 1 152 ? 11.197  -9.034  -11.143 1.00 57.90 ? 149 GLN A CG  1 
ATOM   1128 C CD  . GLN A 1 152 ? 11.305  -9.496  -9.677  1.00 59.45 ? 149 GLN A CD  1 
ATOM   1129 O OE1 . GLN A 1 152 ? 11.413  -8.676  -8.759  1.00 56.61 ? 149 GLN A OE1 1 
ATOM   1130 N NE2 . GLN A 1 152 ? 11.270  -10.813 -9.458  1.00 52.42 ? 149 GLN A NE2 1 
ATOM   1131 N N   . ARG A 1 153 ? 8.616   -5.452  -10.146 1.00 49.34 ? 150 ARG A N   1 
ATOM   1132 C CA  . ARG A 1 153 ? 7.531   -4.457  -10.038 1.00 46.17 ? 150 ARG A CA  1 
ATOM   1133 C C   . ARG A 1 153 ? 8.072   -3.040  -10.146 1.00 47.53 ? 150 ARG A C   1 
ATOM   1134 O O   . ARG A 1 153 ? 7.449   -2.162  -10.755 1.00 46.38 ? 150 ARG A O   1 
ATOM   1135 C CB  . ARG A 1 153 ? 6.767   -4.581  -8.709  1.00 36.43 ? 150 ARG A CB  1 
ATOM   1136 C CG  . ARG A 1 153 ? 5.674   -5.631  -8.654  1.00 34.57 ? 150 ARG A CG  1 
ATOM   1137 C CD  . ARG A 1 153 ? 4.846   -5.509  -7.363  1.00 37.18 ? 150 ARG A CD  1 
ATOM   1138 N NE  . ARG A 1 153 ? 5.651   -5.493  -6.134  1.00 38.23 ? 150 ARG A NE  1 
ATOM   1139 C CZ  . ARG A 1 153 ? 5.983   -6.573  -5.417  1.00 44.07 ? 150 ARG A CZ  1 
ATOM   1140 N NH1 . ARG A 1 153 ? 5.599   -7.791  -5.793  1.00 40.78 ? 150 ARG A NH1 1 
ATOM   1141 N NH2 . ARG A 1 153 ? 6.709   -6.442  -4.310  1.00 37.31 ? 150 ARG A NH2 1 
ATOM   1142 N N   . VAL A 1 154 ? 9.232   -2.820  -9.531  1.00 47.16 ? 151 VAL A N   1 
ATOM   1143 C CA  . VAL A 1 154 ? 9.882   -1.518  -9.581  1.00 49.56 ? 151 VAL A CA  1 
ATOM   1144 C C   . VAL A 1 154 ? 10.247  -1.160  -11.024 1.00 46.45 ? 151 VAL A C   1 
ATOM   1145 O O   . VAL A 1 154 ? 10.011  -0.035  -11.481 1.00 50.65 ? 151 VAL A O   1 
ATOM   1146 C CB  . VAL A 1 154 ? 11.140  -1.489  -8.682  1.00 49.45 ? 151 VAL A CB  1 
ATOM   1147 C CG1 . VAL A 1 154 ? 12.012  -0.280  -9.000  1.00 48.82 ? 151 VAL A CG1 1 
ATOM   1148 C CG2 . VAL A 1 154 ? 10.734  -1.499  -7.210  1.00 48.64 ? 151 VAL A CG2 1 
ATOM   1149 N N   . GLU A 1 155 ? 10.792  -2.129  -11.755 1.00 49.09 ? 152 GLU A N   1 
ATOM   1150 C CA  . GLU A 1 155 ? 11.188  -1.864  -13.137 1.00 56.26 ? 152 GLU A CA  1 
ATOM   1151 C C   . GLU A 1 155 ? 9.952   -1.592  -14.027 1.00 52.12 ? 152 GLU A C   1 
ATOM   1152 O O   . GLU A 1 155 ? 9.950   -0.660  -14.865 1.00 53.17 ? 152 GLU A O   1 
ATOM   1153 C CB  . GLU A 1 155 ? 12.037  -3.028  -13.675 1.00 56.31 ? 152 GLU A CB  1 
ATOM   1154 C CG  . GLU A 1 155 ? 11.332  -3.962  -14.643 1.00 64.31 ? 152 GLU A CG  1 
ATOM   1155 C CD  . GLU A 1 155 ? 12.252  -5.007  -15.223 1.00 78.14 ? 152 GLU A CD  1 
ATOM   1156 O OE1 . GLU A 1 155 ? 13.362  -5.196  -14.674 1.00 83.56 ? 152 GLU A OE1 1 
ATOM   1157 O OE2 . GLU A 1 155 ? 11.864  -5.635  -16.234 1.00 88.05 ? 152 GLU A OE2 1 
ATOM   1158 N N   . ARG A 1 156 ? 8.891   -2.370  -13.819 1.00 49.61 ? 153 ARG A N   1 
ATOM   1159 C CA  . ARG A 1 156 ? 7.661   -2.173  -14.582 1.00 51.76 ? 153 ARG A CA  1 
ATOM   1160 C C   . ARG A 1 156 ? 7.063   -0.791  -14.298 1.00 50.10 ? 153 ARG A C   1 
ATOM   1161 O O   . ARG A 1 156 ? 6.590   -0.108  -15.215 1.00 53.69 ? 153 ARG A O   1 
ATOM   1162 C CB  . ARG A 1 156 ? 6.654   -3.285  -14.280 1.00 46.16 ? 153 ARG A CB  1 
ATOM   1163 C CG  . ARG A 1 156 ? 6.902   -4.568  -15.088 1.00 52.28 ? 153 ARG A CG  1 
ATOM   1164 C CD  . ARG A 1 156 ? 6.105   -5.736  -14.517 1.00 64.57 ? 153 ARG A CD  1 
ATOM   1165 N NE  . ARG A 1 156 ? 6.915   -6.890  -14.118 1.00 75.98 ? 153 ARG A NE  1 
ATOM   1166 C CZ  . ARG A 1 156 ? 6.802   -7.522  -12.947 1.00 71.99 ? 153 ARG A CZ  1 
ATOM   1167 N NH1 . ARG A 1 156 ? 5.938   -7.098  -12.029 1.00 66.77 ? 153 ARG A NH1 1 
ATOM   1168 N NH2 . ARG A 1 156 ? 7.559   -8.578  -12.687 1.00 65.97 ? 153 ARG A NH2 1 
ATOM   1169 N N   . ARG A 1 157 ? 7.119   -0.370  -13.036 1.00 51.48 ? 154 ARG A N   1 
ATOM   1170 C CA  . ARG A 1 157 ? 6.708   0.977   -12.660 1.00 45.36 ? 154 ARG A CA  1 
ATOM   1171 C C   . ARG A 1 157 ? 7.555   2.021   -13.395 1.00 47.82 ? 154 ARG A C   1 
ATOM   1172 O O   . ARG A 1 157 ? 7.060   3.089   -13.771 1.00 52.22 ? 154 ARG A O   1 
ATOM   1173 C CB  . ARG A 1 157 ? 6.811   1.170   -11.141 1.00 42.79 ? 154 ARG A CB  1 
ATOM   1174 C CG  . ARG A 1 157 ? 6.601   2.610   -10.694 1.00 45.15 ? 154 ARG A CG  1 
ATOM   1175 C CD  . ARG A 1 157 ? 6.342   2.744   -9.191  1.00 45.94 ? 154 ARG A CD  1 
ATOM   1176 N NE  . ARG A 1 157 ? 7.547   3.145   -8.459  1.00 59.24 ? 154 ARG A NE  1 
ATOM   1177 C CZ  . ARG A 1 157 ? 8.200   2.374   -7.586  1.00 62.84 ? 154 ARG A CZ  1 
ATOM   1178 N NH1 . ARG A 1 157 ? 7.763   1.144   -7.310  1.00 55.54 ? 154 ARG A NH1 1 
ATOM   1179 N NH2 . ARG A 1 157 ? 9.287   2.838   -6.970  1.00 58.12 ? 154 ARG A NH2 1 
ATOM   1180 N N   . LYS A 1 158 ? 8.830   1.707   -13.613 1.00 51.73 ? 155 LYS A N   1 
ATOM   1181 C CA  . LYS A 1 158 ? 9.703   2.613   -14.366 1.00 56.70 ? 155 LYS A CA  1 
ATOM   1182 C C   . LYS A 1 158 ? 9.192   2.827   -15.800 1.00 53.72 ? 155 LYS A C   1 
ATOM   1183 O O   . LYS A 1 158 ? 9.071   3.978   -16.284 1.00 49.85 ? 155 LYS A O   1 
ATOM   1184 C CB  . LYS A 1 158 ? 11.132  2.071   -14.394 1.00 56.02 ? 155 LYS A CB  1 
ATOM   1185 C CG  . LYS A 1 158 ? 12.209  3.135   -14.330 1.00 69.02 ? 155 LYS A CG  1 
ATOM   1186 C CD  . LYS A 1 158 ? 12.375  3.662   -12.908 1.00 76.36 ? 155 LYS A CD  1 
ATOM   1187 C CE  . LYS A 1 158 ? 13.644  4.505   -12.783 1.00 85.19 ? 155 LYS A CE  1 
ATOM   1188 N NZ  . LYS A 1 158 ? 13.687  5.316   -11.529 1.00 85.45 ? 155 LYS A NZ  1 
ATOM   1189 N N   . ALA A 1 159 ? 8.885   1.716   -16.474 1.00 48.43 ? 156 ALA A N   1 
ATOM   1190 C CA  . ALA A 1 159 ? 8.342   1.800   -17.840 1.00 50.41 ? 156 ALA A CA  1 
ATOM   1191 C C   . ALA A 1 159 ? 7.003   2.563   -17.887 1.00 49.23 ? 156 ALA A C   1 
ATOM   1192 O O   . ALA A 1 159 ? 6.807   3.477   -18.717 1.00 54.60 ? 156 ALA A O   1 
ATOM   1193 C CB  . ALA A 1 159 ? 8.180   0.407   -18.426 1.00 45.91 ? 156 ALA A CB  1 
ATOM   1194 N N   . ARG A 1 160 ? 6.089   2.197   -16.988 1.00 56.34 ? 157 ARG A N   1 
ATOM   1195 C CA  . ARG A 1 160 ? 4.811   2.899   -16.885 1.00 48.18 ? 157 ARG A CA  1 
ATOM   1196 C C   . ARG A 1 160 ? 5.030   4.387   -16.692 1.00 47.44 ? 157 ARG A C   1 
ATOM   1197 O O   . ARG A 1 160 ? 4.294   5.192   -17.236 1.00 56.82 ? 157 ARG A O   1 
ATOM   1198 C CB  . ARG A 1 160 ? 3.954   2.361   -15.739 1.00 49.49 ? 157 ARG A CB  1 
ATOM   1199 C CG  . ARG A 1 160 ? 2.835   3.334   -15.327 1.00 58.00 ? 157 ARG A CG  1 
ATOM   1200 C CD  . ARG A 1 160 ? 1.988   2.819   -14.176 1.00 57.84 ? 157 ARG A CD  1 
ATOM   1201 N NE  . ARG A 1 160 ? 1.148   1.699   -14.597 1.00 64.50 ? 157 ARG A NE  1 
ATOM   1202 C CZ  . ARG A 1 160 ? 0.512   0.876   -13.765 1.00 62.67 ? 157 ARG A CZ  1 
ATOM   1203 N NH1 . ARG A 1 160 ? 0.616   1.037   -12.444 1.00 45.74 ? 157 ARG A NH1 1 
ATOM   1204 N NH2 . ARG A 1 160 ? -0.221  -0.118  -14.259 1.00 60.73 ? 157 ARG A NH2 1 
ATOM   1205 N N   . ARG A 1 161 ? 6.045   4.766   -15.927 1.00 48.33 ? 158 ARG A N   1 
ATOM   1206 C CA  . ARG A 1 161 ? 6.283   6.187   -15.710 1.00 51.55 ? 158 ARG A CA  1 
ATOM   1207 C C   . ARG A 1 161 ? 6.783   6.857   -16.998 1.00 51.35 ? 158 ARG A C   1 
ATOM   1208 O O   . ARG A 1 161 ? 6.498   8.036   -17.246 1.00 55.73 ? 158 ARG A O   1 
ATOM   1209 C CB  . ARG A 1 161 ? 7.266   6.409   -14.558 1.00 56.39 ? 158 ARG A CB  1 
ATOM   1210 C CG  . ARG A 1 161 ? 7.134   7.786   -13.911 1.00 64.24 ? 158 ARG A CG  1 
ATOM   1211 C CD  . ARG A 1 161 ? 8.034   7.944   -12.688 1.00 68.57 ? 158 ARG A CD  1 
ATOM   1212 N NE  . ARG A 1 161 ? 8.006   9.311   -12.164 1.00 73.32 ? 158 ARG A NE  1 
ATOM   1213 C CZ  . ARG A 1 161 ? 8.912   9.812   -11.326 1.00 74.13 ? 158 ARG A CZ  1 
ATOM   1214 N NH1 . ARG A 1 161 ? 8.808   11.071  -10.906 1.00 70.10 ? 158 ARG A NH1 1 
ATOM   1215 N NH2 . ARG A 1 161 ? 9.929   9.059   -10.912 1.00 65.22 ? 158 ARG A NH2 1 
ATOM   1216 N N   . ILE A 1 162 ? 7.502   6.110   -17.831 1.00 49.00 ? 159 ILE A N   1 
ATOM   1217 C CA  . ILE A 1 162 ? 7.880   6.641   -19.151 1.00 52.61 ? 159 ILE A CA  1 
ATOM   1218 C C   . ILE A 1 162 ? 6.656   6.946   -20.034 1.00 49.66 ? 159 ILE A C   1 
ATOM   1219 O O   . ILE A 1 162 ? 6.510   8.070   -20.577 1.00 51.61 ? 159 ILE A O   1 
ATOM   1220 C CB  . ILE A 1 162 ? 8.818   5.665   -19.908 1.00 57.56 ? 159 ILE A CB  1 
ATOM   1221 C CG1 . ILE A 1 162 ? 10.230  5.717   -19.316 1.00 53.92 ? 159 ILE A CG1 1 
ATOM   1222 C CG2 . ILE A 1 162 ? 8.857   5.989   -21.399 1.00 51.27 ? 159 ILE A CG2 1 
ATOM   1223 C CD1 . ILE A 1 162 ? 11.090  4.527   -19.687 1.00 52.92 ? 159 ILE A CD1 1 
ATOM   1224 N N   . GLU A 1 163 ? 5.774   5.953   -20.174 1.00 54.56 ? 160 GLU A N   1 
ATOM   1225 C CA  . GLU A 1 163 ? 4.562   6.152   -20.989 1.00 56.02 ? 160 GLU A CA  1 
ATOM   1226 C C   . GLU A 1 163 ? 3.676   7.267   -20.422 1.00 52.16 ? 160 GLU A C   1 
ATOM   1227 O O   . GLU A 1 163 ? 3.151   8.125   -21.159 1.00 52.31 ? 160 GLU A O   1 
ATOM   1228 C CB  . GLU A 1 163 ? 3.765   4.849   -21.102 1.00 51.57 ? 160 GLU A CB  1 
ATOM   1229 C CG  . GLU A 1 163 ? 4.489   3.755   -21.893 1.00 60.80 ? 160 GLU A CG  1 
ATOM   1230 C CD  . GLU A 1 163 ? 4.783   4.161   -23.339 1.00 71.71 ? 160 GLU A CD  1 
ATOM   1231 O OE1 . GLU A 1 163 ? 3.918   4.805   -23.973 1.00 68.80 ? 160 GLU A OE1 1 
ATOM   1232 O OE2 . GLU A 1 163 ? 5.883   3.840   -23.843 1.00 74.20 ? 160 GLU A OE2 1 
ATOM   1233 N N   . SER A 1 164 ? 3.538   7.250   -19.103 1.00 48.40 ? 161 SER A N   1 
ATOM   1234 C CA  . SER A 1 164 ? 2.811   8.270   -18.367 1.00 48.75 ? 161 SER A CA  1 
ATOM   1235 C C   . SER A 1 164 ? 3.344   9.662   -18.695 1.00 50.78 ? 161 SER A C   1 
ATOM   1236 O O   . SER A 1 164 ? 2.567   10.600  -18.900 1.00 46.80 ? 161 SER A O   1 
ATOM   1237 C CB  . SER A 1 164 ? 2.902   7.994   -16.863 1.00 48.17 ? 161 SER A CB  1 
ATOM   1238 O OG  . SER A 1 164 ? 2.247   8.993   -16.105 1.00 52.67 ? 161 SER A OG  1 
ATOM   1239 N N   . LYS A 1 165 ? 4.666   9.800   -18.763 1.00 49.75 ? 162 LYS A N   1 
ATOM   1240 C CA  . LYS A 1 165 ? 5.238   11.102  -19.096 1.00 52.00 ? 162 LYS A CA  1 
ATOM   1241 C C   . LYS A 1 165 ? 4.907   11.499  -20.546 1.00 52.37 ? 162 LYS A C   1 
ATOM   1242 O O   . LYS A 1 165 ? 4.643   12.679  -20.830 1.00 50.96 ? 162 LYS A O   1 
ATOM   1243 C CB  . LYS A 1 165 ? 6.749   11.106  -18.864 1.00 54.46 ? 162 LYS A CB  1 
ATOM   1244 C CG  . LYS A 1 165 ? 7.498   12.188  -19.644 1.00 69.00 ? 162 LYS A CG  1 
ATOM   1245 C CD  . LYS A 1 165 ? 8.762   12.644  -18.916 1.00 70.11 ? 162 LYS A CD  1 
ATOM   1246 C CE  . LYS A 1 165 ? 9.876   12.986  -19.903 1.00 70.06 ? 162 LYS A CE  1 
ATOM   1247 N NZ  . LYS A 1 165 ? 11.214  12.520  -19.426 1.00 69.86 ? 162 LYS A NZ  1 
ATOM   1248 N N   . GLN A 1 166 ? 4.900   10.529  -21.461 1.00 48.63 ? 163 GLN A N   1 
ATOM   1249 C CA  . GLN A 1 166 ? 4.436   10.845  -22.823 1.00 55.35 ? 163 GLN A CA  1 
ATOM   1250 C C   . GLN A 1 166 ? 3.008   11.406  -22.831 1.00 53.48 ? 163 GLN A C   1 
ATOM   1251 O O   . GLN A 1 166 ? 2.717   12.403  -23.513 1.00 44.12 ? 163 GLN A O   1 
ATOM   1252 C CB  . GLN A 1 166 ? 4.487   9.616   -23.728 1.00 56.20 ? 163 GLN A CB  1 
ATOM   1253 C CG  . GLN A 1 166 ? 5.873   9.200   -24.158 1.00 60.30 ? 163 GLN A CG  1 
ATOM   1254 C CD  . GLN A 1 166 ? 5.839   7.938   -24.983 1.00 58.43 ? 163 GLN A CD  1 
ATOM   1255 O OE1 . GLN A 1 166 ? 4.778   7.528   -25.450 1.00 58.12 ? 163 GLN A OE1 1 
ATOM   1256 N NE2 . GLN A 1 166 ? 6.993   7.293   -25.137 1.00 62.68 ? 163 GLN A NE2 1 
ATOM   1257 N N   . THR A 1 167 ? 2.118   10.760  -22.076 1.00 54.55 ? 164 THR A N   1 
ATOM   1258 C CA  . THR A 1 167 ? 0.724   11.199  -22.024 1.00 45.86 ? 164 THR A CA  1 
ATOM   1259 C C   . THR A 1 167 ? 0.610   12.601  -21.429 1.00 45.67 ? 164 THR A C   1 
ATOM   1260 O O   . THR A 1 167 ? -0.122  13.458  -21.947 1.00 46.88 ? 164 THR A O   1 
ATOM   1261 C CB  . THR A 1 167 ? -0.146  10.215  -21.223 1.00 43.88 ? 164 THR A CB  1 
ATOM   1262 O OG1 . THR A 1 167 ? -0.271  8.993   -21.959 1.00 44.71 ? 164 THR A OG1 1 
ATOM   1263 C CG2 . THR A 1 167 ? -1.526  10.779  -21.000 1.00 39.29 ? 164 THR A CG2 1 
ATOM   1264 N N   . ILE A 1 168 ? 1.345   12.842  -20.350 1.00 48.88 ? 165 ILE A N   1 
ATOM   1265 C CA  . ILE A 1 168 ? 1.329   14.156  -19.725 1.00 47.27 ? 165 ILE A CA  1 
ATOM   1266 C C   . ILE A 1 168 ? 1.764   15.215  -20.721 1.00 46.22 ? 165 ILE A C   1 
ATOM   1267 O O   . ILE A 1 168 ? 1.110   16.246  -20.848 1.00 48.25 ? 165 ILE A O   1 
ATOM   1268 C CB  . ILE A 1 168 ? 2.234   14.220  -18.488 1.00 45.62 ? 165 ILE A CB  1 
ATOM   1269 C CG1 . ILE A 1 168 ? 1.744   13.245  -17.423 1.00 46.28 ? 165 ILE A CG1 1 
ATOM   1270 C CG2 . ILE A 1 168 ? 2.244   15.623  -17.909 1.00 43.06 ? 165 ILE A CG2 1 
ATOM   1271 C CD1 . ILE A 1 168 ? 2.645   13.188  -16.214 1.00 45.75 ? 165 ILE A CD1 1 
ATOM   1272 N N   . GLU A 1 169 ? 2.847   14.955  -21.450 1.00 54.54 ? 166 GLU A N   1 
ATOM   1273 C CA  . GLU A 1 169 ? 3.319   15.940  -22.428 1.00 51.43 ? 166 GLU A CA  1 
ATOM   1274 C C   . GLU A 1 169 ? 2.324   16.159  -23.559 1.00 50.42 ? 166 GLU A C   1 
ATOM   1275 O O   . GLU A 1 169 ? 2.155   17.285  -24.018 1.00 51.82 ? 166 GLU A O   1 
ATOM   1276 C CB  . GLU A 1 169 ? 4.675   15.542  -23.005 1.00 57.99 ? 166 GLU A CB  1 
ATOM   1277 C CG  . GLU A 1 169 ? 5.811   15.745  -22.014 1.00 70.36 ? 166 GLU A CG  1 
ATOM   1278 C CD  . GLU A 1 169 ? 7.173   15.768  -22.671 1.00 80.15 ? 166 GLU A CD  1 
ATOM   1279 O OE1 . GLU A 1 169 ? 7.241   15.641  -23.916 1.00 84.35 ? 166 GLU A OE1 1 
ATOM   1280 O OE2 . GLU A 1 169 ? 8.176   15.918  -21.936 1.00 76.25 ? 166 GLU A OE2 1 
ATOM   1281 N N   . TYR A 1 170 ? 1.655   15.096  -24.003 1.00 44.04 ? 167 TYR A N   1 
ATOM   1282 C CA  . TYR A 1 170 ? 0.617   15.257  -25.022 1.00 46.92 ? 167 TYR A CA  1 
ATOM   1283 C C   . TYR A 1 170 ? -0.566  16.111  -24.557 1.00 51.30 ? 167 TYR A C   1 
ATOM   1284 O O   . TYR A 1 170 ? -1.077  16.920  -25.318 1.00 50.89 ? 167 TYR A O   1 
ATOM   1285 C CB  . TYR A 1 170 ? 0.078   13.908  -25.481 1.00 45.34 ? 167 TYR A CB  1 
ATOM   1286 C CG  . TYR A 1 170 ? -0.847  14.049  -26.663 1.00 53.48 ? 167 TYR A CG  1 
ATOM   1287 C CD1 . TYR A 1 170 ? -0.343  14.052  -27.961 1.00 56.21 ? 167 TYR A CD1 1 
ATOM   1288 C CD2 . TYR A 1 170 ? -2.222  14.204  -26.491 1.00 52.53 ? 167 TYR A CD2 1 
ATOM   1289 C CE1 . TYR A 1 170 ? -1.178  14.190  -29.059 1.00 55.87 ? 167 TYR A CE1 1 
ATOM   1290 C CE2 . TYR A 1 170 ? -3.074  14.345  -27.592 1.00 53.29 ? 167 TYR A CE2 1 
ATOM   1291 C CZ  . TYR A 1 170 ? -2.541  14.336  -28.873 1.00 56.74 ? 167 TYR A CZ  1 
ATOM   1292 O OH  . TYR A 1 170 ? -3.361  14.471  -29.975 1.00 61.31 ? 167 TYR A OH  1 
ATOM   1293 N N   . LEU A 1 171 ? -1.022  15.909  -23.323 1.00 53.02 ? 168 LEU A N   1 
ATOM   1294 C CA  . LEU A 1 171 ? -2.176  16.660  -22.823 1.00 51.01 ? 168 LEU A CA  1 
ATOM   1295 C C   . LEU A 1 171 ? -1.846  18.124  -22.615 1.00 50.29 ? 168 LEU A C   1 
ATOM   1296 O O   . LEU A 1 171 ? -2.734  18.966  -22.615 1.00 55.53 ? 168 LEU A O   1 
ATOM   1297 C CB  . LEU A 1 171 ? -2.689  16.070  -21.506 1.00 50.06 ? 168 LEU A CB  1 
ATOM   1298 C CG  . LEU A 1 171 ? -3.271  14.666  -21.602 1.00 49.06 ? 168 LEU A CG  1 
ATOM   1299 C CD1 . LEU A 1 171 ? -3.593  14.161  -20.211 1.00 44.97 ? 168 LEU A CD1 1 
ATOM   1300 C CD2 . LEU A 1 171 ? -4.504  14.671  -22.491 1.00 42.27 ? 168 LEU A CD2 1 
ATOM   1301 N N   . ALA A 1 172 ? -0.567  18.423  -22.417 1.00 52.14 ? 169 ALA A N   1 
ATOM   1302 C CA  . ALA A 1 172 ? -0.147  19.802  -22.194 1.00 55.09 ? 169 ALA A CA  1 
ATOM   1303 C C   . ALA A 1 172 ? -0.239  20.631  -23.486 1.00 60.42 ? 169 ALA A C   1 
ATOM   1304 O O   . ALA A 1 172 ? -0.247  21.863  -23.444 1.00 60.24 ? 169 ALA A O   1 
ATOM   1305 C CB  . ALA A 1 172 ? 1.264   19.839  -21.623 1.00 50.82 ? 169 ALA A CB  1 
ATOM   1306 N N   . GLN A 1 173 ? -0.314  19.960  -24.632 1.00 55.95 ? 170 GLN A N   1 
ATOM   1307 C CA  . GLN A 1 173 ? -0.576  20.658  -25.883 1.00 58.85 ? 170 GLN A CA  1 
ATOM   1308 C C   . GLN A 1 173 ? -1.995  20.368  -26.377 1.00 63.14 ? 170 GLN A C   1 
ATOM   1309 O O   . GLN A 1 173 ? -2.200  19.612  -27.326 1.00 58.78 ? 170 GLN A O   1 
ATOM   1310 C CB  . GLN A 1 173 ? 0.461   20.282  -26.945 1.00 61.86 ? 170 GLN A CB  1 
ATOM   1311 C CG  . GLN A 1 173 ? 0.710   18.797  -27.083 1.00 60.74 ? 170 GLN A CG  1 
ATOM   1312 C CD  . GLN A 1 173 ? 1.691   18.470  -28.184 1.00 64.68 ? 170 GLN A CD  1 
ATOM   1313 O OE1 . GLN A 1 173 ? 2.822   18.061  -27.919 1.00 72.38 ? 170 GLN A OE1 1 
ATOM   1314 N NE2 . GLN A 1 173 ? 1.268   18.647  -29.431 1.00 63.27 ? 170 GLN A NE2 1 
ATOM   1315 N N   . ALA A 1 174 ? -2.971  20.970  -25.699 1.00 67.82 ? 171 ALA A N   1 
ATOM   1316 C CA  . ALA A 1 174 ? -4.366  20.952  -26.134 1.00 65.47 ? 171 ALA A CA  1 
ATOM   1317 C C   . ALA A 1 174 ? -5.174  21.964  -25.330 1.00 65.40 ? 171 ALA A C   1 
ATOM   1318 O O   . ALA A 1 174 ? -4.653  22.614  -24.419 1.00 66.43 ? 171 ALA A O   1 
ATOM   1319 C CB  . ALA A 1 174 ? -4.962  19.561  -25.995 1.00 62.55 ? 171 ALA A CB  1 
HETATM 1320 N N1A . COA B 2 .   ? 5.646   7.001   -9.118  0.70 53.78 ? 200 COA A N1A 1 
HETATM 1321 C C2A . COA B 2 .   ? 6.628   6.364   -8.416  0.70 52.70 ? 200 COA A C2A 1 
HETATM 1322 N N3A . COA B 2 .   ? 7.631   7.088   -7.847  0.70 57.99 ? 200 COA A N3A 1 
HETATM 1323 C C4A . COA B 2 .   ? 7.653   8.448   -7.978  0.70 57.82 ? 200 COA A C4A 1 
HETATM 1324 C C5A . COA B 2 .   ? 6.694   9.074   -8.666  0.70 57.41 ? 200 COA A C5A 1 
HETATM 1325 C C6A . COA B 2 .   ? 5.662   8.322   -9.252  0.70 56.72 ? 200 COA A C6A 1 
HETATM 1326 N N6A . COA B 2 .   ? 4.591   8.988   -10.014 0.70 55.03 ? 200 COA A N6A 1 
HETATM 1327 N N7A . COA B 2 .   ? 6.953   10.409  -8.645  0.70 56.05 ? 200 COA A N7A 1 
HETATM 1328 C C8A . COA B 2 .   ? 8.075   10.607  -7.939  0.70 59.74 ? 200 COA A C8A 1 
HETATM 1329 N N9A . COA B 2 .   ? 8.508   9.398   -7.533  0.70 60.93 ? 200 COA A N9A 1 
HETATM 1330 C C1B . COA B 2 .   ? 9.653   9.002   -6.750  0.70 58.93 ? 200 COA A C1B 1 
HETATM 1331 C C2B . COA B 2 .   ? 10.790  9.126   -7.432  0.70 59.48 ? 200 COA A C2B 1 
HETATM 1332 O O2B . COA B 2 .   ? 11.015  7.996   -8.235  0.70 55.53 ? 200 COA A O2B 1 
HETATM 1333 C C3B . COA B 2 .   ? 11.941  9.210   -6.262  0.70 56.43 ? 200 COA A C3B 1 
HETATM 1334 O O3B . COA B 2 .   ? 12.229  7.883   -5.837  0.70 59.41 ? 200 COA A O3B 1 
HETATM 1335 P P3B . COA B 2 .   ? 13.750  7.472   -5.352  0.70 51.91 ? 200 COA A P3B 1 
HETATM 1336 O O7A . COA B 2 .   ? 14.735  8.013   -6.347  0.70 54.05 ? 200 COA A O7A 1 
HETATM 1337 O O8A . COA B 2 .   ? 13.838  5.949   -5.260  0.70 44.87 ? 200 COA A O8A 1 
HETATM 1338 O O9A . COA B 2 .   ? 14.026  8.062   -3.996  0.70 46.77 ? 200 COA A O9A 1 
HETATM 1339 C C4B . COA B 2 .   ? 11.386  9.922   -5.233  0.70 55.98 ? 200 COA A C4B 1 
HETATM 1340 O O4B . COA B 2 .   ? 9.871   10.033  -5.557  0.70 57.79 ? 200 COA A O4B 1 
HETATM 1341 C C5B . COA B 2 .   ? 11.984  11.325  -5.122  0.70 59.73 ? 200 COA A C5B 1 
HETATM 1342 O O5B . COA B 2 .   ? 11.190  12.245  -5.841  0.70 62.48 ? 200 COA A O5B 1 
HETATM 1343 P P1A . COA B 2 .   ? 11.956  13.113  -7.077  0.70 72.07 ? 200 COA A P1A 1 
HETATM 1344 O O1A . COA B 2 .   ? 11.744  12.403  -8.411  0.70 61.99 ? 200 COA A O1A 1 
HETATM 1345 O O2A . COA B 2 .   ? 13.420  13.165  -6.746  0.70 66.64 ? 200 COA A O2A 1 
HETATM 1346 O O3A . COA B 2 .   ? 11.365  14.629  -7.175  0.70 73.87 ? 200 COA A O3A 1 
HETATM 1347 P P2A . COA B 2 .   ? 9.743   15.025  -7.270  0.70 73.58 ? 200 COA A P2A 1 
HETATM 1348 O O4A . COA B 2 .   ? 9.124   14.394  -8.488  0.70 64.69 ? 200 COA A O4A 1 
HETATM 1349 O O5A . COA B 2 .   ? 9.586   16.520  -7.350  0.70 68.32 ? 200 COA A O5A 1 
HETATM 1350 O O6A . COA B 2 .   ? 8.996   14.493  -5.913  0.70 63.54 ? 200 COA A O6A 1 
HETATM 1351 C CBP . COA B 2 .   ? 6.777   14.036  -5.232  0.70 56.86 ? 200 COA A CBP 1 
HETATM 1352 C CCP . COA B 2 .   ? 8.010   13.539  -6.016  0.70 59.53 ? 200 COA A CCP 1 
HETATM 1353 C CDP . COA B 2 .   ? 5.888   12.779  -4.805  0.70 50.15 ? 200 COA A CDP 1 
HETATM 1354 C CEP . COA B 2 .   ? 7.282   14.785  -3.944  0.70 56.67 ? 200 COA A CEP 1 
HETATM 1355 C CAP . COA B 2 .   ? 5.950   14.985  -6.131  0.70 53.46 ? 200 COA A CAP 1 
HETATM 1356 O OAP . COA B 2 .   ? 5.683   14.363  -7.358  0.70 48.86 ? 200 COA A OAP 1 
HETATM 1357 C C9P . COA B 2 .   ? 4.618   15.313  -5.461  0.70 50.52 ? 200 COA A C9P 1 
HETATM 1358 O O9P . COA B 2 .   ? 4.545   16.129  -4.684  0.70 51.26 ? 200 COA A O9P 1 
HETATM 1359 N N8P . COA B 2 .   ? 3.432   14.558  -5.837  0.70 44.63 ? 200 COA A N8P 1 
HETATM 1360 C C7P . COA B 2 .   ? 2.182   14.858  -5.185  0.70 43.43 ? 200 COA A C7P 1 
HETATM 1361 C C6P . COA B 2 .   ? 2.121   13.956  -3.935  0.70 39.83 ? 200 COA A C6P 1 
HETATM 1362 C C5P . COA B 2 .   ? 0.682   14.148  -3.245  0.70 41.67 ? 200 COA A C5P 1 
HETATM 1363 O O5P . COA B 2 .   ? 0.417   15.207  -2.757  0.70 41.34 ? 200 COA A O5P 1 
HETATM 1364 N N4P . COA B 2 .   ? -0.257  13.020  -3.235  0.70 34.45 ? 200 COA A N4P 1 
HETATM 1365 C C3P . COA B 2 .   ? -1.570  13.188  -2.652  0.70 36.37 ? 200 COA A C3P 1 
HETATM 1366 C C2P . COA B 2 .   ? -2.319  14.157  -3.600  0.70 31.40 ? 200 COA A C2P 1 
HETATM 1367 S S1P . COA B 2 .   ? -4.126  14.069  -3.339  0.70 41.56 ? 200 COA A S1P 1 
HETATM 1368 O O   . HOH C 3 .   ? -16.329 -10.467 8.790   1.00 31.89 ? 301 HOH A O   1 
HETATM 1369 O O   . HOH C 3 .   ? 1.105   -6.437  3.556   1.00 24.89 ? 302 HOH A O   1 
HETATM 1370 O O   . HOH C 3 .   ? -12.317 -0.269  13.913  1.00 24.24 ? 303 HOH A O   1 
HETATM 1371 O O   . HOH C 3 .   ? -9.893  2.903   11.154  0.50 17.82 ? 304 HOH A O   1 
HETATM 1372 O O   . HOH C 3 .   ? -1.150  11.300  0.417   1.00 12.81 ? 305 HOH A O   1 
HETATM 1373 O O   . HOH C 3 .   ? -15.011 -0.579  12.867  1.00 24.58 ? 306 HOH A O   1 
HETATM 1374 O O   . HOH C 3 .   ? -3.320  7.716   7.697   1.00 26.25 ? 307 HOH A O   1 
# 
loop_
_pdbx_poly_seq_scheme.asym_id 
_pdbx_poly_seq_scheme.entity_id 
_pdbx_poly_seq_scheme.seq_id 
_pdbx_poly_seq_scheme.mon_id 
_pdbx_poly_seq_scheme.ndb_seq_num 
_pdbx_poly_seq_scheme.pdb_seq_num 
_pdbx_poly_seq_scheme.auth_seq_num 
_pdbx_poly_seq_scheme.pdb_mon_id 
_pdbx_poly_seq_scheme.auth_mon_id 
_pdbx_poly_seq_scheme.pdb_strand_id 
_pdbx_poly_seq_scheme.pdb_ins_code 
_pdbx_poly_seq_scheme.hetero 
A 1 1   SER 1   -2  ?   ?   ?   A . n 
A 1 2   ASN 2   -1  ?   ?   ?   A . n 
A 1 3   ALA 3   0   ?   ?   ?   A . n 
A 1 4   MET 4   1   ?   ?   ?   A . n 
A 1 5   THR 5   2   ?   ?   ?   A . n 
A 1 6   ASN 6   3   ?   ?   ?   A . n 
A 1 7   GLN 7   4   ?   ?   ?   A . n 
A 1 8   ASP 8   5   5   ASP ASP A . n 
A 1 9   ARG 9   6   6   ARG ARG A . n 
A 1 10  PRO 10  7   7   PRO PRO A . n 
A 1 11  MET 11  8   8   MET MET A . n 
A 1 12  LYS 12  9   9   LYS LYS A . n 
A 1 13  SER 13  10  10  SER SER A . n 
A 1 14  MET 14  11  11  MET MET A . n 
A 1 15  SER 15  12  12  SER SER A . n 
A 1 16  GLU 16  13  13  GLU GLU A . n 
A 1 17  SER 17  14  14  SER SER A . n 
A 1 18  LYS 18  15  15  LYS LYS A . n 
A 1 19  CYS 19  16  16  CYS CYS A . n 
A 1 20  TYR 20  17  17  TYR TYR A . n 
A 1 21  LYS 21  18  18  LYS LYS A . n 
A 1 22  ASN 22  19  19  ASN ASN A . n 
A 1 23  ARG 23  20  20  ARG ARG A . n 
A 1 24  GLN 24  21  21  GLN GLN A . n 
A 1 25  VAL 25  22  22  VAL VAL A . n 
A 1 26  PHE 26  23  23  PHE PHE A . n 
A 1 27  PRO 27  24  24  PRO PRO A . n 
A 1 28  GLN 28  25  25  GLN GLN A . n 
A 1 29  ASP 29  26  26  ASP ASP A . n 
A 1 30  THR 30  27  27  THR THR A . n 
A 1 31  ALA 31  28  28  ALA ALA A . n 
A 1 32  HIS 32  29  29  HIS HIS A . n 
A 1 33  HIS 33  30  30  HIS HIS A . n 
A 1 34  HIS 34  31  31  HIS HIS A . n 
A 1 35  THR 35  32  32  THR THR A . n 
A 1 36  MET 36  33  33  MET MET A . n 
A 1 37  PHE 37  34  34  PHE PHE A . n 
A 1 38  GLY 38  35  35  GLY GLY A . n 
A 1 39  GLY 39  36  36  GLY GLY A . n 
A 1 40  THR 40  37  37  THR THR A . n 
A 1 41  LEU 41  38  38  LEU LEU A . n 
A 1 42  MET 42  39  39  MET MET A . n 
A 1 43  ALA 43  40  40  ALA ALA A . n 
A 1 44  ASN 44  41  41  ASN ASN A . n 
A 1 45  ILE 45  42  42  ILE ILE A . n 
A 1 46  ASP 46  43  43  ASP ASP A . n 
A 1 47  GLU 47  44  44  GLU GLU A . n 
A 1 48  ILE 48  45  45  ILE ILE A . n 
A 1 49  ALA 49  46  46  ALA ALA A . n 
A 1 50  ALA 50  47  47  ALA ALA A . n 
A 1 51  ILE 51  48  48  ILE ILE A . n 
A 1 52  THR 52  49  49  THR THR A . n 
A 1 53  ALA 53  50  50  ALA ALA A . n 
A 1 54  MET 54  51  51  MET MET A . n 
A 1 55  LYS 55  52  52  LYS LYS A . n 
A 1 56  HIS 56  53  53  HIS HIS A . n 
A 1 57  ALA 57  54  54  ALA ALA A . n 
A 1 58  GLY 58  55  55  GLY GLY A . n 
A 1 59  ALA 59  56  56  ALA ALA A . n 
A 1 60  GLN 60  57  57  GLN GLN A . n 
A 1 61  VAL 61  58  58  VAL VAL A . n 
A 1 62  VAL 62  59  59  VAL VAL A . n 
A 1 63  THR 63  60  60  THR THR A . n 
A 1 64  ALA 64  61  61  ALA ALA A . n 
A 1 65  SER 65  62  62  SER SER A . n 
A 1 66  THR 66  63  63  THR THR A . n 
A 1 67  ASP 67  64  64  ASP ASP A . n 
A 1 68  SER 68  65  65  SER SER A . n 
A 1 69  VAL 69  66  66  VAL VAL A . n 
A 1 70  ASP 70  67  67  ASP ASP A . n 
A 1 71  PHE 71  68  68  PHE PHE A . n 
A 1 72  LEU 72  69  69  LEU LEU A . n 
A 1 73  LYS 73  70  70  LYS LYS A . n 
A 1 74  PRO 74  71  71  PRO PRO A . n 
A 1 75  ILE 75  72  72  ILE ILE A . n 
A 1 76  LYS 76  73  73  LYS LYS A . n 
A 1 77  THR 77  74  74  THR THR A . n 
A 1 78  GLY 78  75  75  GLY GLY A . n 
A 1 79  ASP 79  76  76  ASP ASP A . n 
A 1 80  ILE 80  77  77  ILE ILE A . n 
A 1 81  LEU 81  78  78  LEU LEU A . n 
A 1 82  GLN 82  79  79  GLN GLN A . n 
A 1 83  TYR 83  80  80  TYR TYR A . n 
A 1 84  VAL 84  81  81  VAL VAL A . n 
A 1 85  ALA 85  82  82  ALA ALA A . n 
A 1 86  MET 86  83  83  MET MET A . n 
A 1 87  VAL 87  84  84  VAL VAL A . n 
A 1 88  SER 88  85  85  SER SER A . n 
A 1 89  TYR 89  86  86  TYR TYR A . n 
A 1 90  ALA 90  87  87  ALA ALA A . n 
A 1 91  GLY 91  88  88  GLY GLY A . n 
A 1 92  THR 92  89  89  THR THR A . n 
A 1 93  SER 93  90  90  SER SER A . n 
A 1 94  SER 94  91  91  SER SER A . n 
A 1 95  MET 95  92  92  MET MET A . n 
A 1 96  GLU 96  93  93  GLU GLU A . n 
A 1 97  VAL 97  94  94  VAL VAL A . n 
A 1 98  VAL 98  95  95  VAL VAL A . n 
A 1 99  VAL 99  96  96  VAL VAL A . n 
A 1 100 GLN 100 97  97  GLN GLN A . n 
A 1 101 ILE 101 98  98  ILE ILE A . n 
A 1 102 ARG 102 99  99  ARG ARG A . n 
A 1 103 ILE 103 100 100 ILE ILE A . n 
A 1 104 ASP 104 101 101 ASP ASP A . n 
A 1 105 ASP 105 102 102 ASP ASP A . n 
A 1 106 VAL 106 103 103 VAL VAL A . n 
A 1 107 PHE 107 104 104 PHE PHE A . n 
A 1 108 ASN 108 105 105 ASN ASN A . n 
A 1 109 ASN 109 106 106 ASN ASN A . n 
A 1 110 LYS 110 107 107 LYS LYS A . n 
A 1 111 HIS 111 108 108 HIS HIS A . n 
A 1 112 ASP 112 109 109 ASP ASP A . n 
A 1 113 LEU 113 110 110 LEU LEU A . n 
A 1 114 ALA 114 111 111 ALA ALA A . n 
A 1 115 ALA 115 112 112 ALA ALA A . n 
A 1 116 LEU 116 113 113 LEU LEU A . n 
A 1 117 SER 117 114 114 SER SER A . n 
A 1 118 TYR 118 115 115 TYR TYR A . n 
A 1 119 LEU 119 116 116 LEU LEU A . n 
A 1 120 THR 120 117 117 THR THR A . n 
A 1 121 PHE 121 118 118 PHE PHE A . n 
A 1 122 VAL 122 119 119 VAL VAL A . n 
A 1 123 ALA 123 120 120 ALA ALA A . n 
A 1 124 LEU 124 121 121 LEU LEU A . n 
A 1 125 ASP 125 122 122 ASP ASP A . n 
A 1 126 ASP 126 123 123 ASP ASP A . n 
A 1 127 GLU 127 124 124 GLU GLU A . n 
A 1 128 GLY 128 125 125 GLY GLY A . n 
A 1 129 LYS 129 126 126 LYS LYS A . n 
A 1 130 PRO 130 127 127 PRO PRO A . n 
A 1 131 LYS 131 128 128 LYS LYS A . n 
A 1 132 HIS 132 129 129 HIS HIS A . n 
A 1 133 VAL 133 130 130 VAL VAL A . n 
A 1 134 PRO 134 131 131 PRO PRO A . n 
A 1 135 GLY 135 132 132 GLY GLY A . n 
A 1 136 VAL 136 133 133 VAL VAL A . n 
A 1 137 TYR 137 134 134 TYR TYR A . n 
A 1 138 PRO 138 135 135 PRO PRO A . n 
A 1 139 GLU 139 136 136 GLU GLU A . n 
A 1 140 ASP 140 137 137 ASP ASP A . n 
A 1 141 ASP 141 138 138 ASP ASP A . n 
A 1 142 VAL 142 139 139 VAL VAL A . n 
A 1 143 GLU 143 140 140 GLU GLU A . n 
A 1 144 LYS 144 141 141 LYS LYS A . n 
A 1 145 TRP 145 142 142 TRP TRP A . n 
A 1 146 PHE 146 143 143 PHE PHE A . n 
A 1 147 TYR 147 144 144 TYR TYR A . n 
A 1 148 ASP 148 145 145 ASP ASP A . n 
A 1 149 THR 149 146 146 THR THR A . n 
A 1 150 ALA 150 147 147 ALA ALA A . n 
A 1 151 PRO 151 148 148 PRO PRO A . n 
A 1 152 GLN 152 149 149 GLN GLN A . n 
A 1 153 ARG 153 150 150 ARG ARG A . n 
A 1 154 VAL 154 151 151 VAL VAL A . n 
A 1 155 GLU 155 152 152 GLU GLU A . n 
A 1 156 ARG 156 153 153 ARG ARG A . n 
A 1 157 ARG 157 154 154 ARG ARG A . n 
A 1 158 LYS 158 155 155 LYS LYS A . n 
A 1 159 ALA 159 156 156 ALA ALA A . n 
A 1 160 ARG 160 157 157 ARG ARG A . n 
A 1 161 ARG 161 158 158 ARG ARG A . n 
A 1 162 ILE 162 159 159 ILE ILE A . n 
A 1 163 GLU 163 160 160 GLU GLU A . n 
A 1 164 SER 164 161 161 SER SER A . n 
A 1 165 LYS 165 162 162 LYS LYS A . n 
A 1 166 GLN 166 163 163 GLN GLN A . n 
A 1 167 THR 167 164 164 THR THR A . n 
A 1 168 ILE 168 165 165 ILE ILE A . n 
A 1 169 GLU 169 166 166 GLU GLU A . n 
A 1 170 TYR 170 167 167 TYR TYR A . n 
A 1 171 LEU 171 168 168 LEU LEU A . n 
A 1 172 ALA 172 169 169 ALA ALA A . n 
A 1 173 GLN 173 170 170 GLN GLN A . n 
A 1 174 ALA 174 171 171 ALA ALA A . n 
A 1 175 GLN 175 172 ?   ?   ?   A . n 
A 1 176 HIS 176 173 ?   ?   ?   A . n 
A 1 177 ILE 177 174 ?   ?   ?   A . n 
A 1 178 ARG 178 175 ?   ?   ?   A . n 
A 1 179 ASP 179 176 ?   ?   ?   A . n 
# 
loop_
_pdbx_nonpoly_scheme.asym_id 
_pdbx_nonpoly_scheme.entity_id 
_pdbx_nonpoly_scheme.mon_id 
_pdbx_nonpoly_scheme.ndb_seq_num 
_pdbx_nonpoly_scheme.pdb_seq_num 
_pdbx_nonpoly_scheme.auth_seq_num 
_pdbx_nonpoly_scheme.pdb_mon_id 
_pdbx_nonpoly_scheme.auth_mon_id 
_pdbx_nonpoly_scheme.pdb_strand_id 
_pdbx_nonpoly_scheme.pdb_ins_code 
B 2 COA 1 200 200 COA COA A . 
C 3 HOH 1 301 5   HOH HOH A . 
C 3 HOH 2 302 6   HOH HOH A . 
C 3 HOH 3 303 7   HOH HOH A . 
C 3 HOH 4 304 3   HOH HOH A . 
C 3 HOH 5 305 1   HOH HOH A . 
C 3 HOH 6 306 4   HOH HOH A . 
C 3 HOH 7 307 2   HOH HOH A . 
# 
_pdbx_struct_assembly.id                   1 
_pdbx_struct_assembly.details              author_and_software_defined_assembly 
_pdbx_struct_assembly.method_details       PISA 
_pdbx_struct_assembly.oligomeric_details   hexameric 
_pdbx_struct_assembly.oligomeric_count     6 
# 
_pdbx_struct_assembly_gen.assembly_id       1 
_pdbx_struct_assembly_gen.oper_expression   1,2,3,4,5,6 
_pdbx_struct_assembly_gen.asym_id_list      A,B,C 
# 
loop_
_pdbx_struct_assembly_prop.biol_id 
_pdbx_struct_assembly_prop.type 
_pdbx_struct_assembly_prop.value 
_pdbx_struct_assembly_prop.details 
1 'ABSA (A^2)' 26090 ? 
1 MORE         -99   ? 
1 'SSA (A^2)'  38750 ? 
# 
loop_
_pdbx_struct_oper_list.id 
_pdbx_struct_oper_list.type 
_pdbx_struct_oper_list.name 
_pdbx_struct_oper_list.symmetry_operation 
_pdbx_struct_oper_list.matrix[1][1] 
_pdbx_struct_oper_list.matrix[1][2] 
_pdbx_struct_oper_list.matrix[1][3] 
_pdbx_struct_oper_list.vector[1] 
_pdbx_struct_oper_list.matrix[2][1] 
_pdbx_struct_oper_list.matrix[2][2] 
_pdbx_struct_oper_list.matrix[2][3] 
_pdbx_struct_oper_list.vector[2] 
_pdbx_struct_oper_list.matrix[3][1] 
_pdbx_struct_oper_list.matrix[3][2] 
_pdbx_struct_oper_list.matrix[3][3] 
_pdbx_struct_oper_list.vector[3] 
1 'identity operation'         1_555  x,y,z            1.0000000000  0.0000000000  0.0000000000  0.0000000000   0.0000000000  1.0000000000  0.0000000000  0.0000000000  0.0000000000  0.0000000000  1.0000000000  0.0000000000   
2 'crystal symmetry operation' 2_445  -y-1,x-y-1,z     0.1958553001  0.5722011941  0.7963833843  -27.5513563360 0.8793441505  0.2569763021  -0.4008953046 28.2273740877 -0.4340444292 0.7788125407  -0.4528316022 -7.2578417174  
3 'crystal symmetry operation' 3_545  -x+y,-x-1,z      0.1958553001  0.8793441505  -0.4340444292 -22.5757228898 0.5722011941  0.2569763021  0.7788125407  14.1636509339 0.7963833843  -0.4008953046 -0.4528316022 29.9710840399  
4 'crystal symmetry operation' 10_444 -y-1,-x-1,-z-1/2 -0.9982121179 -0.0160840339 0.0575662367  -37.2724136678 -0.0160840339 -0.8553058157 -0.5178737930 26.0345214768 0.0575662367  -0.5178737930 0.8535179336  8.4316578173   
5 'crystal symmetry operation' 11_554 -x+y,y,-z-1/2    -0.2346348394 -0.5304780744 -0.8145793422 -10.6421325863 -0.5304780744 -0.6323232336 0.5645886475  6.0932672267  -0.8145793422 0.5645886475  -0.1330419270 -13.9672854335 
6 'crystal symmetry operation' 12_544 x,x-y-1,-z-1/2   -0.1588636429 -0.9049832363 0.3946741503  -13.2395396353 -0.9049832363 -0.0263235549 -0.4246320907 -1.2378618162 0.3946741503  -0.4246320907 -0.8148128022 25.3779324947 
# 
_pdbx_struct_special_symmetry.id              1 
_pdbx_struct_special_symmetry.PDB_model_num   1 
_pdbx_struct_special_symmetry.auth_asym_id    A 
_pdbx_struct_special_symmetry.auth_comp_id    HOH 
_pdbx_struct_special_symmetry.auth_seq_id     304 
_pdbx_struct_special_symmetry.PDB_ins_code    ? 
_pdbx_struct_special_symmetry.label_asym_id   C 
_pdbx_struct_special_symmetry.label_comp_id   HOH 
_pdbx_struct_special_symmetry.label_seq_id    . 
# 
loop_
_pdbx_audit_revision_history.ordinal 
_pdbx_audit_revision_history.data_content_type 
_pdbx_audit_revision_history.major_revision 
_pdbx_audit_revision_history.minor_revision 
_pdbx_audit_revision_history.revision_date 
1 'Structure model' 1 0 2015-11-11 
2 'Structure model' 1 1 2015-11-25 
3 'Structure model' 1 2 2015-12-16 
4 'Structure model' 1 3 2023-09-27 
# 
_pdbx_audit_revision_details.ordinal             1 
_pdbx_audit_revision_details.revision_ordinal    1 
_pdbx_audit_revision_details.data_content_type   'Structure model' 
_pdbx_audit_revision_details.provider            repository 
_pdbx_audit_revision_details.type                'Initial release' 
_pdbx_audit_revision_details.description         ? 
_pdbx_audit_revision_details.details             ? 
# 
loop_
_pdbx_audit_revision_group.ordinal 
_pdbx_audit_revision_group.revision_ordinal 
_pdbx_audit_revision_group.data_content_type 
_pdbx_audit_revision_group.group 
1 2 'Structure model' 'Structure summary'      
2 3 'Structure model' Other                    
3 4 'Structure model' 'Data collection'        
4 4 'Structure model' 'Database references'    
5 4 'Structure model' 'Derived calculations'   
6 4 'Structure model' 'Refinement description' 
# 
loop_
_pdbx_audit_revision_category.ordinal 
_pdbx_audit_revision_category.revision_ordinal 
_pdbx_audit_revision_category.data_content_type 
_pdbx_audit_revision_category.category 
1 4 'Structure model' chem_comp_atom                
2 4 'Structure model' chem_comp_bond                
3 4 'Structure model' database_2                    
4 4 'Structure model' diffrn_source                 
5 4 'Structure model' pdbx_initial_refinement_model 
6 4 'Structure model' pdbx_struct_oper_list         
# 
loop_
_pdbx_audit_revision_item.ordinal 
_pdbx_audit_revision_item.revision_ordinal 
_pdbx_audit_revision_item.data_content_type 
_pdbx_audit_revision_item.item 
1 4 'Structure model' '_database_2.pdbx_DOI'                      
2 4 'Structure model' '_database_2.pdbx_database_accession'       
3 4 'Structure model' '_diffrn_source.pdbx_synchrotron_site'      
4 4 'Structure model' '_pdbx_struct_oper_list.symmetry_operation' 
# 
loop_
_software.citation_id 
_software.classification 
_software.compiler_name 
_software.compiler_version 
_software.contact_author 
_software.contact_author_email 
_software.date 
_software.description 
_software.dependencies 
_software.hardware 
_software.language 
_software.location 
_software.mods 
_software.name 
_software.os 
_software.os_version 
_software.type 
_software.version 
_software.pdbx_ordinal 
? refinement       ? ? ? ? ? ? ? ? ? ? ? PHENIX  ? ? ? dev_1894 1 
? 'data reduction' ? ? ? ? ? ? ? ? ? ? ? iMOSFLM ? ? ? .        2 
? 'data scaling'   ? ? ? ? ? ? ? ? ? ? ? Aimless ? ? ? .        3 
? phasing          ? ? ? ? ? ? ? ? ? ? ? PHASER  ? ? ? .        4 
# 
_pdbx_validate_close_contact.id               1 
_pdbx_validate_close_contact.PDB_model_num    1 
_pdbx_validate_close_contact.auth_atom_id_1   OG 
_pdbx_validate_close_contact.auth_asym_id_1   A 
_pdbx_validate_close_contact.auth_comp_id_1   SER 
_pdbx_validate_close_contact.auth_seq_id_1    10 
_pdbx_validate_close_contact.PDB_ins_code_1   ? 
_pdbx_validate_close_contact.label_alt_id_1   ? 
_pdbx_validate_close_contact.auth_atom_id_2   OE2 
_pdbx_validate_close_contact.auth_asym_id_2   A 
_pdbx_validate_close_contact.auth_comp_id_2   GLU 
_pdbx_validate_close_contact.auth_seq_id_2    136 
_pdbx_validate_close_contact.PDB_ins_code_2   ? 
_pdbx_validate_close_contact.label_alt_id_2   ? 
_pdbx_validate_close_contact.dist             2.18 
# 
loop_
_pdbx_validate_torsion.id 
_pdbx_validate_torsion.PDB_model_num 
_pdbx_validate_torsion.auth_comp_id 
_pdbx_validate_torsion.auth_asym_id 
_pdbx_validate_torsion.auth_seq_id 
_pdbx_validate_torsion.PDB_ins_code 
_pdbx_validate_torsion.label_alt_id 
_pdbx_validate_torsion.phi 
_pdbx_validate_torsion.psi 
1 1 SER A 65  ? ? -173.25 148.47 
2 1 ASN A 105 ? ? -141.59 15.45  
3 1 GLU A 136 ? ? -130.68 -66.65 
4 1 GLN A 170 ? ? -107.86 73.48  
# 
loop_
_pdbx_unobs_or_zero_occ_residues.id 
_pdbx_unobs_or_zero_occ_residues.PDB_model_num 
_pdbx_unobs_or_zero_occ_residues.polymer_flag 
_pdbx_unobs_or_zero_occ_residues.occupancy_flag 
_pdbx_unobs_or_zero_occ_residues.auth_asym_id 
_pdbx_unobs_or_zero_occ_residues.auth_comp_id 
_pdbx_unobs_or_zero_occ_residues.auth_seq_id 
_pdbx_unobs_or_zero_occ_residues.PDB_ins_code 
_pdbx_unobs_or_zero_occ_residues.label_asym_id 
_pdbx_unobs_or_zero_occ_residues.label_comp_id 
_pdbx_unobs_or_zero_occ_residues.label_seq_id 
1  1 Y 1 A SER -2  ? A SER 1   
2  1 Y 1 A ASN -1  ? A ASN 2   
3  1 Y 1 A ALA 0   ? A ALA 3   
4  1 Y 1 A MET 1   ? A MET 4   
5  1 Y 1 A THR 2   ? A THR 5   
6  1 Y 1 A ASN 3   ? A ASN 6   
7  1 Y 1 A GLN 4   ? A GLN 7   
8  1 Y 1 A GLN 172 ? A GLN 175 
9  1 Y 1 A HIS 173 ? A HIS 176 
10 1 Y 1 A ILE 174 ? A ILE 177 
11 1 Y 1 A ARG 175 ? A ARG 178 
12 1 Y 1 A ASP 176 ? A ASP 179 
# 
loop_
_chem_comp_atom.comp_id 
_chem_comp_atom.atom_id 
_chem_comp_atom.type_symbol 
_chem_comp_atom.pdbx_aromatic_flag 
_chem_comp_atom.pdbx_stereo_config 
_chem_comp_atom.pdbx_ordinal 
ALA N    N N N 1   
ALA CA   C N S 2   
ALA C    C N N 3   
ALA O    O N N 4   
ALA CB   C N N 5   
ALA OXT  O N N 6   
ALA H    H N N 7   
ALA H2   H N N 8   
ALA HA   H N N 9   
ALA HB1  H N N 10  
ALA HB2  H N N 11  
ALA HB3  H N N 12  
ALA HXT  H N N 13  
ARG N    N N N 14  
ARG CA   C N S 15  
ARG C    C N N 16  
ARG O    O N N 17  
ARG CB   C N N 18  
ARG CG   C N N 19  
ARG CD   C N N 20  
ARG NE   N N N 21  
ARG CZ   C N N 22  
ARG NH1  N N N 23  
ARG NH2  N N N 24  
ARG OXT  O N N 25  
ARG H    H N N 26  
ARG H2   H N N 27  
ARG HA   H N N 28  
ARG HB2  H N N 29  
ARG HB3  H N N 30  
ARG HG2  H N N 31  
ARG HG3  H N N 32  
ARG HD2  H N N 33  
ARG HD3  H N N 34  
ARG HE   H N N 35  
ARG HH11 H N N 36  
ARG HH12 H N N 37  
ARG HH21 H N N 38  
ARG HH22 H N N 39  
ARG HXT  H N N 40  
ASN N    N N N 41  
ASN CA   C N S 42  
ASN C    C N N 43  
ASN O    O N N 44  
ASN CB   C N N 45  
ASN CG   C N N 46  
ASN OD1  O N N 47  
ASN ND2  N N N 48  
ASN OXT  O N N 49  
ASN H    H N N 50  
ASN H2   H N N 51  
ASN HA   H N N 52  
ASN HB2  H N N 53  
ASN HB3  H N N 54  
ASN HD21 H N N 55  
ASN HD22 H N N 56  
ASN HXT  H N N 57  
ASP N    N N N 58  
ASP CA   C N S 59  
ASP C    C N N 60  
ASP O    O N N 61  
ASP CB   C N N 62  
ASP CG   C N N 63  
ASP OD1  O N N 64  
ASP OD2  O N N 65  
ASP OXT  O N N 66  
ASP H    H N N 67  
ASP H2   H N N 68  
ASP HA   H N N 69  
ASP HB2  H N N 70  
ASP HB3  H N N 71  
ASP HD2  H N N 72  
ASP HXT  H N N 73  
COA N1A  N Y N 74  
COA C2A  C Y N 75  
COA N3A  N Y N 76  
COA C4A  C Y N 77  
COA C5A  C Y N 78  
COA C6A  C Y N 79  
COA N6A  N N N 80  
COA N7A  N Y N 81  
COA C8A  C Y N 82  
COA N9A  N Y N 83  
COA C1B  C N R 84  
COA C2B  C N R 85  
COA O2B  O N N 86  
COA C3B  C N S 87  
COA O3B  O N N 88  
COA P3B  P N N 89  
COA O7A  O N N 90  
COA O8A  O N N 91  
COA O9A  O N N 92  
COA C4B  C N R 93  
COA O4B  O N N 94  
COA C5B  C N N 95  
COA O5B  O N N 96  
COA P1A  P N S 97  
COA O1A  O N N 98  
COA O2A  O N N 99  
COA O3A  O N N 100 
COA P2A  P N S 101 
COA O4A  O N N 102 
COA O5A  O N N 103 
COA O6A  O N N 104 
COA CBP  C N N 105 
COA CCP  C N N 106 
COA CDP  C N N 107 
COA CEP  C N N 108 
COA CAP  C N R 109 
COA OAP  O N N 110 
COA C9P  C N N 111 
COA O9P  O N N 112 
COA N8P  N N N 113 
COA C7P  C N N 114 
COA C6P  C N N 115 
COA C5P  C N N 116 
COA O5P  O N N 117 
COA N4P  N N N 118 
COA C3P  C N N 119 
COA C2P  C N N 120 
COA S1P  S N N 121 
COA H2A  H N N 122 
COA H61A H N N 123 
COA H62A H N N 124 
COA H8A  H N N 125 
COA H1B  H N N 126 
COA H2B  H N N 127 
COA HO2A H N N 128 
COA H3B  H N N 129 
COA HOA8 H N N 130 
COA HOA9 H N N 131 
COA H4B  H N N 132 
COA H51A H N N 133 
COA H52A H N N 134 
COA HOA2 H N N 135 
COA HOA5 H N N 136 
COA H121 H N N 137 
COA H122 H N N 138 
COA H131 H N N 139 
COA H132 H N N 140 
COA H133 H N N 141 
COA H141 H N N 142 
COA H142 H N N 143 
COA H143 H N N 144 
COA H10  H N N 145 
COA HO1  H N N 146 
COA HN8  H N N 147 
COA H71  H N N 148 
COA H72  H N N 149 
COA H61  H N N 150 
COA H62  H N N 151 
COA HN4  H N N 152 
COA H31  H N N 153 
COA H32  H N N 154 
COA H21  H N N 155 
COA H22  H N N 156 
COA HS1  H N N 157 
CYS N    N N N 158 
CYS CA   C N R 159 
CYS C    C N N 160 
CYS O    O N N 161 
CYS CB   C N N 162 
CYS SG   S N N 163 
CYS OXT  O N N 164 
CYS H    H N N 165 
CYS H2   H N N 166 
CYS HA   H N N 167 
CYS HB2  H N N 168 
CYS HB3  H N N 169 
CYS HG   H N N 170 
CYS HXT  H N N 171 
GLN N    N N N 172 
GLN CA   C N S 173 
GLN C    C N N 174 
GLN O    O N N 175 
GLN CB   C N N 176 
GLN CG   C N N 177 
GLN CD   C N N 178 
GLN OE1  O N N 179 
GLN NE2  N N N 180 
GLN OXT  O N N 181 
GLN H    H N N 182 
GLN H2   H N N 183 
GLN HA   H N N 184 
GLN HB2  H N N 185 
GLN HB3  H N N 186 
GLN HG2  H N N 187 
GLN HG3  H N N 188 
GLN HE21 H N N 189 
GLN HE22 H N N 190 
GLN HXT  H N N 191 
GLU N    N N N 192 
GLU CA   C N S 193 
GLU C    C N N 194 
GLU O    O N N 195 
GLU CB   C N N 196 
GLU CG   C N N 197 
GLU CD   C N N 198 
GLU OE1  O N N 199 
GLU OE2  O N N 200 
GLU OXT  O N N 201 
GLU H    H N N 202 
GLU H2   H N N 203 
GLU HA   H N N 204 
GLU HB2  H N N 205 
GLU HB3  H N N 206 
GLU HG2  H N N 207 
GLU HG3  H N N 208 
GLU HE2  H N N 209 
GLU HXT  H N N 210 
GLY N    N N N 211 
GLY CA   C N N 212 
GLY C    C N N 213 
GLY O    O N N 214 
GLY OXT  O N N 215 
GLY H    H N N 216 
GLY H2   H N N 217 
GLY HA2  H N N 218 
GLY HA3  H N N 219 
GLY HXT  H N N 220 
HIS N    N N N 221 
HIS CA   C N S 222 
HIS C    C N N 223 
HIS O    O N N 224 
HIS CB   C N N 225 
HIS CG   C Y N 226 
HIS ND1  N Y N 227 
HIS CD2  C Y N 228 
HIS CE1  C Y N 229 
HIS NE2  N Y N 230 
HIS OXT  O N N 231 
HIS H    H N N 232 
HIS H2   H N N 233 
HIS HA   H N N 234 
HIS HB2  H N N 235 
HIS HB3  H N N 236 
HIS HD1  H N N 237 
HIS HD2  H N N 238 
HIS HE1  H N N 239 
HIS HE2  H N N 240 
HIS HXT  H N N 241 
HOH O    O N N 242 
HOH H1   H N N 243 
HOH H2   H N N 244 
ILE N    N N N 245 
ILE CA   C N S 246 
ILE C    C N N 247 
ILE O    O N N 248 
ILE CB   C N S 249 
ILE CG1  C N N 250 
ILE CG2  C N N 251 
ILE CD1  C N N 252 
ILE OXT  O N N 253 
ILE H    H N N 254 
ILE H2   H N N 255 
ILE HA   H N N 256 
ILE HB   H N N 257 
ILE HG12 H N N 258 
ILE HG13 H N N 259 
ILE HG21 H N N 260 
ILE HG22 H N N 261 
ILE HG23 H N N 262 
ILE HD11 H N N 263 
ILE HD12 H N N 264 
ILE HD13 H N N 265 
ILE HXT  H N N 266 
LEU N    N N N 267 
LEU CA   C N S 268 
LEU C    C N N 269 
LEU O    O N N 270 
LEU CB   C N N 271 
LEU CG   C N N 272 
LEU CD1  C N N 273 
LEU CD2  C N N 274 
LEU OXT  O N N 275 
LEU H    H N N 276 
LEU H2   H N N 277 
LEU HA   H N N 278 
LEU HB2  H N N 279 
LEU HB3  H N N 280 
LEU HG   H N N 281 
LEU HD11 H N N 282 
LEU HD12 H N N 283 
LEU HD13 H N N 284 
LEU HD21 H N N 285 
LEU HD22 H N N 286 
LEU HD23 H N N 287 
LEU HXT  H N N 288 
LYS N    N N N 289 
LYS CA   C N S 290 
LYS C    C N N 291 
LYS O    O N N 292 
LYS CB   C N N 293 
LYS CG   C N N 294 
LYS CD   C N N 295 
LYS CE   C N N 296 
LYS NZ   N N N 297 
LYS OXT  O N N 298 
LYS H    H N N 299 
LYS H2   H N N 300 
LYS HA   H N N 301 
LYS HB2  H N N 302 
LYS HB3  H N N 303 
LYS HG2  H N N 304 
LYS HG3  H N N 305 
LYS HD2  H N N 306 
LYS HD3  H N N 307 
LYS HE2  H N N 308 
LYS HE3  H N N 309 
LYS HZ1  H N N 310 
LYS HZ2  H N N 311 
LYS HZ3  H N N 312 
LYS HXT  H N N 313 
MET N    N N N 314 
MET CA   C N S 315 
MET C    C N N 316 
MET O    O N N 317 
MET CB   C N N 318 
MET CG   C N N 319 
MET SD   S N N 320 
MET CE   C N N 321 
MET OXT  O N N 322 
MET H    H N N 323 
MET H2   H N N 324 
MET HA   H N N 325 
MET HB2  H N N 326 
MET HB3  H N N 327 
MET HG2  H N N 328 
MET HG3  H N N 329 
MET HE1  H N N 330 
MET HE2  H N N 331 
MET HE3  H N N 332 
MET HXT  H N N 333 
PHE N    N N N 334 
PHE CA   C N S 335 
PHE C    C N N 336 
PHE O    O N N 337 
PHE CB   C N N 338 
PHE CG   C Y N 339 
PHE CD1  C Y N 340 
PHE CD2  C Y N 341 
PHE CE1  C Y N 342 
PHE CE2  C Y N 343 
PHE CZ   C Y N 344 
PHE OXT  O N N 345 
PHE H    H N N 346 
PHE H2   H N N 347 
PHE HA   H N N 348 
PHE HB2  H N N 349 
PHE HB3  H N N 350 
PHE HD1  H N N 351 
PHE HD2  H N N 352 
PHE HE1  H N N 353 
PHE HE2  H N N 354 
PHE HZ   H N N 355 
PHE HXT  H N N 356 
PRO N    N N N 357 
PRO CA   C N S 358 
PRO C    C N N 359 
PRO O    O N N 360 
PRO CB   C N N 361 
PRO CG   C N N 362 
PRO CD   C N N 363 
PRO OXT  O N N 364 
PRO H    H N N 365 
PRO HA   H N N 366 
PRO HB2  H N N 367 
PRO HB3  H N N 368 
PRO HG2  H N N 369 
PRO HG3  H N N 370 
PRO HD2  H N N 371 
PRO HD3  H N N 372 
PRO HXT  H N N 373 
SER N    N N N 374 
SER CA   C N S 375 
SER C    C N N 376 
SER O    O N N 377 
SER CB   C N N 378 
SER OG   O N N 379 
SER OXT  O N N 380 
SER H    H N N 381 
SER H2   H N N 382 
SER HA   H N N 383 
SER HB2  H N N 384 
SER HB3  H N N 385 
SER HG   H N N 386 
SER HXT  H N N 387 
THR N    N N N 388 
THR CA   C N S 389 
THR C    C N N 390 
THR O    O N N 391 
THR CB   C N R 392 
THR OG1  O N N 393 
THR CG2  C N N 394 
THR OXT  O N N 395 
THR H    H N N 396 
THR H2   H N N 397 
THR HA   H N N 398 
THR HB   H N N 399 
THR HG1  H N N 400 
THR HG21 H N N 401 
THR HG22 H N N 402 
THR HG23 H N N 403 
THR HXT  H N N 404 
TRP N    N N N 405 
TRP CA   C N S 406 
TRP C    C N N 407 
TRP O    O N N 408 
TRP CB   C N N 409 
TRP CG   C Y N 410 
TRP CD1  C Y N 411 
TRP CD2  C Y N 412 
TRP NE1  N Y N 413 
TRP CE2  C Y N 414 
TRP CE3  C Y N 415 
TRP CZ2  C Y N 416 
TRP CZ3  C Y N 417 
TRP CH2  C Y N 418 
TRP OXT  O N N 419 
TRP H    H N N 420 
TRP H2   H N N 421 
TRP HA   H N N 422 
TRP HB2  H N N 423 
TRP HB3  H N N 424 
TRP HD1  H N N 425 
TRP HE1  H N N 426 
TRP HE3  H N N 427 
TRP HZ2  H N N 428 
TRP HZ3  H N N 429 
TRP HH2  H N N 430 
TRP HXT  H N N 431 
TYR N    N N N 432 
TYR CA   C N S 433 
TYR C    C N N 434 
TYR O    O N N 435 
TYR CB   C N N 436 
TYR CG   C Y N 437 
TYR CD1  C Y N 438 
TYR CD2  C Y N 439 
TYR CE1  C Y N 440 
TYR CE2  C Y N 441 
TYR CZ   C Y N 442 
TYR OH   O N N 443 
TYR OXT  O N N 444 
TYR H    H N N 445 
TYR H2   H N N 446 
TYR HA   H N N 447 
TYR HB2  H N N 448 
TYR HB3  H N N 449 
TYR HD1  H N N 450 
TYR HD2  H N N 451 
TYR HE1  H N N 452 
TYR HE2  H N N 453 
TYR HH   H N N 454 
TYR HXT  H N N 455 
VAL N    N N N 456 
VAL CA   C N S 457 
VAL C    C N N 458 
VAL O    O N N 459 
VAL CB   C N N 460 
VAL CG1  C N N 461 
VAL CG2  C N N 462 
VAL OXT  O N N 463 
VAL H    H N N 464 
VAL H2   H N N 465 
VAL HA   H N N 466 
VAL HB   H N N 467 
VAL HG11 H N N 468 
VAL HG12 H N N 469 
VAL HG13 H N N 470 
VAL HG21 H N N 471 
VAL HG22 H N N 472 
VAL HG23 H N N 473 
VAL HXT  H N N 474 
# 
loop_
_chem_comp_bond.comp_id 
_chem_comp_bond.atom_id_1 
_chem_comp_bond.atom_id_2 
_chem_comp_bond.value_order 
_chem_comp_bond.pdbx_aromatic_flag 
_chem_comp_bond.pdbx_stereo_config 
_chem_comp_bond.pdbx_ordinal 
ALA N   CA   sing N N 1   
ALA N   H    sing N N 2   
ALA N   H2   sing N N 3   
ALA CA  C    sing N N 4   
ALA CA  CB   sing N N 5   
ALA CA  HA   sing N N 6   
ALA C   O    doub N N 7   
ALA C   OXT  sing N N 8   
ALA CB  HB1  sing N N 9   
ALA CB  HB2  sing N N 10  
ALA CB  HB3  sing N N 11  
ALA OXT HXT  sing N N 12  
ARG N   CA   sing N N 13  
ARG N   H    sing N N 14  
ARG N   H2   sing N N 15  
ARG CA  C    sing N N 16  
ARG CA  CB   sing N N 17  
ARG CA  HA   sing N N 18  
ARG C   O    doub N N 19  
ARG C   OXT  sing N N 20  
ARG CB  CG   sing N N 21  
ARG CB  HB2  sing N N 22  
ARG CB  HB3  sing N N 23  
ARG CG  CD   sing N N 24  
ARG CG  HG2  sing N N 25  
ARG CG  HG3  sing N N 26  
ARG CD  NE   sing N N 27  
ARG CD  HD2  sing N N 28  
ARG CD  HD3  sing N N 29  
ARG NE  CZ   sing N N 30  
ARG NE  HE   sing N N 31  
ARG CZ  NH1  sing N N 32  
ARG CZ  NH2  doub N N 33  
ARG NH1 HH11 sing N N 34  
ARG NH1 HH12 sing N N 35  
ARG NH2 HH21 sing N N 36  
ARG NH2 HH22 sing N N 37  
ARG OXT HXT  sing N N 38  
ASN N   CA   sing N N 39  
ASN N   H    sing N N 40  
ASN N   H2   sing N N 41  
ASN CA  C    sing N N 42  
ASN CA  CB   sing N N 43  
ASN CA  HA   sing N N 44  
ASN C   O    doub N N 45  
ASN C   OXT  sing N N 46  
ASN CB  CG   sing N N 47  
ASN CB  HB2  sing N N 48  
ASN CB  HB3  sing N N 49  
ASN CG  OD1  doub N N 50  
ASN CG  ND2  sing N N 51  
ASN ND2 HD21 sing N N 52  
ASN ND2 HD22 sing N N 53  
ASN OXT HXT  sing N N 54  
ASP N   CA   sing N N 55  
ASP N   H    sing N N 56  
ASP N   H2   sing N N 57  
ASP CA  C    sing N N 58  
ASP CA  CB   sing N N 59  
ASP CA  HA   sing N N 60  
ASP C   O    doub N N 61  
ASP C   OXT  sing N N 62  
ASP CB  CG   sing N N 63  
ASP CB  HB2  sing N N 64  
ASP CB  HB3  sing N N 65  
ASP CG  OD1  doub N N 66  
ASP CG  OD2  sing N N 67  
ASP OD2 HD2  sing N N 68  
ASP OXT HXT  sing N N 69  
COA N1A C2A  sing Y N 70  
COA N1A C6A  doub Y N 71  
COA C2A N3A  doub Y N 72  
COA C2A H2A  sing N N 73  
COA N3A C4A  sing Y N 74  
COA C4A C5A  doub Y N 75  
COA C4A N9A  sing Y N 76  
COA C5A C6A  sing Y N 77  
COA C5A N7A  sing Y N 78  
COA C6A N6A  sing N N 79  
COA N6A H61A sing N N 80  
COA N6A H62A sing N N 81  
COA N7A C8A  doub Y N 82  
COA C8A N9A  sing Y N 83  
COA C8A H8A  sing N N 84  
COA N9A C1B  sing N N 85  
COA C1B C2B  sing N N 86  
COA C1B O4B  sing N N 87  
COA C1B H1B  sing N N 88  
COA C2B O2B  sing N N 89  
COA C2B C3B  sing N N 90  
COA C2B H2B  sing N N 91  
COA O2B HO2A sing N N 92  
COA C3B O3B  sing N N 93  
COA C3B C4B  sing N N 94  
COA C3B H3B  sing N N 95  
COA O3B P3B  sing N N 96  
COA P3B O7A  doub N N 97  
COA P3B O8A  sing N N 98  
COA P3B O9A  sing N N 99  
COA O8A HOA8 sing N N 100 
COA O9A HOA9 sing N N 101 
COA C4B O4B  sing N N 102 
COA C4B C5B  sing N N 103 
COA C4B H4B  sing N N 104 
COA C5B O5B  sing N N 105 
COA C5B H51A sing N N 106 
COA C5B H52A sing N N 107 
COA O5B P1A  sing N N 108 
COA P1A O1A  doub N N 109 
COA P1A O2A  sing N N 110 
COA P1A O3A  sing N N 111 
COA O2A HOA2 sing N N 112 
COA O3A P2A  sing N N 113 
COA P2A O4A  doub N N 114 
COA P2A O5A  sing N N 115 
COA P2A O6A  sing N N 116 
COA O5A HOA5 sing N N 117 
COA O6A CCP  sing N N 118 
COA CBP CCP  sing N N 119 
COA CBP CDP  sing N N 120 
COA CBP CEP  sing N N 121 
COA CBP CAP  sing N N 122 
COA CCP H121 sing N N 123 
COA CCP H122 sing N N 124 
COA CDP H131 sing N N 125 
COA CDP H132 sing N N 126 
COA CDP H133 sing N N 127 
COA CEP H141 sing N N 128 
COA CEP H142 sing N N 129 
COA CEP H143 sing N N 130 
COA CAP OAP  sing N N 131 
COA CAP C9P  sing N N 132 
COA CAP H10  sing N N 133 
COA OAP HO1  sing N N 134 
COA C9P O9P  doub N N 135 
COA C9P N8P  sing N N 136 
COA N8P C7P  sing N N 137 
COA N8P HN8  sing N N 138 
COA C7P C6P  sing N N 139 
COA C7P H71  sing N N 140 
COA C7P H72  sing N N 141 
COA C6P C5P  sing N N 142 
COA C6P H61  sing N N 143 
COA C6P H62  sing N N 144 
COA C5P O5P  doub N N 145 
COA C5P N4P  sing N N 146 
COA N4P C3P  sing N N 147 
COA N4P HN4  sing N N 148 
COA C3P C2P  sing N N 149 
COA C3P H31  sing N N 150 
COA C3P H32  sing N N 151 
COA C2P S1P  sing N N 152 
COA C2P H21  sing N N 153 
COA C2P H22  sing N N 154 
COA S1P HS1  sing N N 155 
CYS N   CA   sing N N 156 
CYS N   H    sing N N 157 
CYS N   H2   sing N N 158 
CYS CA  C    sing N N 159 
CYS CA  CB   sing N N 160 
CYS CA  HA   sing N N 161 
CYS C   O    doub N N 162 
CYS C   OXT  sing N N 163 
CYS CB  SG   sing N N 164 
CYS CB  HB2  sing N N 165 
CYS CB  HB3  sing N N 166 
CYS SG  HG   sing N N 167 
CYS OXT HXT  sing N N 168 
GLN N   CA   sing N N 169 
GLN N   H    sing N N 170 
GLN N   H2   sing N N 171 
GLN CA  C    sing N N 172 
GLN CA  CB   sing N N 173 
GLN CA  HA   sing N N 174 
GLN C   O    doub N N 175 
GLN C   OXT  sing N N 176 
GLN CB  CG   sing N N 177 
GLN CB  HB2  sing N N 178 
GLN CB  HB3  sing N N 179 
GLN CG  CD   sing N N 180 
GLN CG  HG2  sing N N 181 
GLN CG  HG3  sing N N 182 
GLN CD  OE1  doub N N 183 
GLN CD  NE2  sing N N 184 
GLN NE2 HE21 sing N N 185 
GLN NE2 HE22 sing N N 186 
GLN OXT HXT  sing N N 187 
GLU N   CA   sing N N 188 
GLU N   H    sing N N 189 
GLU N   H2   sing N N 190 
GLU CA  C    sing N N 191 
GLU CA  CB   sing N N 192 
GLU CA  HA   sing N N 193 
GLU C   O    doub N N 194 
GLU C   OXT  sing N N 195 
GLU CB  CG   sing N N 196 
GLU CB  HB2  sing N N 197 
GLU CB  HB3  sing N N 198 
GLU CG  CD   sing N N 199 
GLU CG  HG2  sing N N 200 
GLU CG  HG3  sing N N 201 
GLU CD  OE1  doub N N 202 
GLU CD  OE2  sing N N 203 
GLU OE2 HE2  sing N N 204 
GLU OXT HXT  sing N N 205 
GLY N   CA   sing N N 206 
GLY N   H    sing N N 207 
GLY N   H2   sing N N 208 
GLY CA  C    sing N N 209 
GLY CA  HA2  sing N N 210 
GLY CA  HA3  sing N N 211 
GLY C   O    doub N N 212 
GLY C   OXT  sing N N 213 
GLY OXT HXT  sing N N 214 
HIS N   CA   sing N N 215 
HIS N   H    sing N N 216 
HIS N   H2   sing N N 217 
HIS CA  C    sing N N 218 
HIS CA  CB   sing N N 219 
HIS CA  HA   sing N N 220 
HIS C   O    doub N N 221 
HIS C   OXT  sing N N 222 
HIS CB  CG   sing N N 223 
HIS CB  HB2  sing N N 224 
HIS CB  HB3  sing N N 225 
HIS CG  ND1  sing Y N 226 
HIS CG  CD2  doub Y N 227 
HIS ND1 CE1  doub Y N 228 
HIS ND1 HD1  sing N N 229 
HIS CD2 NE2  sing Y N 230 
HIS CD2 HD2  sing N N 231 
HIS CE1 NE2  sing Y N 232 
HIS CE1 HE1  sing N N 233 
HIS NE2 HE2  sing N N 234 
HIS OXT HXT  sing N N 235 
HOH O   H1   sing N N 236 
HOH O   H2   sing N N 237 
ILE N   CA   sing N N 238 
ILE N   H    sing N N 239 
ILE N   H2   sing N N 240 
ILE CA  C    sing N N 241 
ILE CA  CB   sing N N 242 
ILE CA  HA   sing N N 243 
ILE C   O    doub N N 244 
ILE C   OXT  sing N N 245 
ILE CB  CG1  sing N N 246 
ILE CB  CG2  sing N N 247 
ILE CB  HB   sing N N 248 
ILE CG1 CD1  sing N N 249 
ILE CG1 HG12 sing N N 250 
ILE CG1 HG13 sing N N 251 
ILE CG2 HG21 sing N N 252 
ILE CG2 HG22 sing N N 253 
ILE CG2 HG23 sing N N 254 
ILE CD1 HD11 sing N N 255 
ILE CD1 HD12 sing N N 256 
ILE CD1 HD13 sing N N 257 
ILE OXT HXT  sing N N 258 
LEU N   CA   sing N N 259 
LEU N   H    sing N N 260 
LEU N   H2   sing N N 261 
LEU CA  C    sing N N 262 
LEU CA  CB   sing N N 263 
LEU CA  HA   sing N N 264 
LEU C   O    doub N N 265 
LEU C   OXT  sing N N 266 
LEU CB  CG   sing N N 267 
LEU CB  HB2  sing N N 268 
LEU CB  HB3  sing N N 269 
LEU CG  CD1  sing N N 270 
LEU CG  CD2  sing N N 271 
LEU CG  HG   sing N N 272 
LEU CD1 HD11 sing N N 273 
LEU CD1 HD12 sing N N 274 
LEU CD1 HD13 sing N N 275 
LEU CD2 HD21 sing N N 276 
LEU CD2 HD22 sing N N 277 
LEU CD2 HD23 sing N N 278 
LEU OXT HXT  sing N N 279 
LYS N   CA   sing N N 280 
LYS N   H    sing N N 281 
LYS N   H2   sing N N 282 
LYS CA  C    sing N N 283 
LYS CA  CB   sing N N 284 
LYS CA  HA   sing N N 285 
LYS C   O    doub N N 286 
LYS C   OXT  sing N N 287 
LYS CB  CG   sing N N 288 
LYS CB  HB2  sing N N 289 
LYS CB  HB3  sing N N 290 
LYS CG  CD   sing N N 291 
LYS CG  HG2  sing N N 292 
LYS CG  HG3  sing N N 293 
LYS CD  CE   sing N N 294 
LYS CD  HD2  sing N N 295 
LYS CD  HD3  sing N N 296 
LYS CE  NZ   sing N N 297 
LYS CE  HE2  sing N N 298 
LYS CE  HE3  sing N N 299 
LYS NZ  HZ1  sing N N 300 
LYS NZ  HZ2  sing N N 301 
LYS NZ  HZ3  sing N N 302 
LYS OXT HXT  sing N N 303 
MET N   CA   sing N N 304 
MET N   H    sing N N 305 
MET N   H2   sing N N 306 
MET CA  C    sing N N 307 
MET CA  CB   sing N N 308 
MET CA  HA   sing N N 309 
MET C   O    doub N N 310 
MET C   OXT  sing N N 311 
MET CB  CG   sing N N 312 
MET CB  HB2  sing N N 313 
MET CB  HB3  sing N N 314 
MET CG  SD   sing N N 315 
MET CG  HG2  sing N N 316 
MET CG  HG3  sing N N 317 
MET SD  CE   sing N N 318 
MET CE  HE1  sing N N 319 
MET CE  HE2  sing N N 320 
MET CE  HE3  sing N N 321 
MET OXT HXT  sing N N 322 
PHE N   CA   sing N N 323 
PHE N   H    sing N N 324 
PHE N   H2   sing N N 325 
PHE CA  C    sing N N 326 
PHE CA  CB   sing N N 327 
PHE CA  HA   sing N N 328 
PHE C   O    doub N N 329 
PHE C   OXT  sing N N 330 
PHE CB  CG   sing N N 331 
PHE CB  HB2  sing N N 332 
PHE CB  HB3  sing N N 333 
PHE CG  CD1  doub Y N 334 
PHE CG  CD2  sing Y N 335 
PHE CD1 CE1  sing Y N 336 
PHE CD1 HD1  sing N N 337 
PHE CD2 CE2  doub Y N 338 
PHE CD2 HD2  sing N N 339 
PHE CE1 CZ   doub Y N 340 
PHE CE1 HE1  sing N N 341 
PHE CE2 CZ   sing Y N 342 
PHE CE2 HE2  sing N N 343 
PHE CZ  HZ   sing N N 344 
PHE OXT HXT  sing N N 345 
PRO N   CA   sing N N 346 
PRO N   CD   sing N N 347 
PRO N   H    sing N N 348 
PRO CA  C    sing N N 349 
PRO CA  CB   sing N N 350 
PRO CA  HA   sing N N 351 
PRO C   O    doub N N 352 
PRO C   OXT  sing N N 353 
PRO CB  CG   sing N N 354 
PRO CB  HB2  sing N N 355 
PRO CB  HB3  sing N N 356 
PRO CG  CD   sing N N 357 
PRO CG  HG2  sing N N 358 
PRO CG  HG3  sing N N 359 
PRO CD  HD2  sing N N 360 
PRO CD  HD3  sing N N 361 
PRO OXT HXT  sing N N 362 
SER N   CA   sing N N 363 
SER N   H    sing N N 364 
SER N   H2   sing N N 365 
SER CA  C    sing N N 366 
SER CA  CB   sing N N 367 
SER CA  HA   sing N N 368 
SER C   O    doub N N 369 
SER C   OXT  sing N N 370 
SER CB  OG   sing N N 371 
SER CB  HB2  sing N N 372 
SER CB  HB3  sing N N 373 
SER OG  HG   sing N N 374 
SER OXT HXT  sing N N 375 
THR N   CA   sing N N 376 
THR N   H    sing N N 377 
THR N   H2   sing N N 378 
THR CA  C    sing N N 379 
THR CA  CB   sing N N 380 
THR CA  HA   sing N N 381 
THR C   O    doub N N 382 
THR C   OXT  sing N N 383 
THR CB  OG1  sing N N 384 
THR CB  CG2  sing N N 385 
THR CB  HB   sing N N 386 
THR OG1 HG1  sing N N 387 
THR CG2 HG21 sing N N 388 
THR CG2 HG22 sing N N 389 
THR CG2 HG23 sing N N 390 
THR OXT HXT  sing N N 391 
TRP N   CA   sing N N 392 
TRP N   H    sing N N 393 
TRP N   H2   sing N N 394 
TRP CA  C    sing N N 395 
TRP CA  CB   sing N N 396 
TRP CA  HA   sing N N 397 
TRP C   O    doub N N 398 
TRP C   OXT  sing N N 399 
TRP CB  CG   sing N N 400 
TRP CB  HB2  sing N N 401 
TRP CB  HB3  sing N N 402 
TRP CG  CD1  doub Y N 403 
TRP CG  CD2  sing Y N 404 
TRP CD1 NE1  sing Y N 405 
TRP CD1 HD1  sing N N 406 
TRP CD2 CE2  doub Y N 407 
TRP CD2 CE3  sing Y N 408 
TRP NE1 CE2  sing Y N 409 
TRP NE1 HE1  sing N N 410 
TRP CE2 CZ2  sing Y N 411 
TRP CE3 CZ3  doub Y N 412 
TRP CE3 HE3  sing N N 413 
TRP CZ2 CH2  doub Y N 414 
TRP CZ2 HZ2  sing N N 415 
TRP CZ3 CH2  sing Y N 416 
TRP CZ3 HZ3  sing N N 417 
TRP CH2 HH2  sing N N 418 
TRP OXT HXT  sing N N 419 
TYR N   CA   sing N N 420 
TYR N   H    sing N N 421 
TYR N   H2   sing N N 422 
TYR CA  C    sing N N 423 
TYR CA  CB   sing N N 424 
TYR CA  HA   sing N N 425 
TYR C   O    doub N N 426 
TYR C   OXT  sing N N 427 
TYR CB  CG   sing N N 428 
TYR CB  HB2  sing N N 429 
TYR CB  HB3  sing N N 430 
TYR CG  CD1  doub Y N 431 
TYR CG  CD2  sing Y N 432 
TYR CD1 CE1  sing Y N 433 
TYR CD1 HD1  sing N N 434 
TYR CD2 CE2  doub Y N 435 
TYR CD2 HD2  sing N N 436 
TYR CE1 CZ   doub Y N 437 
TYR CE1 HE1  sing N N 438 
TYR CE2 CZ   sing Y N 439 
TYR CE2 HE2  sing N N 440 
TYR CZ  OH   sing N N 441 
TYR OH  HH   sing N N 442 
TYR OXT HXT  sing N N 443 
VAL N   CA   sing N N 444 
VAL N   H    sing N N 445 
VAL N   H2   sing N N 446 
VAL CA  C    sing N N 447 
VAL CA  CB   sing N N 448 
VAL CA  HA   sing N N 449 
VAL C   O    doub N N 450 
VAL C   OXT  sing N N 451 
VAL CB  CG1  sing N N 452 
VAL CB  CG2  sing N N 453 
VAL CB  HB   sing N N 454 
VAL CG1 HG11 sing N N 455 
VAL CG1 HG12 sing N N 456 
VAL CG1 HG13 sing N N 457 
VAL CG2 HG21 sing N N 458 
VAL CG2 HG22 sing N N 459 
VAL CG2 HG23 sing N N 460 
VAL OXT HXT  sing N N 461 
# 
loop_
_pdbx_entity_nonpoly.entity_id 
_pdbx_entity_nonpoly.name 
_pdbx_entity_nonpoly.comp_id 
2 'COENZYME A' COA 
3 water        HOH 
# 
_pdbx_initial_refinement_model.id               1 
_pdbx_initial_refinement_model.entity_id_list   ? 
_pdbx_initial_refinement_model.type             'experimental model' 
_pdbx_initial_refinement_model.source_name      PDB 
_pdbx_initial_refinement_model.accession_code   4NCP 
_pdbx_initial_refinement_model.details          ? 
# 
